data_5T9Z
# 
_entry.id   5T9Z 
# 
_audit_conform.dict_name       mmcif_pdbx.dic 
_audit_conform.dict_version    5.387 
_audit_conform.dict_location   http://mmcif.pdb.org/dictionaries/ascii/mmcif_pdbx.dic 
# 
loop_
_database_2.database_id 
_database_2.database_code 
_database_2.pdbx_database_accession 
_database_2.pdbx_DOI 
PDB   5T9Z         pdb_00005t9z 10.2210/pdb5t9z/pdb 
WWPDB D_1000223953 ?            ?                   
# 
loop_
_pdbx_audit_revision_history.ordinal 
_pdbx_audit_revision_history.data_content_type 
_pdbx_audit_revision_history.major_revision 
_pdbx_audit_revision_history.minor_revision 
_pdbx_audit_revision_history.revision_date 
1 'Structure model' 1 0 2017-01-25 
2 'Structure model' 1 1 2017-02-08 
3 'Structure model' 1 2 2017-02-15 
4 'Structure model' 1 3 2017-03-29 
5 'Structure model' 1 4 2024-03-06 
# 
_pdbx_audit_revision_details.ordinal             1 
_pdbx_audit_revision_details.revision_ordinal    1 
_pdbx_audit_revision_details.data_content_type   'Structure model' 
_pdbx_audit_revision_details.provider            repository 
_pdbx_audit_revision_details.type                'Initial release' 
_pdbx_audit_revision_details.description         ? 
_pdbx_audit_revision_details.details             ? 
# 
loop_
_pdbx_audit_revision_group.ordinal 
_pdbx_audit_revision_group.revision_ordinal 
_pdbx_audit_revision_group.data_content_type 
_pdbx_audit_revision_group.group 
1 2 'Structure model' 'Database references' 
2 3 'Structure model' 'Database references' 
3 4 'Structure model' 'Structure summary'   
4 5 'Structure model' 'Data collection'     
5 5 'Structure model' 'Database references' 
# 
loop_
_pdbx_audit_revision_category.ordinal 
_pdbx_audit_revision_category.revision_ordinal 
_pdbx_audit_revision_category.data_content_type 
_pdbx_audit_revision_category.category 
1 5 'Structure model' chem_comp_atom 
2 5 'Structure model' chem_comp_bond 
3 5 'Structure model' database_2     
# 
loop_
_pdbx_audit_revision_item.ordinal 
_pdbx_audit_revision_item.revision_ordinal 
_pdbx_audit_revision_item.data_content_type 
_pdbx_audit_revision_item.item 
1 5 'Structure model' '_database_2.pdbx_DOI'                
2 5 'Structure model' '_database_2.pdbx_database_accession' 
# 
_pdbx_database_status.status_code                     REL 
_pdbx_database_status.status_code_sf                  REL 
_pdbx_database_status.status_code_mr                  ? 
_pdbx_database_status.entry_id                        5T9Z 
_pdbx_database_status.recvd_initial_deposition_date   2016-09-09 
_pdbx_database_status.SG_entry                        N 
_pdbx_database_status.deposit_site                    RCSB 
_pdbx_database_status.process_site                    RCSB 
_pdbx_database_status.status_code_cs                  ? 
_pdbx_database_status.methods_development_category    ? 
_pdbx_database_status.pdb_format_compatible           Y 
_pdbx_database_status.status_code_nmr_data            ? 
# 
loop_
_pdbx_database_related.content_type 
_pdbx_database_related.db_id 
_pdbx_database_related.db_name 
_pdbx_database_related.details 
unspecified 5TA2 PDB . 
unspecified 5TA4 PDB . 
unspecified 5T9W PDB . 
# 
loop_
_audit_author.name 
_audit_author.pdbx_ordinal 
_audit_author.identifier_ORCID 
'Appleby, T.C.' 1 ? 
'Steadman, V.'  2 ? 
'Pettit, S.'    3 ? 
'Schmitz, U.'   4 ? 
'Mackman, R.L.' 5 ? 
'Schultz, B.'   6 ? 
# 
_citation.abstract                  ? 
_citation.abstract_id_CAS           ? 
_citation.book_id_ISBN              ? 
_citation.book_publisher            ? 
_citation.book_publisher_city       ? 
_citation.book_title                ? 
_citation.coordinate_linkage        ? 
_citation.country                   US 
_citation.database_id_Medline       ? 
_citation.details                   ? 
_citation.id                        primary 
_citation.journal_abbrev            'J. Med. Chem.' 
_citation.journal_id_ASTM           JMCMAR 
_citation.journal_id_CSD            0151 
_citation.journal_id_ISSN           1520-4804 
_citation.journal_full              ? 
_citation.journal_issue             ? 
_citation.journal_volume            60 
_citation.language                  ? 
_citation.page_first                1000 
_citation.page_last                 1017 
_citation.title                     
'Discovery of Potent Cyclophilin Inhibitors Based on the Structural Simplification of Sanglifehrin A.' 
_citation.year                      2017 
_citation.database_id_CSD           ? 
_citation.pdbx_database_id_DOI      10.1021/acs.jmedchem.6b01329 
_citation.pdbx_database_id_PubMed   28075591 
_citation.unpublished_flag          ? 
# 
loop_
_citation_author.citation_id 
_citation_author.name 
_citation_author.ordinal 
_citation_author.identifier_ORCID 
primary 'Steadman, V.A.'   1  ? 
primary 'Pettit, S.B.'     2  ? 
primary 'Poullennec, K.G.' 3  ? 
primary 'Lazarides, L.'    4  ? 
primary 'Keats, A.J.'      5  ? 
primary 'Dean, D.K.'       6  ? 
primary 'Stanway, S.J.'    7  ? 
primary 'Austin, C.A.'     8  ? 
primary 'Sanvoisin, J.A.'  9  ? 
primary 'Watt, G.M.'       10 ? 
primary 'Fliri, H.G.'      11 ? 
primary 'Liclican, A.C.'   12 ? 
primary 'Jin, D.'          13 ? 
primary 'Wong, M.H.'       14 ? 
primary 'Leavitt, S.A.'    15 ? 
primary 'Lee, Y.J.'        16 ? 
primary 'Tian, Y.'         17 ? 
primary 'Frey, C.R.'       18 ? 
primary 'Appleby, T.C.'    19 ? 
primary 'Schmitz, U.'      20 ? 
primary 'Jansa, P.'        21 ? 
primary 'Mackman, R.L.'    22 ? 
primary 'Schultz, B.E.'    23 ? 
# 
loop_
_entity.id 
_entity.type 
_entity.src_method 
_entity.pdbx_description 
_entity.formula_weight 
_entity.pdbx_number_of_molecules 
_entity.pdbx_ec 
_entity.pdbx_mutation 
_entity.pdbx_fragment 
_entity.details 
1 polymer     man 'Peptidyl-prolyl cis-trans isomerase A' 17776.193 1   5.2.1.8 ? ? ? 
2 non-polymer syn 
;11-[(3-hydroxyphenyl)methyl]-18-methoxy-17-methyl-14-(propan-2-yl)-3-oxa-9,12,15,28-tetraazatricyclo[21.3.1.1~5,9~]octacosa-1(27),21,23,25-tetraene-4,10,13,16-tetrone
;
634.762   1   ?       ? ? ? 
3 water       nat water 18.015    208 ?       ? ? ? 
# 
_entity_name_com.entity_id   1 
_entity_name_com.name        'PPIase A,Cyclophilin A,Cyclosporin A-binding protein,Rotamase A' 
# 
_entity_poly.entity_id                      1 
_entity_poly.type                           'polypeptide(L)' 
_entity_poly.nstd_linkage                   no 
_entity_poly.nstd_monomer                   no 
_entity_poly.pdbx_seq_one_letter_code       
;VNPTVFFDIAVDGEPLGRVSFELFADKVPKTAENFRALSTGEKGFGYKGSCFHRIIPGFMCQGGDFTRHNGTGGKSIYGE
KFEDENFILKHTGPGILSMANAGPNTNGSQFFICTAKTEWLDGKHVVFGKVKEGMNIVEAMERFGSRNGKTSKKITIADC
GQL
;
_entity_poly.pdbx_seq_one_letter_code_can   
;VNPTVFFDIAVDGEPLGRVSFELFADKVPKTAENFRALSTGEKGFGYKGSCFHRIIPGFMCQGGDFTRHNGTGGKSIYGE
KFEDENFILKHTGPGILSMANAGPNTNGSQFFICTAKTEWLDGKHVVFGKVKEGMNIVEAMERFGSRNGKTSKKITIADC
GQL
;
_entity_poly.pdbx_strand_id                 A 
_entity_poly.pdbx_target_identifier         ? 
# 
loop_
_pdbx_entity_nonpoly.entity_id 
_pdbx_entity_nonpoly.name 
_pdbx_entity_nonpoly.comp_id 
2 
;11-[(3-hydroxyphenyl)methyl]-18-methoxy-17-methyl-14-(propan-2-yl)-3-oxa-9,12,15,28-tetraazatricyclo[21.3.1.1~5,9~]octacosa-1(27),21,23,25-tetraene-4,10,13,16-tetrone
;
78R 
3 water HOH 
# 
loop_
_entity_poly_seq.entity_id 
_entity_poly_seq.num 
_entity_poly_seq.mon_id 
_entity_poly_seq.hetero 
1 1   VAL n 
1 2   ASN n 
1 3   PRO n 
1 4   THR n 
1 5   VAL n 
1 6   PHE n 
1 7   PHE n 
1 8   ASP n 
1 9   ILE n 
1 10  ALA n 
1 11  VAL n 
1 12  ASP n 
1 13  GLY n 
1 14  GLU n 
1 15  PRO n 
1 16  LEU n 
1 17  GLY n 
1 18  ARG n 
1 19  VAL n 
1 20  SER n 
1 21  PHE n 
1 22  GLU n 
1 23  LEU n 
1 24  PHE n 
1 25  ALA n 
1 26  ASP n 
1 27  LYS n 
1 28  VAL n 
1 29  PRO n 
1 30  LYS n 
1 31  THR n 
1 32  ALA n 
1 33  GLU n 
1 34  ASN n 
1 35  PHE n 
1 36  ARG n 
1 37  ALA n 
1 38  LEU n 
1 39  SER n 
1 40  THR n 
1 41  GLY n 
1 42  GLU n 
1 43  LYS n 
1 44  GLY n 
1 45  PHE n 
1 46  GLY n 
1 47  TYR n 
1 48  LYS n 
1 49  GLY n 
1 50  SER n 
1 51  CYS n 
1 52  PHE n 
1 53  HIS n 
1 54  ARG n 
1 55  ILE n 
1 56  ILE n 
1 57  PRO n 
1 58  GLY n 
1 59  PHE n 
1 60  MET n 
1 61  CYS n 
1 62  GLN n 
1 63  GLY n 
1 64  GLY n 
1 65  ASP n 
1 66  PHE n 
1 67  THR n 
1 68  ARG n 
1 69  HIS n 
1 70  ASN n 
1 71  GLY n 
1 72  THR n 
1 73  GLY n 
1 74  GLY n 
1 75  LYS n 
1 76  SER n 
1 77  ILE n 
1 78  TYR n 
1 79  GLY n 
1 80  GLU n 
1 81  LYS n 
1 82  PHE n 
1 83  GLU n 
1 84  ASP n 
1 85  GLU n 
1 86  ASN n 
1 87  PHE n 
1 88  ILE n 
1 89  LEU n 
1 90  LYS n 
1 91  HIS n 
1 92  THR n 
1 93  GLY n 
1 94  PRO n 
1 95  GLY n 
1 96  ILE n 
1 97  LEU n 
1 98  SER n 
1 99  MET n 
1 100 ALA n 
1 101 ASN n 
1 102 ALA n 
1 103 GLY n 
1 104 PRO n 
1 105 ASN n 
1 106 THR n 
1 107 ASN n 
1 108 GLY n 
1 109 SER n 
1 110 GLN n 
1 111 PHE n 
1 112 PHE n 
1 113 ILE n 
1 114 CYS n 
1 115 THR n 
1 116 ALA n 
1 117 LYS n 
1 118 THR n 
1 119 GLU n 
1 120 TRP n 
1 121 LEU n 
1 122 ASP n 
1 123 GLY n 
1 124 LYS n 
1 125 HIS n 
1 126 VAL n 
1 127 VAL n 
1 128 PHE n 
1 129 GLY n 
1 130 LYS n 
1 131 VAL n 
1 132 LYS n 
1 133 GLU n 
1 134 GLY n 
1 135 MET n 
1 136 ASN n 
1 137 ILE n 
1 138 VAL n 
1 139 GLU n 
1 140 ALA n 
1 141 MET n 
1 142 GLU n 
1 143 ARG n 
1 144 PHE n 
1 145 GLY n 
1 146 SER n 
1 147 ARG n 
1 148 ASN n 
1 149 GLY n 
1 150 LYS n 
1 151 THR n 
1 152 SER n 
1 153 LYS n 
1 154 LYS n 
1 155 ILE n 
1 156 THR n 
1 157 ILE n 
1 158 ALA n 
1 159 ASP n 
1 160 CYS n 
1 161 GLY n 
1 162 GLN n 
1 163 LEU n 
# 
_entity_src_gen.entity_id                          1 
_entity_src_gen.pdbx_src_id                        1 
_entity_src_gen.pdbx_alt_source_flag               sample 
_entity_src_gen.pdbx_seq_type                      'Biological sequence' 
_entity_src_gen.pdbx_beg_seq_num                   1 
_entity_src_gen.pdbx_end_seq_num                   163 
_entity_src_gen.gene_src_common_name               Human 
_entity_src_gen.gene_src_genus                     ? 
_entity_src_gen.pdbx_gene_src_gene                 'PPIA, CYPA' 
_entity_src_gen.gene_src_species                   ? 
_entity_src_gen.gene_src_strain                    ? 
_entity_src_gen.gene_src_tissue                    ? 
_entity_src_gen.gene_src_tissue_fraction           ? 
_entity_src_gen.gene_src_details                   ? 
_entity_src_gen.pdbx_gene_src_fragment             ? 
_entity_src_gen.pdbx_gene_src_scientific_name      'Homo sapiens' 
_entity_src_gen.pdbx_gene_src_ncbi_taxonomy_id     9606 
_entity_src_gen.pdbx_gene_src_variant              ? 
_entity_src_gen.pdbx_gene_src_cell_line            ? 
_entity_src_gen.pdbx_gene_src_atcc                 ? 
_entity_src_gen.pdbx_gene_src_organ                ? 
_entity_src_gen.pdbx_gene_src_organelle            ? 
_entity_src_gen.pdbx_gene_src_cell                 ? 
_entity_src_gen.pdbx_gene_src_cellular_location    ? 
_entity_src_gen.host_org_common_name               ? 
_entity_src_gen.pdbx_host_org_scientific_name      'Escherichia coli' 
_entity_src_gen.pdbx_host_org_ncbi_taxonomy_id     562 
_entity_src_gen.host_org_genus                     ? 
_entity_src_gen.pdbx_host_org_gene                 ? 
_entity_src_gen.pdbx_host_org_organ                ? 
_entity_src_gen.host_org_species                   ? 
_entity_src_gen.pdbx_host_org_tissue               ? 
_entity_src_gen.pdbx_host_org_tissue_fraction      ? 
_entity_src_gen.pdbx_host_org_strain               ? 
_entity_src_gen.pdbx_host_org_variant              ? 
_entity_src_gen.pdbx_host_org_cell_line            ? 
_entity_src_gen.pdbx_host_org_atcc                 ? 
_entity_src_gen.pdbx_host_org_culture_collection   ? 
_entity_src_gen.pdbx_host_org_cell                 ? 
_entity_src_gen.pdbx_host_org_organelle            ? 
_entity_src_gen.pdbx_host_org_cellular_location    ? 
_entity_src_gen.pdbx_host_org_vector_type          ? 
_entity_src_gen.pdbx_host_org_vector               ? 
_entity_src_gen.host_org_details                   ? 
_entity_src_gen.expression_system_id               ? 
_entity_src_gen.plasmid_name                       ? 
_entity_src_gen.plasmid_details                    ? 
_entity_src_gen.pdbx_description                   ? 
# 
loop_
_chem_comp.id 
_chem_comp.type 
_chem_comp.mon_nstd_flag 
_chem_comp.name 
_chem_comp.pdbx_synonyms 
_chem_comp.formula 
_chem_comp.formula_weight 
78R peptide-like        . 
;11-[(3-hydroxyphenyl)methyl]-18-methoxy-17-methyl-14-(propan-2-yl)-3-oxa-9,12,15,28-tetraazatricyclo[21.3.1.1~5,9~]octacosa-1(27),21,23,25-tetraene-4,10,13,16-tetrone
;
? 'C35 H46 N4 O7'  634.762 
ALA 'L-peptide linking' y ALANINE ? 'C3 H7 N O2'     89.093  
ARG 'L-peptide linking' y ARGININE ? 'C6 H15 N4 O2 1' 175.209 
ASN 'L-peptide linking' y ASPARAGINE ? 'C4 H8 N2 O3'    132.118 
ASP 'L-peptide linking' y 'ASPARTIC ACID' ? 'C4 H7 N O4'     133.103 
CYS 'L-peptide linking' y CYSTEINE ? 'C3 H7 N O2 S'   121.158 
GLN 'L-peptide linking' y GLUTAMINE ? 'C5 H10 N2 O3'   146.144 
GLU 'L-peptide linking' y 'GLUTAMIC ACID' ? 'C5 H9 N O4'     147.129 
GLY 'peptide linking'   y GLYCINE ? 'C2 H5 N O2'     75.067  
HIS 'L-peptide linking' y HISTIDINE ? 'C6 H10 N3 O2 1' 156.162 
HOH non-polymer         . WATER ? 'H2 O'           18.015  
ILE 'L-peptide linking' y ISOLEUCINE ? 'C6 H13 N O2'    131.173 
LEU 'L-peptide linking' y LEUCINE ? 'C6 H13 N O2'    131.173 
LYS 'L-peptide linking' y LYSINE ? 'C6 H15 N2 O2 1' 147.195 
MET 'L-peptide linking' y METHIONINE ? 'C5 H11 N O2 S'  149.211 
PHE 'L-peptide linking' y PHENYLALANINE ? 'C9 H11 N O2'    165.189 
PRO 'L-peptide linking' y PROLINE ? 'C5 H9 N O2'     115.130 
SER 'L-peptide linking' y SERINE ? 'C3 H7 N O3'     105.093 
THR 'L-peptide linking' y THREONINE ? 'C4 H9 N O3'     119.119 
TRP 'L-peptide linking' y TRYPTOPHAN ? 'C11 H12 N2 O2'  204.225 
TYR 'L-peptide linking' y TYROSINE ? 'C9 H11 N O3'    181.189 
VAL 'L-peptide linking' y VALINE ? 'C5 H11 N O2'    117.146 
# 
loop_
_pdbx_poly_seq_scheme.asym_id 
_pdbx_poly_seq_scheme.entity_id 
_pdbx_poly_seq_scheme.seq_id 
_pdbx_poly_seq_scheme.mon_id 
_pdbx_poly_seq_scheme.ndb_seq_num 
_pdbx_poly_seq_scheme.pdb_seq_num 
_pdbx_poly_seq_scheme.auth_seq_num 
_pdbx_poly_seq_scheme.pdb_mon_id 
_pdbx_poly_seq_scheme.auth_mon_id 
_pdbx_poly_seq_scheme.pdb_strand_id 
_pdbx_poly_seq_scheme.pdb_ins_code 
_pdbx_poly_seq_scheme.hetero 
A 1 1   VAL 1   2   2   VAL VAL A . n 
A 1 2   ASN 2   3   3   ASN ASN A . n 
A 1 3   PRO 3   4   4   PRO PRO A . n 
A 1 4   THR 4   5   5   THR THR A . n 
A 1 5   VAL 5   6   6   VAL VAL A . n 
A 1 6   PHE 6   7   7   PHE PHE A . n 
A 1 7   PHE 7   8   8   PHE PHE A . n 
A 1 8   ASP 8   9   9   ASP ASP A . n 
A 1 9   ILE 9   10  10  ILE ILE A . n 
A 1 10  ALA 10  11  11  ALA ALA A . n 
A 1 11  VAL 11  12  12  VAL VAL A . n 
A 1 12  ASP 12  13  13  ASP ASP A . n 
A 1 13  GLY 13  14  14  GLY GLY A . n 
A 1 14  GLU 14  15  15  GLU GLU A . n 
A 1 15  PRO 15  16  16  PRO PRO A . n 
A 1 16  LEU 16  17  17  LEU LEU A . n 
A 1 17  GLY 17  18  18  GLY GLY A . n 
A 1 18  ARG 18  19  19  ARG ARG A . n 
A 1 19  VAL 19  20  20  VAL VAL A . n 
A 1 20  SER 20  21  21  SER SER A . n 
A 1 21  PHE 21  22  22  PHE PHE A . n 
A 1 22  GLU 22  23  23  GLU GLU A . n 
A 1 23  LEU 23  24  24  LEU LEU A . n 
A 1 24  PHE 24  25  25  PHE PHE A . n 
A 1 25  ALA 25  26  26  ALA ALA A . n 
A 1 26  ASP 26  27  27  ASP ASP A . n 
A 1 27  LYS 27  28  28  LYS LYS A . n 
A 1 28  VAL 28  29  29  VAL VAL A . n 
A 1 29  PRO 29  30  30  PRO PRO A . n 
A 1 30  LYS 30  31  31  LYS LYS A . n 
A 1 31  THR 31  32  32  THR THR A . n 
A 1 32  ALA 32  33  33  ALA ALA A . n 
A 1 33  GLU 33  34  34  GLU GLU A . n 
A 1 34  ASN 34  35  35  ASN ASN A . n 
A 1 35  PHE 35  36  36  PHE PHE A . n 
A 1 36  ARG 36  37  37  ARG ARG A . n 
A 1 37  ALA 37  38  38  ALA ALA A . n 
A 1 38  LEU 38  39  39  LEU LEU A . n 
A 1 39  SER 39  40  40  SER SER A . n 
A 1 40  THR 40  41  41  THR THR A . n 
A 1 41  GLY 41  42  42  GLY GLY A . n 
A 1 42  GLU 42  43  43  GLU GLU A . n 
A 1 43  LYS 43  44  44  LYS LYS A . n 
A 1 44  GLY 44  45  45  GLY GLY A . n 
A 1 45  PHE 45  46  46  PHE PHE A . n 
A 1 46  GLY 46  47  47  GLY GLY A . n 
A 1 47  TYR 47  48  48  TYR TYR A . n 
A 1 48  LYS 48  49  49  LYS LYS A . n 
A 1 49  GLY 49  50  50  GLY GLY A . n 
A 1 50  SER 50  51  51  SER SER A . n 
A 1 51  CYS 51  52  52  CYS CYS A . n 
A 1 52  PHE 52  53  53  PHE PHE A . n 
A 1 53  HIS 53  54  54  HIS HIS A . n 
A 1 54  ARG 54  55  55  ARG ARG A . n 
A 1 55  ILE 55  56  56  ILE ILE A . n 
A 1 56  ILE 56  57  57  ILE ILE A . n 
A 1 57  PRO 57  58  58  PRO PRO A . n 
A 1 58  GLY 58  59  59  GLY GLY A . n 
A 1 59  PHE 59  60  60  PHE PHE A . n 
A 1 60  MET 60  61  61  MET MET A . n 
A 1 61  CYS 61  62  62  CYS CYS A . n 
A 1 62  GLN 62  63  63  GLN GLN A . n 
A 1 63  GLY 63  64  64  GLY GLY A . n 
A 1 64  GLY 64  65  65  GLY GLY A . n 
A 1 65  ASP 65  66  66  ASP ASP A . n 
A 1 66  PHE 66  67  67  PHE PHE A . n 
A 1 67  THR 67  68  68  THR THR A . n 
A 1 68  ARG 68  69  69  ARG ARG A . n 
A 1 69  HIS 69  70  70  HIS HIS A . n 
A 1 70  ASN 70  71  71  ASN ASN A . n 
A 1 71  GLY 71  72  72  GLY GLY A . n 
A 1 72  THR 72  73  73  THR THR A . n 
A 1 73  GLY 73  74  74  GLY GLY A . n 
A 1 74  GLY 74  75  75  GLY GLY A . n 
A 1 75  LYS 75  76  76  LYS LYS A . n 
A 1 76  SER 76  77  77  SER SER A . n 
A 1 77  ILE 77  78  78  ILE ILE A . n 
A 1 78  TYR 78  79  79  TYR TYR A . n 
A 1 79  GLY 79  80  80  GLY GLY A . n 
A 1 80  GLU 80  81  81  GLU GLU A . n 
A 1 81  LYS 81  82  82  LYS LYS A . n 
A 1 82  PHE 82  83  83  PHE PHE A . n 
A 1 83  GLU 83  84  84  GLU GLU A . n 
A 1 84  ASP 84  85  85  ASP ASP A . n 
A 1 85  GLU 85  86  86  GLU GLU A . n 
A 1 86  ASN 86  87  87  ASN ASN A . n 
A 1 87  PHE 87  88  88  PHE PHE A . n 
A 1 88  ILE 88  89  89  ILE ILE A . n 
A 1 89  LEU 89  90  90  LEU LEU A . n 
A 1 90  LYS 90  91  91  LYS LYS A . n 
A 1 91  HIS 91  92  92  HIS HIS A . n 
A 1 92  THR 92  93  93  THR THR A . n 
A 1 93  GLY 93  94  94  GLY GLY A . n 
A 1 94  PRO 94  95  95  PRO PRO A . n 
A 1 95  GLY 95  96  96  GLY GLY A . n 
A 1 96  ILE 96  97  97  ILE ILE A . n 
A 1 97  LEU 97  98  98  LEU LEU A . n 
A 1 98  SER 98  99  99  SER SER A . n 
A 1 99  MET 99  100 100 MET MET A . n 
A 1 100 ALA 100 101 101 ALA ALA A . n 
A 1 101 ASN 101 102 102 ASN ASN A . n 
A 1 102 ALA 102 103 103 ALA ALA A . n 
A 1 103 GLY 103 104 104 GLY GLY A . n 
A 1 104 PRO 104 105 105 PRO PRO A . n 
A 1 105 ASN 105 106 106 ASN ASN A . n 
A 1 106 THR 106 107 107 THR THR A . n 
A 1 107 ASN 107 108 108 ASN ASN A . n 
A 1 108 GLY 108 109 109 GLY GLY A . n 
A 1 109 SER 109 110 110 SER SER A . n 
A 1 110 GLN 110 111 111 GLN GLN A . n 
A 1 111 PHE 111 112 112 PHE PHE A . n 
A 1 112 PHE 112 113 113 PHE PHE A . n 
A 1 113 ILE 113 114 114 ILE ILE A . n 
A 1 114 CYS 114 115 115 CYS CYS A . n 
A 1 115 THR 115 116 116 THR THR A . n 
A 1 116 ALA 116 117 117 ALA ALA A . n 
A 1 117 LYS 117 118 118 LYS LYS A . n 
A 1 118 THR 118 119 119 THR THR A . n 
A 1 119 GLU 119 120 120 GLU GLU A . n 
A 1 120 TRP 120 121 121 TRP TRP A . n 
A 1 121 LEU 121 122 122 LEU LEU A . n 
A 1 122 ASP 122 123 123 ASP ASP A . n 
A 1 123 GLY 123 124 124 GLY GLY A . n 
A 1 124 LYS 124 125 125 LYS LYS A . n 
A 1 125 HIS 125 126 126 HIS HIS A . n 
A 1 126 VAL 126 127 127 VAL VAL A . n 
A 1 127 VAL 127 128 128 VAL VAL A . n 
A 1 128 PHE 128 129 129 PHE PHE A . n 
A 1 129 GLY 129 130 130 GLY GLY A . n 
A 1 130 LYS 130 131 131 LYS LYS A . n 
A 1 131 VAL 131 132 132 VAL VAL A . n 
A 1 132 LYS 132 133 133 LYS LYS A . n 
A 1 133 GLU 133 134 134 GLU GLU A . n 
A 1 134 GLY 134 135 135 GLY GLY A . n 
A 1 135 MET 135 136 136 MET MET A . n 
A 1 136 ASN 136 137 137 ASN ASN A . n 
A 1 137 ILE 137 138 138 ILE ILE A . n 
A 1 138 VAL 138 139 139 VAL VAL A . n 
A 1 139 GLU 139 140 140 GLU GLU A . n 
A 1 140 ALA 140 141 141 ALA ALA A . n 
A 1 141 MET 141 142 142 MET MET A . n 
A 1 142 GLU 142 143 143 GLU GLU A . n 
A 1 143 ARG 143 144 144 ARG ARG A . n 
A 1 144 PHE 144 145 145 PHE PHE A . n 
A 1 145 GLY 145 146 146 GLY GLY A . n 
A 1 146 SER 146 147 147 SER SER A . n 
A 1 147 ARG 147 148 148 ARG ARG A . n 
A 1 148 ASN 148 149 149 ASN ASN A . n 
A 1 149 GLY 149 150 150 GLY GLY A . n 
A 1 150 LYS 150 151 151 LYS LYS A . n 
A 1 151 THR 151 152 152 THR THR A . n 
A 1 152 SER 152 153 153 SER SER A . n 
A 1 153 LYS 153 154 154 LYS LYS A . n 
A 1 154 LYS 154 155 155 LYS LYS A . n 
A 1 155 ILE 155 156 156 ILE ILE A . n 
A 1 156 THR 156 157 157 THR THR A . n 
A 1 157 ILE 157 158 158 ILE ILE A . n 
A 1 158 ALA 158 159 159 ALA ALA A . n 
A 1 159 ASP 159 160 160 ASP ASP A . n 
A 1 160 CYS 160 161 161 CYS CYS A . n 
A 1 161 GLY 161 162 162 GLY GLY A . n 
A 1 162 GLN 162 163 163 GLN GLN A . n 
A 1 163 LEU 163 164 164 LEU LEU A . n 
# 
loop_
_pdbx_nonpoly_scheme.asym_id 
_pdbx_nonpoly_scheme.entity_id 
_pdbx_nonpoly_scheme.mon_id 
_pdbx_nonpoly_scheme.ndb_seq_num 
_pdbx_nonpoly_scheme.pdb_seq_num 
_pdbx_nonpoly_scheme.auth_seq_num 
_pdbx_nonpoly_scheme.pdb_mon_id 
_pdbx_nonpoly_scheme.auth_mon_id 
_pdbx_nonpoly_scheme.pdb_strand_id 
_pdbx_nonpoly_scheme.pdb_ins_code 
B 2 78R 1   300 300 78R 577 A . 
C 3 HOH 1   401 170 HOH HOH A . 
C 3 HOH 2   402 134 HOH HOH A . 
C 3 HOH 3   403 180 HOH HOH A . 
C 3 HOH 4   404 194 HOH HOH A . 
C 3 HOH 5   405 54  HOH HOH A . 
C 3 HOH 6   406 98  HOH HOH A . 
C 3 HOH 7   407 178 HOH HOH A . 
C 3 HOH 8   408 79  HOH HOH A . 
C 3 HOH 9   409 73  HOH HOH A . 
C 3 HOH 10  410 156 HOH HOH A . 
C 3 HOH 11  411 59  HOH HOH A . 
C 3 HOH 12  412 123 HOH HOH A . 
C 3 HOH 13  413 152 HOH HOH A . 
C 3 HOH 14  414 23  HOH HOH A . 
C 3 HOH 15  415 129 HOH HOH A . 
C 3 HOH 16  416 36  HOH HOH A . 
C 3 HOH 17  417 97  HOH HOH A . 
C 3 HOH 18  418 136 HOH HOH A . 
C 3 HOH 19  419 29  HOH HOH A . 
C 3 HOH 20  420 34  HOH HOH A . 
C 3 HOH 21  421 4   HOH HOH A . 
C 3 HOH 22  422 102 HOH HOH A . 
C 3 HOH 23  423 141 HOH HOH A . 
C 3 HOH 24  424 183 HOH HOH A . 
C 3 HOH 25  425 66  HOH HOH A . 
C 3 HOH 26  426 65  HOH HOH A . 
C 3 HOH 27  427 77  HOH HOH A . 
C 3 HOH 28  428 16  HOH HOH A . 
C 3 HOH 29  429 147 HOH HOH A . 
C 3 HOH 30  430 2   HOH HOH A . 
C 3 HOH 31  431 45  HOH HOH A . 
C 3 HOH 32  432 99  HOH HOH A . 
C 3 HOH 33  433 74  HOH HOH A . 
C 3 HOH 34  434 42  HOH HOH A . 
C 3 HOH 35  435 93  HOH HOH A . 
C 3 HOH 36  436 100 HOH HOH A . 
C 3 HOH 37  437 166 HOH HOH A . 
C 3 HOH 38  438 12  HOH HOH A . 
C 3 HOH 39  439 6   HOH HOH A . 
C 3 HOH 40  440 19  HOH HOH A . 
C 3 HOH 41  441 26  HOH HOH A . 
C 3 HOH 42  442 58  HOH HOH A . 
C 3 HOH 43  443 47  HOH HOH A . 
C 3 HOH 44  444 187 HOH HOH A . 
C 3 HOH 45  445 106 HOH HOH A . 
C 3 HOH 46  446 27  HOH HOH A . 
C 3 HOH 47  447 198 HOH HOH A . 
C 3 HOH 48  448 71  HOH HOH A . 
C 3 HOH 49  449 75  HOH HOH A . 
C 3 HOH 50  450 200 HOH HOH A . 
C 3 HOH 51  451 84  HOH HOH A . 
C 3 HOH 52  452 90  HOH HOH A . 
C 3 HOH 53  453 18  HOH HOH A . 
C 3 HOH 54  454 60  HOH HOH A . 
C 3 HOH 55  455 154 HOH HOH A . 
C 3 HOH 56  456 7   HOH HOH A . 
C 3 HOH 57  457 52  HOH HOH A . 
C 3 HOH 58  458 112 HOH HOH A . 
C 3 HOH 59  459 32  HOH HOH A . 
C 3 HOH 60  460 49  HOH HOH A . 
C 3 HOH 61  461 11  HOH HOH A . 
C 3 HOH 62  462 70  HOH HOH A . 
C 3 HOH 63  463 3   HOH HOH A . 
C 3 HOH 64  464 80  HOH HOH A . 
C 3 HOH 65  465 78  HOH HOH A . 
C 3 HOH 66  466 38  HOH HOH A . 
C 3 HOH 67  467 110 HOH HOH A . 
C 3 HOH 68  468 43  HOH HOH A . 
C 3 HOH 69  469 169 HOH HOH A . 
C 3 HOH 70  470 5   HOH HOH A . 
C 3 HOH 71  471 157 HOH HOH A . 
C 3 HOH 72  472 15  HOH HOH A . 
C 3 HOH 73  473 20  HOH HOH A . 
C 3 HOH 74  474 40  HOH HOH A . 
C 3 HOH 75  475 37  HOH HOH A . 
C 3 HOH 76  476 57  HOH HOH A . 
C 3 HOH 77  477 21  HOH HOH A . 
C 3 HOH 78  478 8   HOH HOH A . 
C 3 HOH 79  479 39  HOH HOH A . 
C 3 HOH 80  480 91  HOH HOH A . 
C 3 HOH 81  481 63  HOH HOH A . 
C 3 HOH 82  482 146 HOH HOH A . 
C 3 HOH 83  483 9   HOH HOH A . 
C 3 HOH 84  484 85  HOH HOH A . 
C 3 HOH 85  485 83  HOH HOH A . 
C 3 HOH 86  486 92  HOH HOH A . 
C 3 HOH 87  487 10  HOH HOH A . 
C 3 HOH 88  488 50  HOH HOH A . 
C 3 HOH 89  489 148 HOH HOH A . 
C 3 HOH 90  490 13  HOH HOH A . 
C 3 HOH 91  491 24  HOH HOH A . 
C 3 HOH 92  492 108 HOH HOH A . 
C 3 HOH 93  493 118 HOH HOH A . 
C 3 HOH 94  494 205 HOH HOH A . 
C 3 HOH 95  495 22  HOH HOH A . 
C 3 HOH 96  496 69  HOH HOH A . 
C 3 HOH 97  497 145 HOH HOH A . 
C 3 HOH 98  498 35  HOH HOH A . 
C 3 HOH 99  499 64  HOH HOH A . 
C 3 HOH 100 500 14  HOH HOH A . 
C 3 HOH 101 501 96  HOH HOH A . 
C 3 HOH 102 502 179 HOH HOH A . 
C 3 HOH 103 503 126 HOH HOH A . 
C 3 HOH 104 504 1   HOH HOH A . 
C 3 HOH 105 505 41  HOH HOH A . 
C 3 HOH 106 506 105 HOH HOH A . 
C 3 HOH 107 507 159 HOH HOH A . 
C 3 HOH 108 508 62  HOH HOH A . 
C 3 HOH 109 509 131 HOH HOH A . 
C 3 HOH 110 510 76  HOH HOH A . 
C 3 HOH 111 511 153 HOH HOH A . 
C 3 HOH 112 512 149 HOH HOH A . 
C 3 HOH 113 513 107 HOH HOH A . 
C 3 HOH 114 514 56  HOH HOH A . 
C 3 HOH 115 515 202 HOH HOH A . 
C 3 HOH 116 516 17  HOH HOH A . 
C 3 HOH 117 517 30  HOH HOH A . 
C 3 HOH 118 518 113 HOH HOH A . 
C 3 HOH 119 519 185 HOH HOH A . 
C 3 HOH 120 520 94  HOH HOH A . 
C 3 HOH 121 521 121 HOH HOH A . 
C 3 HOH 122 522 122 HOH HOH A . 
C 3 HOH 123 523 33  HOH HOH A . 
C 3 HOH 124 524 164 HOH HOH A . 
C 3 HOH 125 525 196 HOH HOH A . 
C 3 HOH 126 526 31  HOH HOH A . 
C 3 HOH 127 527 61  HOH HOH A . 
C 3 HOH 128 528 186 HOH HOH A . 
C 3 HOH 129 529 167 HOH HOH A . 
C 3 HOH 130 530 173 HOH HOH A . 
C 3 HOH 131 531 155 HOH HOH A . 
C 3 HOH 132 532 182 HOH HOH A . 
C 3 HOH 133 533 151 HOH HOH A . 
C 3 HOH 134 534 120 HOH HOH A . 
C 3 HOH 135 535 68  HOH HOH A . 
C 3 HOH 136 536 207 HOH HOH A . 
C 3 HOH 137 537 140 HOH HOH A . 
C 3 HOH 138 538 104 HOH HOH A . 
C 3 HOH 139 539 25  HOH HOH A . 
C 3 HOH 140 540 114 HOH HOH A . 
C 3 HOH 141 541 160 HOH HOH A . 
C 3 HOH 142 542 172 HOH HOH A . 
C 3 HOH 143 543 175 HOH HOH A . 
C 3 HOH 144 544 117 HOH HOH A . 
C 3 HOH 145 545 82  HOH HOH A . 
C 3 HOH 146 546 199 HOH HOH A . 
C 3 HOH 147 547 188 HOH HOH A . 
C 3 HOH 148 548 201 HOH HOH A . 
C 3 HOH 149 549 124 HOH HOH A . 
C 3 HOH 150 550 111 HOH HOH A . 
C 3 HOH 151 551 132 HOH HOH A . 
C 3 HOH 152 552 206 HOH HOH A . 
C 3 HOH 153 553 28  HOH HOH A . 
C 3 HOH 154 554 133 HOH HOH A . 
C 3 HOH 155 555 81  HOH HOH A . 
C 3 HOH 156 556 165 HOH HOH A . 
C 3 HOH 157 557 115 HOH HOH A . 
C 3 HOH 158 558 139 HOH HOH A . 
C 3 HOH 159 559 197 HOH HOH A . 
C 3 HOH 160 560 127 HOH HOH A . 
C 3 HOH 161 561 189 HOH HOH A . 
C 3 HOH 162 562 116 HOH HOH A . 
C 3 HOH 163 563 53  HOH HOH A . 
C 3 HOH 164 564 89  HOH HOH A . 
C 3 HOH 165 565 101 HOH HOH A . 
C 3 HOH 166 566 44  HOH HOH A . 
C 3 HOH 167 567 190 HOH HOH A . 
C 3 HOH 168 568 158 HOH HOH A . 
C 3 HOH 169 569 103 HOH HOH A . 
C 3 HOH 170 570 95  HOH HOH A . 
C 3 HOH 171 571 171 HOH HOH A . 
C 3 HOH 172 572 55  HOH HOH A . 
C 3 HOH 173 573 168 HOH HOH A . 
C 3 HOH 174 574 72  HOH HOH A . 
C 3 HOH 175 575 88  HOH HOH A . 
C 3 HOH 176 576 51  HOH HOH A . 
C 3 HOH 177 577 135 HOH HOH A . 
C 3 HOH 178 578 150 HOH HOH A . 
C 3 HOH 179 579 195 HOH HOH A . 
C 3 HOH 180 580 174 HOH HOH A . 
C 3 HOH 181 581 130 HOH HOH A . 
C 3 HOH 182 582 204 HOH HOH A . 
C 3 HOH 183 583 177 HOH HOH A . 
C 3 HOH 184 584 176 HOH HOH A . 
C 3 HOH 185 585 125 HOH HOH A . 
C 3 HOH 186 586 109 HOH HOH A . 
C 3 HOH 187 587 203 HOH HOH A . 
C 3 HOH 188 588 86  HOH HOH A . 
C 3 HOH 189 589 163 HOH HOH A . 
C 3 HOH 190 590 142 HOH HOH A . 
C 3 HOH 191 591 138 HOH HOH A . 
C 3 HOH 192 592 119 HOH HOH A . 
C 3 HOH 193 593 208 HOH HOH A . 
C 3 HOH 194 594 192 HOH HOH A . 
C 3 HOH 195 595 143 HOH HOH A . 
C 3 HOH 196 596 87  HOH HOH A . 
C 3 HOH 197 597 67  HOH HOH A . 
C 3 HOH 198 598 144 HOH HOH A . 
C 3 HOH 199 599 46  HOH HOH A . 
C 3 HOH 200 600 162 HOH HOH A . 
C 3 HOH 201 601 48  HOH HOH A . 
C 3 HOH 202 602 128 HOH HOH A . 
C 3 HOH 203 603 161 HOH HOH A . 
C 3 HOH 204 604 137 HOH HOH A . 
C 3 HOH 205 605 184 HOH HOH A . 
C 3 HOH 206 606 181 HOH HOH A . 
C 3 HOH 207 607 191 HOH HOH A . 
C 3 HOH 208 608 193 HOH HOH A . 
# 
loop_
_software.citation_id 
_software.classification 
_software.compiler_name 
_software.compiler_version 
_software.contact_author 
_software.contact_author_email 
_software.date 
_software.description 
_software.dependencies 
_software.hardware 
_software.language 
_software.location 
_software.mods 
_software.name 
_software.os 
_software.os_version 
_software.type 
_software.version 
_software.pdbx_ordinal 
? 'data collection' ? ? ? ? ? ? ? ? ? ? ? HKL-2000    ? ? ? .        1 
? 'data scaling'    ? ? ? ? ? ? ? ? ? ? ? SCALEPACK   ? ? ? .        2 
? refinement        ? ? ? ? ? ? ? ? ? ? ? PHENIX      ? ? ? 1.9_1692 3 
? 'data extraction' ? ? ? ? ? ? ? ? ? ? ? PDB_EXTRACT ? ? ? 3.20     4 
# 
_cell.angle_alpha                  90.000 
_cell.angle_alpha_esd              ? 
_cell.angle_beta                   90.000 
_cell.angle_beta_esd               ? 
_cell.angle_gamma                  90.000 
_cell.angle_gamma_esd              ? 
_cell.entry_id                     5T9Z 
_cell.details                      ? 
_cell.formula_units_Z              ? 
_cell.length_a                     36.243 
_cell.length_a_esd                 ? 
_cell.length_b                     51.865 
_cell.length_b_esd                 ? 
_cell.length_c                     81.905 
_cell.length_c_esd                 ? 
_cell.volume                       ? 
_cell.volume_esd                   ? 
_cell.Z_PDB                        4 
_cell.reciprocal_angle_alpha       ? 
_cell.reciprocal_angle_beta        ? 
_cell.reciprocal_angle_gamma       ? 
_cell.reciprocal_angle_alpha_esd   ? 
_cell.reciprocal_angle_beta_esd    ? 
_cell.reciprocal_angle_gamma_esd   ? 
_cell.reciprocal_length_a          ? 
_cell.reciprocal_length_b          ? 
_cell.reciprocal_length_c          ? 
_cell.reciprocal_length_a_esd      ? 
_cell.reciprocal_length_b_esd      ? 
_cell.reciprocal_length_c_esd      ? 
_cell.pdbx_unique_axis             ? 
# 
_symmetry.entry_id                         5T9Z 
_symmetry.cell_setting                     ? 
_symmetry.Int_Tables_number                19 
_symmetry.space_group_name_Hall            ? 
_symmetry.space_group_name_H-M             'P 21 21 21' 
_symmetry.pdbx_full_space_group_name_H-M   ? 
# 
_exptl.absorpt_coefficient_mu     ? 
_exptl.absorpt_correction_T_max   ? 
_exptl.absorpt_correction_T_min   ? 
_exptl.absorpt_correction_type    ? 
_exptl.absorpt_process_details    ? 
_exptl.entry_id                   5T9Z 
_exptl.crystals_number            1 
_exptl.details                    ? 
_exptl.method                     'X-RAY DIFFRACTION' 
_exptl.method_details             ? 
# 
_exptl_crystal.colour                      ? 
_exptl_crystal.density_diffrn              ? 
_exptl_crystal.density_Matthews            2.17 
_exptl_crystal.density_method              ? 
_exptl_crystal.density_percent_sol         43.19 
_exptl_crystal.description                 ? 
_exptl_crystal.F_000                       ? 
_exptl_crystal.id                          1 
_exptl_crystal.preparation                 ? 
_exptl_crystal.size_max                    ? 
_exptl_crystal.size_mid                    ? 
_exptl_crystal.size_min                    ? 
_exptl_crystal.size_rad                    ? 
_exptl_crystal.colour_lustre               ? 
_exptl_crystal.colour_modifier             ? 
_exptl_crystal.colour_primary              ? 
_exptl_crystal.density_meas                ? 
_exptl_crystal.density_meas_esd            ? 
_exptl_crystal.density_meas_gt             ? 
_exptl_crystal.density_meas_lt             ? 
_exptl_crystal.density_meas_temp           ? 
_exptl_crystal.density_meas_temp_esd       ? 
_exptl_crystal.density_meas_temp_gt        ? 
_exptl_crystal.density_meas_temp_lt        ? 
_exptl_crystal.pdbx_crystal_image_url      ? 
_exptl_crystal.pdbx_crystal_image_format   ? 
_exptl_crystal.pdbx_mosaicity              ? 
_exptl_crystal.pdbx_mosaicity_esd          ? 
# 
_exptl_crystal_grow.apparatus       ? 
_exptl_crystal_grow.atmosphere      ? 
_exptl_crystal_grow.crystal_id      1 
_exptl_crystal_grow.details         ? 
_exptl_crystal_grow.method          'VAPOR DIFFUSION' 
_exptl_crystal_grow.method_ref      ? 
_exptl_crystal_grow.pH              4.2 
_exptl_crystal_grow.pressure        ? 
_exptl_crystal_grow.pressure_esd    ? 
_exptl_crystal_grow.seeding         ? 
_exptl_crystal_grow.seeding_ref     ? 
_exptl_crystal_grow.temp            293 
_exptl_crystal_grow.temp_details    ? 
_exptl_crystal_grow.temp_esd        ? 
_exptl_crystal_grow.time            ? 
_exptl_crystal_grow.pdbx_details    
;sodium citrate, pH 4.2
25% (w/v) PEG 3350
;
_exptl_crystal_grow.pdbx_pH_range   ? 
# 
_diffrn.ambient_environment    ? 
_diffrn.ambient_temp           100 
_diffrn.ambient_temp_details   ? 
_diffrn.ambient_temp_esd       ? 
_diffrn.crystal_id             1 
_diffrn.crystal_support        ? 
_diffrn.crystal_treatment      ? 
_diffrn.details                ? 
_diffrn.id                     1 
_diffrn.ambient_pressure       ? 
_diffrn.ambient_pressure_esd   ? 
_diffrn.ambient_pressure_gt    ? 
_diffrn.ambient_pressure_lt    ? 
_diffrn.ambient_temp_gt        ? 
_diffrn.ambient_temp_lt        ? 
# 
_diffrn_detector.details                      ? 
_diffrn_detector.detector                     CCD 
_diffrn_detector.diffrn_id                    1 
_diffrn_detector.type                         'ADSC QUANTUM 315' 
_diffrn_detector.area_resol_mean              ? 
_diffrn_detector.dtime                        ? 
_diffrn_detector.pdbx_frames_total            ? 
_diffrn_detector.pdbx_collection_time_total   ? 
_diffrn_detector.pdbx_collection_date         2011-01-13 
# 
_diffrn_radiation.collimation                      ? 
_diffrn_radiation.diffrn_id                        1 
_diffrn_radiation.filter_edge                      ? 
_diffrn_radiation.inhomogeneity                    ? 
_diffrn_radiation.monochromator                    ? 
_diffrn_radiation.polarisn_norm                    ? 
_diffrn_radiation.polarisn_ratio                   ? 
_diffrn_radiation.probe                            ? 
_diffrn_radiation.type                             ? 
_diffrn_radiation.xray_symbol                      ? 
_diffrn_radiation.wavelength_id                    1 
_diffrn_radiation.pdbx_monochromatic_or_laue_m_l   M 
_diffrn_radiation.pdbx_wavelength_list             ? 
_diffrn_radiation.pdbx_wavelength                  ? 
_diffrn_radiation.pdbx_diffrn_protocol             'SINGLE WAVELENGTH' 
_diffrn_radiation.pdbx_analyzer                    ? 
_diffrn_radiation.pdbx_scattering_type             x-ray 
# 
_diffrn_radiation_wavelength.id           1 
_diffrn_radiation_wavelength.wavelength   0.979 
_diffrn_radiation_wavelength.wt           1.0 
# 
_diffrn_source.current                     ? 
_diffrn_source.details                     ? 
_diffrn_source.diffrn_id                   1 
_diffrn_source.power                       ? 
_diffrn_source.size                        ? 
_diffrn_source.source                      SYNCHROTRON 
_diffrn_source.target                      ? 
_diffrn_source.type                        'ALS BEAMLINE 5.0.2' 
_diffrn_source.voltage                     ? 
_diffrn_source.take-off_angle              ? 
_diffrn_source.pdbx_wavelength_list        0.979 
_diffrn_source.pdbx_wavelength             ? 
_diffrn_source.pdbx_synchrotron_beamline   5.0.2 
_diffrn_source.pdbx_synchrotron_site       ALS 
# 
_reflns.B_iso_Wilson_estimate            ? 
_reflns.entry_id                         5T9Z 
_reflns.data_reduction_details           ? 
_reflns.data_reduction_method            ? 
_reflns.d_resolution_high                1.400 
_reflns.d_resolution_low                 50.000 
_reflns.details                          ? 
_reflns.limit_h_max                      ? 
_reflns.limit_h_min                      ? 
_reflns.limit_k_max                      ? 
_reflns.limit_k_min                      ? 
_reflns.limit_l_max                      ? 
_reflns.limit_l_min                      ? 
_reflns.number_all                       ? 
_reflns.number_obs                       30819 
_reflns.observed_criterion               ? 
_reflns.observed_criterion_F_max         ? 
_reflns.observed_criterion_F_min         ? 
_reflns.observed_criterion_I_max         ? 
_reflns.observed_criterion_I_min         ? 
_reflns.observed_criterion_sigma_F       ? 
_reflns.observed_criterion_sigma_I       ? 
_reflns.percent_possible_obs             98.800 
_reflns.R_free_details                   ? 
_reflns.Rmerge_F_all                     ? 
_reflns.Rmerge_F_obs                     ? 
_reflns.Friedel_coverage                 ? 
_reflns.number_gt                        ? 
_reflns.threshold_expression             ? 
_reflns.pdbx_redundancy                  5.800 
_reflns.pdbx_Rmerge_I_obs                0.050 
_reflns.pdbx_Rmerge_I_all                ? 
_reflns.pdbx_Rsym_value                  ? 
_reflns.pdbx_netI_over_av_sigmaI         30.611 
_reflns.pdbx_netI_over_sigmaI            12.200 
_reflns.pdbx_res_netI_over_av_sigmaI_2   ? 
_reflns.pdbx_res_netI_over_sigmaI_2      ? 
_reflns.pdbx_chi_squared                 0.868 
_reflns.pdbx_scaling_rejects             ? 
_reflns.pdbx_d_res_high_opt              ? 
_reflns.pdbx_d_res_low_opt               ? 
_reflns.pdbx_d_res_opt_method            ? 
_reflns.phase_calculation_details        ? 
_reflns.pdbx_Rrim_I_all                  ? 
_reflns.pdbx_Rpim_I_all                  ? 
_reflns.pdbx_d_opt                       ? 
_reflns.pdbx_number_measured_all         179313 
_reflns.pdbx_diffrn_id                   1 
_reflns.pdbx_ordinal                     1 
_reflns.pdbx_CC_half                     ? 
_reflns.pdbx_R_split                     ? 
# 
loop_
_reflns_shell.d_res_high 
_reflns_shell.d_res_low 
_reflns_shell.meanI_over_sigI_all 
_reflns_shell.meanI_over_sigI_obs 
_reflns_shell.number_measured_all 
_reflns_shell.number_measured_obs 
_reflns_shell.number_possible 
_reflns_shell.number_unique_all 
_reflns_shell.number_unique_obs 
_reflns_shell.percent_possible_all 
_reflns_shell.percent_possible_obs 
_reflns_shell.Rmerge_F_all 
_reflns_shell.Rmerge_F_obs 
_reflns_shell.Rmerge_I_all 
_reflns_shell.Rmerge_I_obs 
_reflns_shell.meanI_over_sigI_gt 
_reflns_shell.meanI_over_uI_all 
_reflns_shell.meanI_over_uI_gt 
_reflns_shell.number_measured_gt 
_reflns_shell.number_unique_gt 
_reflns_shell.percent_possible_gt 
_reflns_shell.Rmerge_F_gt 
_reflns_shell.Rmerge_I_gt 
_reflns_shell.pdbx_redundancy 
_reflns_shell.pdbx_Rsym_value 
_reflns_shell.pdbx_chi_squared 
_reflns_shell.pdbx_netI_over_sigmaI_all 
_reflns_shell.pdbx_netI_over_sigmaI_obs 
_reflns_shell.pdbx_Rrim_I_all 
_reflns_shell.pdbx_Rpim_I_all 
_reflns_shell.pdbx_rejects 
_reflns_shell.pdbx_ordinal 
_reflns_shell.pdbx_diffrn_id 
_reflns_shell.pdbx_CC_half 
_reflns_shell.pdbx_R_split 
1.400 1.440  ? ? ? ? ? 2014 ? 92.700  ? ? ? ? 0.260 ? ? ? ? ? ? ? ? 4.900 ? 0.479 ? ? ? ? 0 1  1 ? ? 
1.440 1.470  ? ? ? ? ? 2143 ? 97.900  ? ? ? ? 0.234 ? ? ? ? ? ? ? ? 5.700 ? 0.514 ? ? ? ? 0 2  1 ? ? 
1.470 1.520  ? ? ? ? ? 2150 ? 97.700  ? ? ? ? 0.193 ? ? ? ? ? ? ? ? 5.800 ? 0.588 ? ? ? ? 0 3  1 ? ? 
1.520 1.570  ? ? ? ? ? 2173 ? 99.100  ? ? ? ? 0.161 ? ? ? ? ? ? ? ? 6.000 ? 0.635 ? ? ? ? 0 4  1 ? ? 
1.570 1.620  ? ? ? ? ? 2164 ? 99.000  ? ? ? ? 0.133 ? ? ? ? ? ? ? ? 6.000 ? 0.724 ? ? ? ? 0 5  1 ? ? 
1.620 1.690  ? ? ? ? ? 2170 ? 98.800  ? ? ? ? 0.114 ? ? ? ? ? ? ? ? 6.000 ? 0.825 ? ? ? ? 0 6  1 ? ? 
1.690 1.760  ? ? ? ? ? 2189 ? 99.100  ? ? ? ? 0.099 ? ? ? ? ? ? ? ? 6.000 ? 0.934 ? ? ? ? 0 7  1 ? ? 
1.760 1.860  ? ? ? ? ? 2205 ? 99.400  ? ? ? ? 0.080 ? ? ? ? ? ? ? ? 6.000 ? 1.102 ? ? ? ? 0 8  1 ? ? 
1.860 1.970  ? ? ? ? ? 2206 ? 99.500  ? ? ? ? 0.065 ? ? ? ? ? ? ? ? 6.000 ? 1.051 ? ? ? ? 0 9  1 ? ? 
1.970 2.130  ? ? ? ? ? 2214 ? 99.700  ? ? ? ? 0.054 ? ? ? ? ? ? ? ? 6.000 ? 0.987 ? ? ? ? 0 10 1 ? ? 
2.130 2.340  ? ? ? ? ? 2239 ? 99.600  ? ? ? ? 0.050 ? ? ? ? ? ? ? ? 6.000 ? 1.043 ? ? ? ? 0 11 1 ? ? 
2.340 2.680  ? ? ? ? ? 2241 ? 99.900  ? ? ? ? 0.054 ? ? ? ? ? ? ? ? 5.900 ? 1.081 ? ? ? ? 0 12 1 ? ? 
2.680 3.370  ? ? ? ? ? 2285 ? 100.000 ? ? ? ? 0.041 ? ? ? ? ? ? ? ? 5.700 ? 1.089 ? ? ? ? 0 13 1 ? ? 
3.370 50.000 ? ? ? ? ? 2426 ? 99.900  ? ? ? ? 0.035 ? ? ? ? ? ? ? ? 5.600 ? 0.929 ? ? ? ? 0 14 1 ? ? 
# 
_refine.aniso_B[1][1]                            ? 
_refine.aniso_B[1][2]                            ? 
_refine.aniso_B[1][3]                            ? 
_refine.aniso_B[2][2]                            ? 
_refine.aniso_B[2][3]                            ? 
_refine.aniso_B[3][3]                            ? 
_refine.B_iso_max                                77.910 
_refine.B_iso_mean                               15.1260 
_refine.B_iso_min                                3.630 
_refine.correlation_coeff_Fo_to_Fc               ? 
_refine.correlation_coeff_Fo_to_Fc_free          ? 
_refine.details                                  ? 
_refine.diff_density_max                         ? 
_refine.diff_density_max_esd                     ? 
_refine.diff_density_min                         ? 
_refine.diff_density_min_esd                     ? 
_refine.diff_density_rms                         ? 
_refine.diff_density_rms_esd                     ? 
_refine.entry_id                                 5T9Z 
_refine.pdbx_refine_id                           'X-RAY DIFFRACTION' 
_refine.ls_abs_structure_details                 ? 
_refine.ls_abs_structure_Flack                   ? 
_refine.ls_abs_structure_Flack_esd               ? 
_refine.ls_abs_structure_Rogers                  ? 
_refine.ls_abs_structure_Rogers_esd              ? 
_refine.ls_d_res_high                            1.4000 
_refine.ls_d_res_low                             43.8190 
_refine.ls_extinction_coef                       ? 
_refine.ls_extinction_coef_esd                   ? 
_refine.ls_extinction_expression                 ? 
_refine.ls_extinction_method                     ? 
_refine.ls_goodness_of_fit_all                   ? 
_refine.ls_goodness_of_fit_all_esd               ? 
_refine.ls_goodness_of_fit_obs                   ? 
_refine.ls_goodness_of_fit_obs_esd               ? 
_refine.ls_hydrogen_treatment                    ? 
_refine.ls_matrix_type                           ? 
_refine.ls_number_constraints                    ? 
_refine.ls_number_parameters                     ? 
_refine.ls_number_reflns_all                     ? 
_refine.ls_number_reflns_obs                     30763 
_refine.ls_number_reflns_R_free                  1999 
_refine.ls_number_reflns_R_work                  ? 
_refine.ls_number_restraints                     ? 
_refine.ls_percent_reflns_obs                    98.6600 
_refine.ls_percent_reflns_R_free                 6.5000 
_refine.ls_R_factor_all                          ? 
_refine.ls_R_factor_obs                          0.1645 
_refine.ls_R_factor_R_free                       0.1901 
_refine.ls_R_factor_R_free_error                 ? 
_refine.ls_R_factor_R_free_error_details         ? 
_refine.ls_R_factor_R_work                       0.1628 
_refine.ls_R_Fsqd_factor_obs                     ? 
_refine.ls_R_I_factor_obs                        ? 
_refine.ls_redundancy_reflns_all                 ? 
_refine.ls_redundancy_reflns_obs                 ? 
_refine.ls_restrained_S_all                      ? 
_refine.ls_restrained_S_obs                      ? 
_refine.ls_shift_over_esd_max                    ? 
_refine.ls_shift_over_esd_mean                   ? 
_refine.ls_structure_factor_coef                 ? 
_refine.ls_weighting_details                     ? 
_refine.ls_weighting_scheme                      ? 
_refine.ls_wR_factor_all                         ? 
_refine.ls_wR_factor_obs                         ? 
_refine.ls_wR_factor_R_free                      ? 
_refine.ls_wR_factor_R_work                      ? 
_refine.occupancy_max                            ? 
_refine.occupancy_min                            ? 
_refine.solvent_model_details                    ? 
_refine.solvent_model_param_bsol                 ? 
_refine.solvent_model_param_ksol                 ? 
_refine.ls_R_factor_gt                           ? 
_refine.ls_goodness_of_fit_gt                    ? 
_refine.ls_goodness_of_fit_ref                   ? 
_refine.ls_shift_over_su_max                     ? 
_refine.ls_shift_over_su_max_lt                  ? 
_refine.ls_shift_over_su_mean                    ? 
_refine.ls_shift_over_su_mean_lt                 ? 
_refine.pdbx_ls_sigma_I                          ? 
_refine.pdbx_ls_sigma_F                          1.350 
_refine.pdbx_ls_sigma_Fsqd                       ? 
_refine.pdbx_data_cutoff_high_absF               ? 
_refine.pdbx_data_cutoff_high_rms_absF           ? 
_refine.pdbx_data_cutoff_low_absF                ? 
_refine.pdbx_isotropic_thermal_model             ? 
_refine.pdbx_ls_cross_valid_method               'FREE R-VALUE' 
_refine.pdbx_method_to_determine_struct          ? 
_refine.pdbx_starting_model                      ? 
_refine.pdbx_stereochemistry_target_values       ? 
_refine.pdbx_R_Free_selection_details            ? 
_refine.pdbx_stereochem_target_val_spec_case     ? 
_refine.pdbx_overall_ESU_R                       ? 
_refine.pdbx_overall_ESU_R_Free                  ? 
_refine.pdbx_solvent_vdw_probe_radii             1.1100 
_refine.pdbx_solvent_ion_probe_radii             ? 
_refine.pdbx_solvent_shrinkage_radii             0.9000 
_refine.pdbx_real_space_R                        ? 
_refine.pdbx_density_correlation                 ? 
_refine.pdbx_pd_number_of_powder_patterns        ? 
_refine.pdbx_pd_number_of_points                 ? 
_refine.pdbx_pd_meas_number_of_points            ? 
_refine.pdbx_pd_proc_ls_prof_R_factor            ? 
_refine.pdbx_pd_proc_ls_prof_wR_factor           ? 
_refine.pdbx_pd_Marquardt_correlation_coeff      ? 
_refine.pdbx_pd_Fsqrd_R_factor                   ? 
_refine.pdbx_pd_ls_matrix_band_width             ? 
_refine.pdbx_overall_phase_error                 17.7900 
_refine.pdbx_overall_SU_R_free_Cruickshank_DPI   ? 
_refine.pdbx_overall_SU_R_free_Blow_DPI          ? 
_refine.pdbx_overall_SU_R_Blow_DPI               ? 
_refine.pdbx_TLS_residual_ADP_flag               ? 
_refine.pdbx_diffrn_id                           1 
_refine.overall_SU_B                             ? 
_refine.overall_SU_ML                            0.1200 
_refine.overall_SU_R_Cruickshank_DPI             ? 
_refine.overall_SU_R_free                        ? 
_refine.overall_FOM_free_R_set                   ? 
_refine.overall_FOM_work_R_set                   ? 
_refine.pdbx_average_fsc_overall                 ? 
_refine.pdbx_average_fsc_work                    ? 
_refine.pdbx_average_fsc_free                    ? 
# 
_refine_hist.cycle_id                         final 
_refine_hist.pdbx_refine_id                   'X-RAY DIFFRACTION' 
_refine_hist.d_res_high                       1.4000 
_refine_hist.d_res_low                        43.8190 
_refine_hist.pdbx_number_atoms_ligand         46 
_refine_hist.number_atoms_solvent             208 
_refine_hist.number_atoms_total               1502 
_refine_hist.pdbx_number_residues_total       163 
_refine_hist.pdbx_B_iso_mean_ligand           13.19 
_refine_hist.pdbx_B_iso_mean_solvent          25.34 
_refine_hist.pdbx_number_atoms_protein        1248 
_refine_hist.pdbx_number_atoms_nucleic_acid   0 
# 
loop_
_refine_ls_restr.pdbx_refine_id 
_refine_ls_restr.criterion 
_refine_ls_restr.dev_ideal 
_refine_ls_restr.dev_ideal_target 
_refine_ls_restr.number 
_refine_ls_restr.rejects 
_refine_ls_restr.type 
_refine_ls_restr.weight 
_refine_ls_restr.pdbx_restraint_function 
'X-RAY DIFFRACTION' ? 0.015  ? 1325 ? f_bond_d           ? ? 
'X-RAY DIFFRACTION' ? 1.605  ? 1778 ? f_angle_d          ? ? 
'X-RAY DIFFRACTION' ? 0.074  ? 182  ? f_chiral_restr     ? ? 
'X-RAY DIFFRACTION' ? 0.009  ? 232  ? f_plane_restr      ? ? 
'X-RAY DIFFRACTION' ? 13.308 ? 515  ? f_dihedral_angle_d ? ? 
# 
loop_
_refine_ls_shell.pdbx_refine_id 
_refine_ls_shell.d_res_high 
_refine_ls_shell.d_res_low 
_refine_ls_shell.number_reflns_all 
_refine_ls_shell.number_reflns_obs 
_refine_ls_shell.number_reflns_R_free 
_refine_ls_shell.number_reflns_R_work 
_refine_ls_shell.percent_reflns_obs 
_refine_ls_shell.percent_reflns_R_free 
_refine_ls_shell.R_factor_all 
_refine_ls_shell.R_factor_obs 
_refine_ls_shell.R_factor_R_free 
_refine_ls_shell.R_factor_R_free_error 
_refine_ls_shell.R_factor_R_work 
_refine_ls_shell.redundancy_reflns_all 
_refine_ls_shell.redundancy_reflns_obs 
_refine_ls_shell.wR_factor_all 
_refine_ls_shell.wR_factor_obs 
_refine_ls_shell.wR_factor_R_free 
_refine_ls_shell.wR_factor_R_work 
_refine_ls_shell.pdbx_total_number_of_bins_used 
_refine_ls_shell.pdbx_phase_error 
_refine_ls_shell.pdbx_fsc_work 
_refine_ls_shell.pdbx_fsc_free 
'X-RAY DIFFRACTION' 1.3997 1.4347  1985 . 129 1856 91.0000  . . . 0.2212 . 0.1950 . . . . . . 14 . . . 
'X-RAY DIFFRACTION' 1.4347 1.4735  2136 . 138 1998 98.0000  . . . 0.2456 . 0.1930 . . . . . . 14 . . . 
'X-RAY DIFFRACTION' 1.4735 1.5169  2157 . 140 2017 98.0000  . . . 0.2354 . 0.1694 . . . . . . 14 . . . 
'X-RAY DIFFRACTION' 1.5169 1.5658  2176 . 141 2035 99.0000  . . . 0.2047 . 0.1700 . . . . . . 14 . . . 
'X-RAY DIFFRACTION' 1.5658 1.6218  2166 . 142 2024 99.0000  . . . 0.1764 . 0.1640 . . . . . . 14 . . . 
'X-RAY DIFFRACTION' 1.6218 1.6867  2163 . 140 2023 99.0000  . . . 0.1901 . 0.1598 . . . . . . 14 . . . 
'X-RAY DIFFRACTION' 1.6867 1.7635  2194 . 142 2052 99.0000  . . . 0.1837 . 0.1634 . . . . . . 14 . . . 
'X-RAY DIFFRACTION' 1.7635 1.8565  2201 . 143 2058 99.0000  . . . 0.1623 . 0.1572 . . . . . . 14 . . . 
'X-RAY DIFFRACTION' 1.8565 1.9728  2207 . 144 2063 100.0000 . . . 0.1826 . 0.1567 . . . . . . 14 . . . 
'X-RAY DIFFRACTION' 1.9728 2.1251  2217 . 144 2073 100.0000 . . . 0.1627 . 0.1512 . . . . . . 14 . . . 
'X-RAY DIFFRACTION' 2.1251 2.3389  2235 . 146 2089 100.0000 . . . 0.1809 . 0.1626 . . . . . . 14 . . . 
'X-RAY DIFFRACTION' 2.3389 2.6774  2239 . 146 2093 100.0000 . . . 0.2208 . 0.1763 . . . . . . 14 . . . 
'X-RAY DIFFRACTION' 2.6774 3.3730  2283 . 148 2135 100.0000 . . . 0.2189 . 0.1706 . . . . . . 14 . . . 
'X-RAY DIFFRACTION' 3.3730 43.8400 2404 . 156 2248 100.0000 . . . 0.1672 . 0.1509 . . . . . . 14 . . . 
# 
_struct.entry_id                     5T9Z 
_struct.title                        
'Discovery of a Potent Cyclophilin Inhibitor (Compound 6) based on Structural Simplification of Sanglifehrin A' 
_struct.pdbx_model_details           ? 
_struct.pdbx_formula_weight          ? 
_struct.pdbx_formula_weight_method   ? 
_struct.pdbx_model_type_details      ? 
_struct.pdbx_CASP_flag               N 
# 
_struct_keywords.entry_id        5T9Z 
_struct_keywords.text            'cyclophilin inhibitor antiviral HCV, isomerase-isomerase inhibitor complex' 
_struct_keywords.pdbx_keywords   'isomerase/isomerase inhibitor' 
# 
loop_
_struct_asym.id 
_struct_asym.pdbx_blank_PDB_chainid_flag 
_struct_asym.pdbx_modified 
_struct_asym.entity_id 
_struct_asym.details 
A N N 1 ? 
B N N 2 ? 
C N N 3 ? 
# 
_struct_ref.id                         1 
_struct_ref.db_name                    UNP 
_struct_ref.db_code                    PPIA_HUMAN 
_struct_ref.pdbx_db_accession          P62937 
_struct_ref.pdbx_db_isoform            ? 
_struct_ref.entity_id                  1 
_struct_ref.pdbx_seq_one_letter_code   
;VNPTVFFDIAVDGEPLGRVSFELFADKVPKTAENFRALSTGEKGFGYKGSCFHRIIPGFMCQGGDFTRHNGTGGKSIYGE
KFEDENFILKHTGPGILSMANAGPNTNGSQFFICTAKTEWLDGKHVVFGKVKEGMNIVEAMERFGSRNGKTSKKITIADC
GQL
;
_struct_ref.pdbx_align_begin           2 
# 
_struct_ref_seq.align_id                      1 
_struct_ref_seq.ref_id                        1 
_struct_ref_seq.pdbx_PDB_id_code              5T9Z 
_struct_ref_seq.pdbx_strand_id                A 
_struct_ref_seq.seq_align_beg                 1 
_struct_ref_seq.pdbx_seq_align_beg_ins_code   ? 
_struct_ref_seq.seq_align_end                 163 
_struct_ref_seq.pdbx_seq_align_end_ins_code   ? 
_struct_ref_seq.pdbx_db_accession             P62937 
_struct_ref_seq.db_align_beg                  2 
_struct_ref_seq.pdbx_db_align_beg_ins_code    ? 
_struct_ref_seq.db_align_end                  164 
_struct_ref_seq.pdbx_db_align_end_ins_code    ? 
_struct_ref_seq.pdbx_auth_seq_align_beg       2 
_struct_ref_seq.pdbx_auth_seq_align_end       164 
# 
_pdbx_struct_assembly.id                   1 
_pdbx_struct_assembly.details              author_and_software_defined_assembly 
_pdbx_struct_assembly.method_details       PISA 
_pdbx_struct_assembly.oligomeric_details   monomeric 
_pdbx_struct_assembly.oligomeric_count     1 
# 
_pdbx_struct_assembly_gen.assembly_id       1 
_pdbx_struct_assembly_gen.oper_expression   1 
_pdbx_struct_assembly_gen.asym_id_list      A,B,C 
# 
_pdbx_struct_oper_list.id                   1 
_pdbx_struct_oper_list.type                 'identity operation' 
_pdbx_struct_oper_list.name                 1_555 
_pdbx_struct_oper_list.symmetry_operation   x,y,z 
_pdbx_struct_oper_list.matrix[1][1]         1.0000000000 
_pdbx_struct_oper_list.matrix[1][2]         0.0000000000 
_pdbx_struct_oper_list.matrix[1][3]         0.0000000000 
_pdbx_struct_oper_list.vector[1]            0.0000000000 
_pdbx_struct_oper_list.matrix[2][1]         0.0000000000 
_pdbx_struct_oper_list.matrix[2][2]         1.0000000000 
_pdbx_struct_oper_list.matrix[2][3]         0.0000000000 
_pdbx_struct_oper_list.vector[2]            0.0000000000 
_pdbx_struct_oper_list.matrix[3][1]         0.0000000000 
_pdbx_struct_oper_list.matrix[3][2]         0.0000000000 
_pdbx_struct_oper_list.matrix[3][3]         1.0000000000 
_pdbx_struct_oper_list.vector[3]            0.0000000000 
# 
loop_
_struct_conf.conf_type_id 
_struct_conf.id 
_struct_conf.pdbx_PDB_helix_id 
_struct_conf.beg_label_comp_id 
_struct_conf.beg_label_asym_id 
_struct_conf.beg_label_seq_id 
_struct_conf.pdbx_beg_PDB_ins_code 
_struct_conf.end_label_comp_id 
_struct_conf.end_label_asym_id 
_struct_conf.end_label_seq_id 
_struct_conf.pdbx_end_PDB_ins_code 
_struct_conf.beg_auth_comp_id 
_struct_conf.beg_auth_asym_id 
_struct_conf.beg_auth_seq_id 
_struct_conf.end_auth_comp_id 
_struct_conf.end_auth_asym_id 
_struct_conf.end_auth_seq_id 
_struct_conf.pdbx_PDB_helix_class 
_struct_conf.details 
_struct_conf.pdbx_PDB_helix_length 
HELX_P HELX_P1 AA1 VAL A 28  ? GLY A 41  ? VAL A 29  GLY A 42  1 ? 14 
HELX_P HELX_P2 AA2 THR A 118 ? ASP A 122 ? THR A 119 ASP A 123 5 ? 5  
HELX_P HELX_P3 AA3 GLY A 134 ? ARG A 143 ? GLY A 135 ARG A 144 1 ? 10 
# 
_struct_conf_type.id          HELX_P 
_struct_conf_type.criteria    ? 
_struct_conf_type.reference   ? 
# 
_struct_sheet.id               AA1 
_struct_sheet.type             ? 
_struct_sheet.number_strands   8 
_struct_sheet.details          ? 
# 
loop_
_struct_sheet_order.sheet_id 
_struct_sheet_order.range_id_1 
_struct_sheet_order.range_id_2 
_struct_sheet_order.offset 
_struct_sheet_order.sense 
AA1 1 2 ? anti-parallel 
AA1 2 3 ? anti-parallel 
AA1 3 4 ? anti-parallel 
AA1 4 5 ? anti-parallel 
AA1 5 6 ? anti-parallel 
AA1 6 7 ? anti-parallel 
AA1 7 8 ? anti-parallel 
# 
loop_
_struct_sheet_range.sheet_id 
_struct_sheet_range.id 
_struct_sheet_range.beg_label_comp_id 
_struct_sheet_range.beg_label_asym_id 
_struct_sheet_range.beg_label_seq_id 
_struct_sheet_range.pdbx_beg_PDB_ins_code 
_struct_sheet_range.end_label_comp_id 
_struct_sheet_range.end_label_asym_id 
_struct_sheet_range.end_label_seq_id 
_struct_sheet_range.pdbx_end_PDB_ins_code 
_struct_sheet_range.beg_auth_comp_id 
_struct_sheet_range.beg_auth_asym_id 
_struct_sheet_range.beg_auth_seq_id 
_struct_sheet_range.end_auth_comp_id 
_struct_sheet_range.end_auth_asym_id 
_struct_sheet_range.end_auth_seq_id 
AA1 1 PHE A 52  ? ILE A 56  ? PHE A 53  ILE A 57  
AA1 2 MET A 60  ? GLY A 63  ? MET A 61  GLY A 64  
AA1 3 PHE A 111 ? CYS A 114 ? PHE A 112 CYS A 115 
AA1 4 ILE A 96  ? MET A 99  ? ILE A 97  MET A 100 
AA1 5 VAL A 127 ? GLU A 133 ? VAL A 128 GLU A 134 
AA1 6 GLU A 14  ? LEU A 23  ? GLU A 15  LEU A 24  
AA1 7 THR A 4   ? VAL A 11  ? THR A 5   VAL A 12  
AA1 8 ILE A 155 ? GLN A 162 ? ILE A 156 GLN A 163 
# 
loop_
_pdbx_struct_sheet_hbond.sheet_id 
_pdbx_struct_sheet_hbond.range_id_1 
_pdbx_struct_sheet_hbond.range_id_2 
_pdbx_struct_sheet_hbond.range_1_label_atom_id 
_pdbx_struct_sheet_hbond.range_1_label_comp_id 
_pdbx_struct_sheet_hbond.range_1_label_asym_id 
_pdbx_struct_sheet_hbond.range_1_label_seq_id 
_pdbx_struct_sheet_hbond.range_1_PDB_ins_code 
_pdbx_struct_sheet_hbond.range_1_auth_atom_id 
_pdbx_struct_sheet_hbond.range_1_auth_comp_id 
_pdbx_struct_sheet_hbond.range_1_auth_asym_id 
_pdbx_struct_sheet_hbond.range_1_auth_seq_id 
_pdbx_struct_sheet_hbond.range_2_label_atom_id 
_pdbx_struct_sheet_hbond.range_2_label_comp_id 
_pdbx_struct_sheet_hbond.range_2_label_asym_id 
_pdbx_struct_sheet_hbond.range_2_label_seq_id 
_pdbx_struct_sheet_hbond.range_2_PDB_ins_code 
_pdbx_struct_sheet_hbond.range_2_auth_atom_id 
_pdbx_struct_sheet_hbond.range_2_auth_comp_id 
_pdbx_struct_sheet_hbond.range_2_auth_asym_id 
_pdbx_struct_sheet_hbond.range_2_auth_seq_id 
AA1 1 2 N ARG A 54  ? N ARG A 55  O GLN A 62  ? O GLN A 63  
AA1 2 3 N CYS A 61  ? N CYS A 62  O ILE A 113 ? O ILE A 114 
AA1 3 4 O CYS A 114 ? O CYS A 115 N ILE A 96  ? N ILE A 97  
AA1 4 5 N LEU A 97  ? N LEU A 98  O GLY A 129 ? O GLY A 130 
AA1 5 6 O LYS A 132 ? O LYS A 133 N SER A 20  ? N SER A 21  
AA1 6 7 O GLY A 17  ? O GLY A 18  N ILE A 9   ? N ILE A 10  
AA1 7 8 N ASP A 8   ? N ASP A 9   O ASP A 159 ? O ASP A 160 
# 
_struct_site.id                   AC1 
_struct_site.pdbx_evidence_code   Software 
_struct_site.pdbx_auth_asym_id    A 
_struct_site.pdbx_auth_comp_id    78R 
_struct_site.pdbx_auth_seq_id     300 
_struct_site.pdbx_auth_ins_code   ? 
_struct_site.pdbx_num_residues    18 
_struct_site.details              'binding site for residue 78R A 300' 
# 
loop_
_struct_site_gen.id 
_struct_site_gen.site_id 
_struct_site_gen.pdbx_num_res 
_struct_site_gen.label_comp_id 
_struct_site_gen.label_asym_id 
_struct_site_gen.label_seq_id 
_struct_site_gen.pdbx_auth_ins_code 
_struct_site_gen.auth_comp_id 
_struct_site_gen.auth_asym_id 
_struct_site_gen.auth_seq_id 
_struct_site_gen.label_atom_id 
_struct_site_gen.label_alt_id 
_struct_site_gen.symmetry 
_struct_site_gen.details 
1  AC1 18 LEU A 16  ? LEU A 17  . ? 3_645 ? 
2  AC1 18 ARG A 54  ? ARG A 55  . ? 1_555 ? 
3  AC1 18 MET A 60  ? MET A 61  . ? 1_555 ? 
4  AC1 18 GLN A 62  ? GLN A 63  . ? 1_555 ? 
5  AC1 18 GLY A 71  ? GLY A 72  . ? 1_555 ? 
6  AC1 18 ALA A 100 ? ALA A 101 . ? 1_555 ? 
7  AC1 18 ASN A 101 ? ASN A 102 . ? 1_555 ? 
8  AC1 18 ALA A 102 ? ALA A 103 . ? 1_555 ? 
9  AC1 18 GLN A 110 ? GLN A 111 . ? 1_555 ? 
10 AC1 18 PHE A 112 ? PHE A 113 . ? 1_555 ? 
11 AC1 18 HIS A 125 ? HIS A 126 . ? 1_555 ? 
12 AC1 18 ILE A 137 ? ILE A 138 . ? 3_645 ? 
13 AC1 18 ALA A 140 ? ALA A 141 . ? 3_645 ? 
14 AC1 18 PHE A 144 ? PHE A 145 . ? 3_645 ? 
15 AC1 18 HOH C .   ? HOH A 420 . ? 1_555 ? 
16 AC1 18 HOH C .   ? HOH A 447 . ? 1_555 ? 
17 AC1 18 HOH C .   ? HOH A 451 . ? 1_555 ? 
18 AC1 18 HOH C .   ? HOH A 488 . ? 3_645 ? 
# 
loop_
_pdbx_validate_close_contact.id 
_pdbx_validate_close_contact.PDB_model_num 
_pdbx_validate_close_contact.auth_atom_id_1 
_pdbx_validate_close_contact.auth_asym_id_1 
_pdbx_validate_close_contact.auth_comp_id_1 
_pdbx_validate_close_contact.auth_seq_id_1 
_pdbx_validate_close_contact.PDB_ins_code_1 
_pdbx_validate_close_contact.label_alt_id_1 
_pdbx_validate_close_contact.auth_atom_id_2 
_pdbx_validate_close_contact.auth_asym_id_2 
_pdbx_validate_close_contact.auth_comp_id_2 
_pdbx_validate_close_contact.auth_seq_id_2 
_pdbx_validate_close_contact.PDB_ins_code_2 
_pdbx_validate_close_contact.label_alt_id_2 
_pdbx_validate_close_contact.dist 
1 1 O   A HOH 546 ? ? O A HOH 559 ? ? 1.88 
2 1 O   A HOH 568 ? ? O A HOH 578 ? ? 1.93 
3 1 O   A HOH 410 ? ? O A HOH 502 ? ? 1.93 
4 1 OD1 A ASP 160 ? ? O A HOH 401 ? ? 1.94 
5 1 O   A HOH 503 ? ? O A HOH 547 ? ? 2.02 
6 1 OE1 A GLU 81  ? ? O A HOH 402 ? ? 2.04 
7 1 CG  A MET 61  ? ? O A HOH 559 ? ? 2.10 
# 
_pdbx_validate_symm_contact.id                1 
_pdbx_validate_symm_contact.PDB_model_num     1 
_pdbx_validate_symm_contact.auth_atom_id_1    O 
_pdbx_validate_symm_contact.auth_asym_id_1    A 
_pdbx_validate_symm_contact.auth_comp_id_1    HOH 
_pdbx_validate_symm_contact.auth_seq_id_1     496 
_pdbx_validate_symm_contact.PDB_ins_code_1    ? 
_pdbx_validate_symm_contact.label_alt_id_1    ? 
_pdbx_validate_symm_contact.site_symmetry_1   1_555 
_pdbx_validate_symm_contact.auth_atom_id_2    O 
_pdbx_validate_symm_contact.auth_asym_id_2    A 
_pdbx_validate_symm_contact.auth_comp_id_2    HOH 
_pdbx_validate_symm_contact.auth_seq_id_2     536 
_pdbx_validate_symm_contact.PDB_ins_code_2    ? 
_pdbx_validate_symm_contact.label_alt_id_2    ? 
_pdbx_validate_symm_contact.site_symmetry_2   3_645 
_pdbx_validate_symm_contact.dist              2.17 
# 
loop_
_pdbx_validate_torsion.id 
_pdbx_validate_torsion.PDB_model_num 
_pdbx_validate_torsion.auth_comp_id 
_pdbx_validate_torsion.auth_asym_id 
_pdbx_validate_torsion.auth_seq_id 
_pdbx_validate_torsion.PDB_ins_code 
_pdbx_validate_torsion.label_alt_id 
_pdbx_validate_torsion.phi 
_pdbx_validate_torsion.psi 
1 1 PHE A 60 ? ? -123.42 -75.84 
2 1 ASN A 71 ? ? -144.46 16.41  
3 1 GLU A 81 ? ? -123.84 -87.25 
# 
_pdbx_molecule_features.prd_id    PRD_002245 
_pdbx_molecule_features.name      
;(5S,11S,14S,17R,18R,21E)-11-[(3-hydroxyphenyl)methyl]-18-methoxy-17-methyl-14-(propan-2-yl)-3-oxa-9,12,15,28-tetraazatricyclo[21.3.1.1~5,9~]octacosa-1(27),21,23,25-tetraene-4,10,13,16-tetrone
;
_pdbx_molecule_features.type      Peptide-like 
_pdbx_molecule_features.class     Inhibitor 
_pdbx_molecule_features.details   ? 
# 
_pdbx_molecule.instance_id   1 
_pdbx_molecule.prd_id        PRD_002245 
_pdbx_molecule.asym_id       B 
# 
_pdbx_distant_solvent_atoms.id                                1 
_pdbx_distant_solvent_atoms.PDB_model_num                     1 
_pdbx_distant_solvent_atoms.auth_atom_id                      O 
_pdbx_distant_solvent_atoms.label_alt_id                      ? 
_pdbx_distant_solvent_atoms.auth_asym_id                      A 
_pdbx_distant_solvent_atoms.auth_comp_id                      HOH 
_pdbx_distant_solvent_atoms.auth_seq_id                       608 
_pdbx_distant_solvent_atoms.PDB_ins_code                      ? 
_pdbx_distant_solvent_atoms.neighbor_macromolecule_distance   5.94 
_pdbx_distant_solvent_atoms.neighbor_ligand_distance          . 
# 
loop_
_chem_comp_atom.comp_id 
_chem_comp_atom.atom_id 
_chem_comp_atom.type_symbol 
_chem_comp_atom.pdbx_aromatic_flag 
_chem_comp_atom.pdbx_stereo_config 
_chem_comp_atom.pdbx_ordinal 
78R N2   N N N 1   
78R N1   N N N 2   
78R C5   C N N 3   
78R C7   C N N 4   
78R C8   C N S 5   
78R C6   C N N 6   
78R C23  C N N 7   
78R C24  C N R 8   
78R C25  C N N 9   
78R C26  C N R 10  
78R C27  C N N 11  
78R C28  C N N 12  
78R C29  C N N 13  
78R C30  C N N 14  
78R C31  C Y N 15  
78R C32  C Y N 16  
78R C33  C Y N 17  
78R C34  C Y N 18  
78R C35  C Y N 19  
78R C36  C Y N 20  
78R C37  C N N 21  
78R C38  C N N 22  
78R C39  C N N 23  
78R O44  O N N 24  
78R O45  O N N 25  
78R O46  O N N 26  
78R O47  O N N 27  
78R N4   N N N 28  
78R C19  C N S 29  
78R C18  C N N 30  
78R O43  O N N 31  
78R C20  C N N 32  
78R C21  C N N 33  
78R C22  C N N 34  
78R N3   N N N 35  
78R C10  C N S 36  
78R C11  C N N 37  
78R C12  C Y N 38  
78R C17  C Y N 39  
78R C16  C Y N 40  
78R C13  C Y N 41  
78R C14  C Y N 42  
78R C15  C Y N 43  
78R O42  O N N 44  
78R C9   C N N 45  
78R O41  O N N 46  
78R H1   H N N 47  
78R H2   H N N 48  
78R H3   H N N 49  
78R H4   H N N 50  
78R H5   H N N 51  
78R H9   H N N 52  
78R H16  H N N 53  
78R H17  H N N 54  
78R H26  H N N 55  
78R H27  H N N 56  
78R H28  H N N 57  
78R H29  H N N 58  
78R H30  H N N 59  
78R H31  H N N 60  
78R H32  H N N 61  
78R H33  H N N 62  
78R H34  H N N 63  
78R H35  H N N 64  
78R H36  H N N 65  
78R H37  H N N 66  
78R H38  H N N 67  
78R H39  H N N 68  
78R H40  H N N 69  
78R H41  H N N 70  
78R H42  H N N 71  
78R H43  H N N 72  
78R H44  H N N 73  
78R H45  H N N 74  
78R H22  H N N 75  
78R H14  H N N 76  
78R H15  H N N 77  
78R H18  H N N 78  
78R H19  H N N 79  
78R H20  H N N 80  
78R H23  H N N 81  
78R H24  H N N 82  
78R H25  H N N 83  
78R H21  H N N 84  
78R H7   H N N 85  
78R H11  H N N 86  
78R H12  H N N 87  
78R H10  H N N 88  
78R H6   H N N 89  
78R H13  H N N 90  
78R H8   H N N 91  
78R H46  H N N 92  
ALA N    N N N 93  
ALA CA   C N S 94  
ALA C    C N N 95  
ALA O    O N N 96  
ALA CB   C N N 97  
ALA OXT  O N N 98  
ALA H    H N N 99  
ALA H2   H N N 100 
ALA HA   H N N 101 
ALA HB1  H N N 102 
ALA HB2  H N N 103 
ALA HB3  H N N 104 
ALA HXT  H N N 105 
ARG N    N N N 106 
ARG CA   C N S 107 
ARG C    C N N 108 
ARG O    O N N 109 
ARG CB   C N N 110 
ARG CG   C N N 111 
ARG CD   C N N 112 
ARG NE   N N N 113 
ARG CZ   C N N 114 
ARG NH1  N N N 115 
ARG NH2  N N N 116 
ARG OXT  O N N 117 
ARG H    H N N 118 
ARG H2   H N N 119 
ARG HA   H N N 120 
ARG HB2  H N N 121 
ARG HB3  H N N 122 
ARG HG2  H N N 123 
ARG HG3  H N N 124 
ARG HD2  H N N 125 
ARG HD3  H N N 126 
ARG HE   H N N 127 
ARG HH11 H N N 128 
ARG HH12 H N N 129 
ARG HH21 H N N 130 
ARG HH22 H N N 131 
ARG HXT  H N N 132 
ASN N    N N N 133 
ASN CA   C N S 134 
ASN C    C N N 135 
ASN O    O N N 136 
ASN CB   C N N 137 
ASN CG   C N N 138 
ASN OD1  O N N 139 
ASN ND2  N N N 140 
ASN OXT  O N N 141 
ASN H    H N N 142 
ASN H2   H N N 143 
ASN HA   H N N 144 
ASN HB2  H N N 145 
ASN HB3  H N N 146 
ASN HD21 H N N 147 
ASN HD22 H N N 148 
ASN HXT  H N N 149 
ASP N    N N N 150 
ASP CA   C N S 151 
ASP C    C N N 152 
ASP O    O N N 153 
ASP CB   C N N 154 
ASP CG   C N N 155 
ASP OD1  O N N 156 
ASP OD2  O N N 157 
ASP OXT  O N N 158 
ASP H    H N N 159 
ASP H2   H N N 160 
ASP HA   H N N 161 
ASP HB2  H N N 162 
ASP HB3  H N N 163 
ASP HD2  H N N 164 
ASP HXT  H N N 165 
CYS N    N N N 166 
CYS CA   C N R 167 
CYS C    C N N 168 
CYS O    O N N 169 
CYS CB   C N N 170 
CYS SG   S N N 171 
CYS OXT  O N N 172 
CYS H    H N N 173 
CYS H2   H N N 174 
CYS HA   H N N 175 
CYS HB2  H N N 176 
CYS HB3  H N N 177 
CYS HG   H N N 178 
CYS HXT  H N N 179 
GLN N    N N N 180 
GLN CA   C N S 181 
GLN C    C N N 182 
GLN O    O N N 183 
GLN CB   C N N 184 
GLN CG   C N N 185 
GLN CD   C N N 186 
GLN OE1  O N N 187 
GLN NE2  N N N 188 
GLN OXT  O N N 189 
GLN H    H N N 190 
GLN H2   H N N 191 
GLN HA   H N N 192 
GLN HB2  H N N 193 
GLN HB3  H N N 194 
GLN HG2  H N N 195 
GLN HG3  H N N 196 
GLN HE21 H N N 197 
GLN HE22 H N N 198 
GLN HXT  H N N 199 
GLU N    N N N 200 
GLU CA   C N S 201 
GLU C    C N N 202 
GLU O    O N N 203 
GLU CB   C N N 204 
GLU CG   C N N 205 
GLU CD   C N N 206 
GLU OE1  O N N 207 
GLU OE2  O N N 208 
GLU OXT  O N N 209 
GLU H    H N N 210 
GLU H2   H N N 211 
GLU HA   H N N 212 
GLU HB2  H N N 213 
GLU HB3  H N N 214 
GLU HG2  H N N 215 
GLU HG3  H N N 216 
GLU HE2  H N N 217 
GLU HXT  H N N 218 
GLY N    N N N 219 
GLY CA   C N N 220 
GLY C    C N N 221 
GLY O    O N N 222 
GLY OXT  O N N 223 
GLY H    H N N 224 
GLY H2   H N N 225 
GLY HA2  H N N 226 
GLY HA3  H N N 227 
GLY HXT  H N N 228 
HIS N    N N N 229 
HIS CA   C N S 230 
HIS C    C N N 231 
HIS O    O N N 232 
HIS CB   C N N 233 
HIS CG   C Y N 234 
HIS ND1  N Y N 235 
HIS CD2  C Y N 236 
HIS CE1  C Y N 237 
HIS NE2  N Y N 238 
HIS OXT  O N N 239 
HIS H    H N N 240 
HIS H2   H N N 241 
HIS HA   H N N 242 
HIS HB2  H N N 243 
HIS HB3  H N N 244 
HIS HD1  H N N 245 
HIS HD2  H N N 246 
HIS HE1  H N N 247 
HIS HE2  H N N 248 
HIS HXT  H N N 249 
HOH O    O N N 250 
HOH H1   H N N 251 
HOH H2   H N N 252 
ILE N    N N N 253 
ILE CA   C N S 254 
ILE C    C N N 255 
ILE O    O N N 256 
ILE CB   C N S 257 
ILE CG1  C N N 258 
ILE CG2  C N N 259 
ILE CD1  C N N 260 
ILE OXT  O N N 261 
ILE H    H N N 262 
ILE H2   H N N 263 
ILE HA   H N N 264 
ILE HB   H N N 265 
ILE HG12 H N N 266 
ILE HG13 H N N 267 
ILE HG21 H N N 268 
ILE HG22 H N N 269 
ILE HG23 H N N 270 
ILE HD11 H N N 271 
ILE HD12 H N N 272 
ILE HD13 H N N 273 
ILE HXT  H N N 274 
LEU N    N N N 275 
LEU CA   C N S 276 
LEU C    C N N 277 
LEU O    O N N 278 
LEU CB   C N N 279 
LEU CG   C N N 280 
LEU CD1  C N N 281 
LEU CD2  C N N 282 
LEU OXT  O N N 283 
LEU H    H N N 284 
LEU H2   H N N 285 
LEU HA   H N N 286 
LEU HB2  H N N 287 
LEU HB3  H N N 288 
LEU HG   H N N 289 
LEU HD11 H N N 290 
LEU HD12 H N N 291 
LEU HD13 H N N 292 
LEU HD21 H N N 293 
LEU HD22 H N N 294 
LEU HD23 H N N 295 
LEU HXT  H N N 296 
LYS N    N N N 297 
LYS CA   C N S 298 
LYS C    C N N 299 
LYS O    O N N 300 
LYS CB   C N N 301 
LYS CG   C N N 302 
LYS CD   C N N 303 
LYS CE   C N N 304 
LYS NZ   N N N 305 
LYS OXT  O N N 306 
LYS H    H N N 307 
LYS H2   H N N 308 
LYS HA   H N N 309 
LYS HB2  H N N 310 
LYS HB3  H N N 311 
LYS HG2  H N N 312 
LYS HG3  H N N 313 
LYS HD2  H N N 314 
LYS HD3  H N N 315 
LYS HE2  H N N 316 
LYS HE3  H N N 317 
LYS HZ1  H N N 318 
LYS HZ2  H N N 319 
LYS HZ3  H N N 320 
LYS HXT  H N N 321 
MET N    N N N 322 
MET CA   C N S 323 
MET C    C N N 324 
MET O    O N N 325 
MET CB   C N N 326 
MET CG   C N N 327 
MET SD   S N N 328 
MET CE   C N N 329 
MET OXT  O N N 330 
MET H    H N N 331 
MET H2   H N N 332 
MET HA   H N N 333 
MET HB2  H N N 334 
MET HB3  H N N 335 
MET HG2  H N N 336 
MET HG3  H N N 337 
MET HE1  H N N 338 
MET HE2  H N N 339 
MET HE3  H N N 340 
MET HXT  H N N 341 
PHE N    N N N 342 
PHE CA   C N S 343 
PHE C    C N N 344 
PHE O    O N N 345 
PHE CB   C N N 346 
PHE CG   C Y N 347 
PHE CD1  C Y N 348 
PHE CD2  C Y N 349 
PHE CE1  C Y N 350 
PHE CE2  C Y N 351 
PHE CZ   C Y N 352 
PHE OXT  O N N 353 
PHE H    H N N 354 
PHE H2   H N N 355 
PHE HA   H N N 356 
PHE HB2  H N N 357 
PHE HB3  H N N 358 
PHE HD1  H N N 359 
PHE HD2  H N N 360 
PHE HE1  H N N 361 
PHE HE2  H N N 362 
PHE HZ   H N N 363 
PHE HXT  H N N 364 
PRO N    N N N 365 
PRO CA   C N S 366 
PRO C    C N N 367 
PRO O    O N N 368 
PRO CB   C N N 369 
PRO CG   C N N 370 
PRO CD   C N N 371 
PRO OXT  O N N 372 
PRO H    H N N 373 
PRO HA   H N N 374 
PRO HB2  H N N 375 
PRO HB3  H N N 376 
PRO HG2  H N N 377 
PRO HG3  H N N 378 
PRO HD2  H N N 379 
PRO HD3  H N N 380 
PRO HXT  H N N 381 
SER N    N N N 382 
SER CA   C N S 383 
SER C    C N N 384 
SER O    O N N 385 
SER CB   C N N 386 
SER OG   O N N 387 
SER OXT  O N N 388 
SER H    H N N 389 
SER H2   H N N 390 
SER HA   H N N 391 
SER HB2  H N N 392 
SER HB3  H N N 393 
SER HG   H N N 394 
SER HXT  H N N 395 
THR N    N N N 396 
THR CA   C N S 397 
THR C    C N N 398 
THR O    O N N 399 
THR CB   C N R 400 
THR OG1  O N N 401 
THR CG2  C N N 402 
THR OXT  O N N 403 
THR H    H N N 404 
THR H2   H N N 405 
THR HA   H N N 406 
THR HB   H N N 407 
THR HG1  H N N 408 
THR HG21 H N N 409 
THR HG22 H N N 410 
THR HG23 H N N 411 
THR HXT  H N N 412 
TRP N    N N N 413 
TRP CA   C N S 414 
TRP C    C N N 415 
TRP O    O N N 416 
TRP CB   C N N 417 
TRP CG   C Y N 418 
TRP CD1  C Y N 419 
TRP CD2  C Y N 420 
TRP NE1  N Y N 421 
TRP CE2  C Y N 422 
TRP CE3  C Y N 423 
TRP CZ2  C Y N 424 
TRP CZ3  C Y N 425 
TRP CH2  C Y N 426 
TRP OXT  O N N 427 
TRP H    H N N 428 
TRP H2   H N N 429 
TRP HA   H N N 430 
TRP HB2  H N N 431 
TRP HB3  H N N 432 
TRP HD1  H N N 433 
TRP HE1  H N N 434 
TRP HE3  H N N 435 
TRP HZ2  H N N 436 
TRP HZ3  H N N 437 
TRP HH2  H N N 438 
TRP HXT  H N N 439 
TYR N    N N N 440 
TYR CA   C N S 441 
TYR C    C N N 442 
TYR O    O N N 443 
TYR CB   C N N 444 
TYR CG   C Y N 445 
TYR CD1  C Y N 446 
TYR CD2  C Y N 447 
TYR CE1  C Y N 448 
TYR CE2  C Y N 449 
TYR CZ   C Y N 450 
TYR OH   O N N 451 
TYR OXT  O N N 452 
TYR H    H N N 453 
TYR H2   H N N 454 
TYR HA   H N N 455 
TYR HB2  H N N 456 
TYR HB3  H N N 457 
TYR HD1  H N N 458 
TYR HD2  H N N 459 
TYR HE1  H N N 460 
TYR HE2  H N N 461 
TYR HH   H N N 462 
TYR HXT  H N N 463 
VAL N    N N N 464 
VAL CA   C N S 465 
VAL C    C N N 466 
VAL O    O N N 467 
VAL CB   C N N 468 
VAL CG1  C N N 469 
VAL CG2  C N N 470 
VAL OXT  O N N 471 
VAL H    H N N 472 
VAL H2   H N N 473 
VAL HA   H N N 474 
VAL HB   H N N 475 
VAL HG11 H N N 476 
VAL HG12 H N N 477 
VAL HG13 H N N 478 
VAL HG21 H N N 479 
VAL HG22 H N N 480 
VAL HG23 H N N 481 
VAL HXT  H N N 482 
# 
loop_
_chem_comp_bond.comp_id 
_chem_comp_bond.atom_id_1 
_chem_comp_bond.atom_id_2 
_chem_comp_bond.value_order 
_chem_comp_bond.pdbx_aromatic_flag 
_chem_comp_bond.pdbx_stereo_config 
_chem_comp_bond.pdbx_ordinal 
78R O41 C9   doub N N 1   
78R C6  C7   sing N N 2   
78R C6  C5   sing N N 3   
78R C7  N1   sing N N 4   
78R C9  N1   sing N N 5   
78R C9  C10  sing N N 6   
78R C21 C20  sing N N 7   
78R C11 C10  sing N N 8   
78R C11 C12  sing N N 9   
78R N1  N2   sing N N 10  
78R C5  C8   sing N N 11  
78R N3  C10  sing N N 12  
78R N3  C18  sing N N 13  
78R C12 C17  doub Y N 14  
78R C12 C13  sing Y N 15  
78R C8  N2   sing N N 16  
78R C8  C29  sing N N 17  
78R C22 C20  sing N N 18  
78R C17 C16  sing Y N 19  
78R C20 C19  sing N N 20  
78R C19 C18  sing N N 21  
78R C19 N4   sing N N 22  
78R O44 C23  doub N N 23  
78R C18 O43  doub N N 24  
78R C13 C14  doub Y N 25  
78R C16 C15  doub Y N 26  
78R C14 C15  sing Y N 27  
78R C14 O42  sing N N 28  
78R C29 O47  sing N N 29  
78R C29 O45  doub N N 30  
78R C23 N4   sing N N 31  
78R C23 C24  sing N N 32  
78R O47 C30  sing N N 33  
78R C24 C25  sing N N 34  
78R C24 C26  sing N N 35  
78R C30 C31  sing N N 36  
78R C32 C31  doub Y N 37  
78R C32 C33  sing Y N 38  
78R C27 C26  sing N N 39  
78R C27 C28  sing N N 40  
78R C31 C36  sing Y N 41  
78R C26 O46  sing N N 42  
78R O46 C39  sing N N 43  
78R C37 C33  sing N N 44  
78R C37 C38  doub N E 45  
78R C33 C34  doub Y N 46  
78R C28 C38  sing N N 47  
78R C36 C35  doub Y N 48  
78R C34 C35  sing Y N 49  
78R N2  H1   sing N N 50  
78R C5  H2   sing N N 51  
78R C5  H3   sing N N 52  
78R C7  H4   sing N N 53  
78R C7  H5   sing N N 54  
78R C16 H6   sing N N 55  
78R C10 H7   sing N N 56  
78R C15 H8   sing N N 57  
78R C8  H9   sing N N 58  
78R C17 H10  sing N N 59  
78R C11 H11  sing N N 60  
78R C11 H12  sing N N 61  
78R C13 H13  sing N N 62  
78R C19 H14  sing N N 63  
78R C20 H15  sing N N 64  
78R C6  H16  sing N N 65  
78R C6  H17  sing N N 66  
78R C21 H18  sing N N 67  
78R C21 H19  sing N N 68  
78R C21 H20  sing N N 69  
78R N3  H21  sing N N 70  
78R N4  H22  sing N N 71  
78R C22 H23  sing N N 72  
78R C22 H24  sing N N 73  
78R C22 H25  sing N N 74  
78R C24 H26  sing N N 75  
78R C25 H27  sing N N 76  
78R C25 H28  sing N N 77  
78R C25 H29  sing N N 78  
78R C26 H30  sing N N 79  
78R C27 H31  sing N N 80  
78R C27 H32  sing N N 81  
78R C28 H33  sing N N 82  
78R C28 H34  sing N N 83  
78R C30 H35  sing N N 84  
78R C30 H36  sing N N 85  
78R C32 H37  sing N N 86  
78R C34 H38  sing N N 87  
78R C35 H39  sing N N 88  
78R C36 H40  sing N N 89  
78R C37 H41  sing N N 90  
78R C38 H42  sing N N 91  
78R C39 H43  sing N N 92  
78R C39 H44  sing N N 93  
78R C39 H45  sing N N 94  
78R O42 H46  sing N N 95  
ALA N   CA   sing N N 96  
ALA N   H    sing N N 97  
ALA N   H2   sing N N 98  
ALA CA  C    sing N N 99  
ALA CA  CB   sing N N 100 
ALA CA  HA   sing N N 101 
ALA C   O    doub N N 102 
ALA C   OXT  sing N N 103 
ALA CB  HB1  sing N N 104 
ALA CB  HB2  sing N N 105 
ALA CB  HB3  sing N N 106 
ALA OXT HXT  sing N N 107 
ARG N   CA   sing N N 108 
ARG N   H    sing N N 109 
ARG N   H2   sing N N 110 
ARG CA  C    sing N N 111 
ARG CA  CB   sing N N 112 
ARG CA  HA   sing N N 113 
ARG C   O    doub N N 114 
ARG C   OXT  sing N N 115 
ARG CB  CG   sing N N 116 
ARG CB  HB2  sing N N 117 
ARG CB  HB3  sing N N 118 
ARG CG  CD   sing N N 119 
ARG CG  HG2  sing N N 120 
ARG CG  HG3  sing N N 121 
ARG CD  NE   sing N N 122 
ARG CD  HD2  sing N N 123 
ARG CD  HD3  sing N N 124 
ARG NE  CZ   sing N N 125 
ARG NE  HE   sing N N 126 
ARG CZ  NH1  sing N N 127 
ARG CZ  NH2  doub N N 128 
ARG NH1 HH11 sing N N 129 
ARG NH1 HH12 sing N N 130 
ARG NH2 HH21 sing N N 131 
ARG NH2 HH22 sing N N 132 
ARG OXT HXT  sing N N 133 
ASN N   CA   sing N N 134 
ASN N   H    sing N N 135 
ASN N   H2   sing N N 136 
ASN CA  C    sing N N 137 
ASN CA  CB   sing N N 138 
ASN CA  HA   sing N N 139 
ASN C   O    doub N N 140 
ASN C   OXT  sing N N 141 
ASN CB  CG   sing N N 142 
ASN CB  HB2  sing N N 143 
ASN CB  HB3  sing N N 144 
ASN CG  OD1  doub N N 145 
ASN CG  ND2  sing N N 146 
ASN ND2 HD21 sing N N 147 
ASN ND2 HD22 sing N N 148 
ASN OXT HXT  sing N N 149 
ASP N   CA   sing N N 150 
ASP N   H    sing N N 151 
ASP N   H2   sing N N 152 
ASP CA  C    sing N N 153 
ASP CA  CB   sing N N 154 
ASP CA  HA   sing N N 155 
ASP C   O    doub N N 156 
ASP C   OXT  sing N N 157 
ASP CB  CG   sing N N 158 
ASP CB  HB2  sing N N 159 
ASP CB  HB3  sing N N 160 
ASP CG  OD1  doub N N 161 
ASP CG  OD2  sing N N 162 
ASP OD2 HD2  sing N N 163 
ASP OXT HXT  sing N N 164 
CYS N   CA   sing N N 165 
CYS N   H    sing N N 166 
CYS N   H2   sing N N 167 
CYS CA  C    sing N N 168 
CYS CA  CB   sing N N 169 
CYS CA  HA   sing N N 170 
CYS C   O    doub N N 171 
CYS C   OXT  sing N N 172 
CYS CB  SG   sing N N 173 
CYS CB  HB2  sing N N 174 
CYS CB  HB3  sing N N 175 
CYS SG  HG   sing N N 176 
CYS OXT HXT  sing N N 177 
GLN N   CA   sing N N 178 
GLN N   H    sing N N 179 
GLN N   H2   sing N N 180 
GLN CA  C    sing N N 181 
GLN CA  CB   sing N N 182 
GLN CA  HA   sing N N 183 
GLN C   O    doub N N 184 
GLN C   OXT  sing N N 185 
GLN CB  CG   sing N N 186 
GLN CB  HB2  sing N N 187 
GLN CB  HB3  sing N N 188 
GLN CG  CD   sing N N 189 
GLN CG  HG2  sing N N 190 
GLN CG  HG3  sing N N 191 
GLN CD  OE1  doub N N 192 
GLN CD  NE2  sing N N 193 
GLN NE2 HE21 sing N N 194 
GLN NE2 HE22 sing N N 195 
GLN OXT HXT  sing N N 196 
GLU N   CA   sing N N 197 
GLU N   H    sing N N 198 
GLU N   H2   sing N N 199 
GLU CA  C    sing N N 200 
GLU CA  CB   sing N N 201 
GLU CA  HA   sing N N 202 
GLU C   O    doub N N 203 
GLU C   OXT  sing N N 204 
GLU CB  CG   sing N N 205 
GLU CB  HB2  sing N N 206 
GLU CB  HB3  sing N N 207 
GLU CG  CD   sing N N 208 
GLU CG  HG2  sing N N 209 
GLU CG  HG3  sing N N 210 
GLU CD  OE1  doub N N 211 
GLU CD  OE2  sing N N 212 
GLU OE2 HE2  sing N N 213 
GLU OXT HXT  sing N N 214 
GLY N   CA   sing N N 215 
GLY N   H    sing N N 216 
GLY N   H2   sing N N 217 
GLY CA  C    sing N N 218 
GLY CA  HA2  sing N N 219 
GLY CA  HA3  sing N N 220 
GLY C   O    doub N N 221 
GLY C   OXT  sing N N 222 
GLY OXT HXT  sing N N 223 
HIS N   CA   sing N N 224 
HIS N   H    sing N N 225 
HIS N   H2   sing N N 226 
HIS CA  C    sing N N 227 
HIS CA  CB   sing N N 228 
HIS CA  HA   sing N N 229 
HIS C   O    doub N N 230 
HIS C   OXT  sing N N 231 
HIS CB  CG   sing N N 232 
HIS CB  HB2  sing N N 233 
HIS CB  HB3  sing N N 234 
HIS CG  ND1  sing Y N 235 
HIS CG  CD2  doub Y N 236 
HIS ND1 CE1  doub Y N 237 
HIS ND1 HD1  sing N N 238 
HIS CD2 NE2  sing Y N 239 
HIS CD2 HD2  sing N N 240 
HIS CE1 NE2  sing Y N 241 
HIS CE1 HE1  sing N N 242 
HIS NE2 HE2  sing N N 243 
HIS OXT HXT  sing N N 244 
HOH O   H1   sing N N 245 
HOH O   H2   sing N N 246 
ILE N   CA   sing N N 247 
ILE N   H    sing N N 248 
ILE N   H2   sing N N 249 
ILE CA  C    sing N N 250 
ILE CA  CB   sing N N 251 
ILE CA  HA   sing N N 252 
ILE C   O    doub N N 253 
ILE C   OXT  sing N N 254 
ILE CB  CG1  sing N N 255 
ILE CB  CG2  sing N N 256 
ILE CB  HB   sing N N 257 
ILE CG1 CD1  sing N N 258 
ILE CG1 HG12 sing N N 259 
ILE CG1 HG13 sing N N 260 
ILE CG2 HG21 sing N N 261 
ILE CG2 HG22 sing N N 262 
ILE CG2 HG23 sing N N 263 
ILE CD1 HD11 sing N N 264 
ILE CD1 HD12 sing N N 265 
ILE CD1 HD13 sing N N 266 
ILE OXT HXT  sing N N 267 
LEU N   CA   sing N N 268 
LEU N   H    sing N N 269 
LEU N   H2   sing N N 270 
LEU CA  C    sing N N 271 
LEU CA  CB   sing N N 272 
LEU CA  HA   sing N N 273 
LEU C   O    doub N N 274 
LEU C   OXT  sing N N 275 
LEU CB  CG   sing N N 276 
LEU CB  HB2  sing N N 277 
LEU CB  HB3  sing N N 278 
LEU CG  CD1  sing N N 279 
LEU CG  CD2  sing N N 280 
LEU CG  HG   sing N N 281 
LEU CD1 HD11 sing N N 282 
LEU CD1 HD12 sing N N 283 
LEU CD1 HD13 sing N N 284 
LEU CD2 HD21 sing N N 285 
LEU CD2 HD22 sing N N 286 
LEU CD2 HD23 sing N N 287 
LEU OXT HXT  sing N N 288 
LYS N   CA   sing N N 289 
LYS N   H    sing N N 290 
LYS N   H2   sing N N 291 
LYS CA  C    sing N N 292 
LYS CA  CB   sing N N 293 
LYS CA  HA   sing N N 294 
LYS C   O    doub N N 295 
LYS C   OXT  sing N N 296 
LYS CB  CG   sing N N 297 
LYS CB  HB2  sing N N 298 
LYS CB  HB3  sing N N 299 
LYS CG  CD   sing N N 300 
LYS CG  HG2  sing N N 301 
LYS CG  HG3  sing N N 302 
LYS CD  CE   sing N N 303 
LYS CD  HD2  sing N N 304 
LYS CD  HD3  sing N N 305 
LYS CE  NZ   sing N N 306 
LYS CE  HE2  sing N N 307 
LYS CE  HE3  sing N N 308 
LYS NZ  HZ1  sing N N 309 
LYS NZ  HZ2  sing N N 310 
LYS NZ  HZ3  sing N N 311 
LYS OXT HXT  sing N N 312 
MET N   CA   sing N N 313 
MET N   H    sing N N 314 
MET N   H2   sing N N 315 
MET CA  C    sing N N 316 
MET CA  CB   sing N N 317 
MET CA  HA   sing N N 318 
MET C   O    doub N N 319 
MET C   OXT  sing N N 320 
MET CB  CG   sing N N 321 
MET CB  HB2  sing N N 322 
MET CB  HB3  sing N N 323 
MET CG  SD   sing N N 324 
MET CG  HG2  sing N N 325 
MET CG  HG3  sing N N 326 
MET SD  CE   sing N N 327 
MET CE  HE1  sing N N 328 
MET CE  HE2  sing N N 329 
MET CE  HE3  sing N N 330 
MET OXT HXT  sing N N 331 
PHE N   CA   sing N N 332 
PHE N   H    sing N N 333 
PHE N   H2   sing N N 334 
PHE CA  C    sing N N 335 
PHE CA  CB   sing N N 336 
PHE CA  HA   sing N N 337 
PHE C   O    doub N N 338 
PHE C   OXT  sing N N 339 
PHE CB  CG   sing N N 340 
PHE CB  HB2  sing N N 341 
PHE CB  HB3  sing N N 342 
PHE CG  CD1  doub Y N 343 
PHE CG  CD2  sing Y N 344 
PHE CD1 CE1  sing Y N 345 
PHE CD1 HD1  sing N N 346 
PHE CD2 CE2  doub Y N 347 
PHE CD2 HD2  sing N N 348 
PHE CE1 CZ   doub Y N 349 
PHE CE1 HE1  sing N N 350 
PHE CE2 CZ   sing Y N 351 
PHE CE2 HE2  sing N N 352 
PHE CZ  HZ   sing N N 353 
PHE OXT HXT  sing N N 354 
PRO N   CA   sing N N 355 
PRO N   CD   sing N N 356 
PRO N   H    sing N N 357 
PRO CA  C    sing N N 358 
PRO CA  CB   sing N N 359 
PRO CA  HA   sing N N 360 
PRO C   O    doub N N 361 
PRO C   OXT  sing N N 362 
PRO CB  CG   sing N N 363 
PRO CB  HB2  sing N N 364 
PRO CB  HB3  sing N N 365 
PRO CG  CD   sing N N 366 
PRO CG  HG2  sing N N 367 
PRO CG  HG3  sing N N 368 
PRO CD  HD2  sing N N 369 
PRO CD  HD3  sing N N 370 
PRO OXT HXT  sing N N 371 
SER N   CA   sing N N 372 
SER N   H    sing N N 373 
SER N   H2   sing N N 374 
SER CA  C    sing N N 375 
SER CA  CB   sing N N 376 
SER CA  HA   sing N N 377 
SER C   O    doub N N 378 
SER C   OXT  sing N N 379 
SER CB  OG   sing N N 380 
SER CB  HB2  sing N N 381 
SER CB  HB3  sing N N 382 
SER OG  HG   sing N N 383 
SER OXT HXT  sing N N 384 
THR N   CA   sing N N 385 
THR N   H    sing N N 386 
THR N   H2   sing N N 387 
THR CA  C    sing N N 388 
THR CA  CB   sing N N 389 
THR CA  HA   sing N N 390 
THR C   O    doub N N 391 
THR C   OXT  sing N N 392 
THR CB  OG1  sing N N 393 
THR CB  CG2  sing N N 394 
THR CB  HB   sing N N 395 
THR OG1 HG1  sing N N 396 
THR CG2 HG21 sing N N 397 
THR CG2 HG22 sing N N 398 
THR CG2 HG23 sing N N 399 
THR OXT HXT  sing N N 400 
TRP N   CA   sing N N 401 
TRP N   H    sing N N 402 
TRP N   H2   sing N N 403 
TRP CA  C    sing N N 404 
TRP CA  CB   sing N N 405 
TRP CA  HA   sing N N 406 
TRP C   O    doub N N 407 
TRP C   OXT  sing N N 408 
TRP CB  CG   sing N N 409 
TRP CB  HB2  sing N N 410 
TRP CB  HB3  sing N N 411 
TRP CG  CD1  doub Y N 412 
TRP CG  CD2  sing Y N 413 
TRP CD1 NE1  sing Y N 414 
TRP CD1 HD1  sing N N 415 
TRP CD2 CE2  doub Y N 416 
TRP CD2 CE3  sing Y N 417 
TRP NE1 CE2  sing Y N 418 
TRP NE1 HE1  sing N N 419 
TRP CE2 CZ2  sing Y N 420 
TRP CE3 CZ3  doub Y N 421 
TRP CE3 HE3  sing N N 422 
TRP CZ2 CH2  doub Y N 423 
TRP CZ2 HZ2  sing N N 424 
TRP CZ3 CH2  sing Y N 425 
TRP CZ3 HZ3  sing N N 426 
TRP CH2 HH2  sing N N 427 
TRP OXT HXT  sing N N 428 
TYR N   CA   sing N N 429 
TYR N   H    sing N N 430 
TYR N   H2   sing N N 431 
TYR CA  C    sing N N 432 
TYR CA  CB   sing N N 433 
TYR CA  HA   sing N N 434 
TYR C   O    doub N N 435 
TYR C   OXT  sing N N 436 
TYR CB  CG   sing N N 437 
TYR CB  HB2  sing N N 438 
TYR CB  HB3  sing N N 439 
TYR CG  CD1  doub Y N 440 
TYR CG  CD2  sing Y N 441 
TYR CD1 CE1  sing Y N 442 
TYR CD1 HD1  sing N N 443 
TYR CD2 CE2  doub Y N 444 
TYR CD2 HD2  sing N N 445 
TYR CE1 CZ   doub Y N 446 
TYR CE1 HE1  sing N N 447 
TYR CE2 CZ   sing Y N 448 
TYR CE2 HE2  sing N N 449 
TYR CZ  OH   sing N N 450 
TYR OH  HH   sing N N 451 
TYR OXT HXT  sing N N 452 
VAL N   CA   sing N N 453 
VAL N   H    sing N N 454 
VAL N   H2   sing N N 455 
VAL CA  C    sing N N 456 
VAL CA  CB   sing N N 457 
VAL CA  HA   sing N N 458 
VAL C   O    doub N N 459 
VAL C   OXT  sing N N 460 
VAL CB  CG1  sing N N 461 
VAL CB  CG2  sing N N 462 
VAL CB  HB   sing N N 463 
VAL CG1 HG11 sing N N 464 
VAL CG1 HG12 sing N N 465 
VAL CG1 HG13 sing N N 466 
VAL CG2 HG21 sing N N 467 
VAL CG2 HG22 sing N N 468 
VAL CG2 HG23 sing N N 469 
VAL OXT HXT  sing N N 470 
# 
_atom_sites.entry_id                    5T9Z 
_atom_sites.fract_transf_matrix[1][1]   -0.01105901 
_atom_sites.fract_transf_matrix[1][2]   0.02459020 
_atom_sites.fract_transf_matrix[1][3]   0.00585994 
_atom_sites.fract_transf_matrix[2][1]   -0.01437580 
_atom_sites.fract_transf_matrix[2][2]   -0.00871517 
_atom_sites.fract_transf_matrix[2][3]   0.00944134 
_atom_sites.fract_transf_matrix[3][1]   0.00650001 
_atom_sites.fract_transf_matrix[3][2]   0.00046290 
_atom_sites.fract_transf_matrix[3][3]   0.01032450 
_atom_sites.fract_transf_vector[1]      0.300532 
_atom_sites.fract_transf_vector[2]      0.068186 
_atom_sites.fract_transf_vector[3]      0.136536 
# 
loop_
_atom_type.symbol 
C 
N 
O 
S 
# 
loop_
_atom_site.group_PDB 
_atom_site.id 
_atom_site.type_symbol 
_atom_site.label_atom_id 
_atom_site.label_alt_id 
_atom_site.label_comp_id 
_atom_site.label_asym_id 
_atom_site.label_entity_id 
_atom_site.label_seq_id 
_atom_site.pdbx_PDB_ins_code 
_atom_site.Cartn_x 
_atom_site.Cartn_y 
_atom_site.Cartn_z 
_atom_site.occupancy 
_atom_site.B_iso_or_equiv 
_atom_site.pdbx_formal_charge 
_atom_site.auth_seq_id 
_atom_site.auth_comp_id 
_atom_site.auth_asym_id 
_atom_site.auth_atom_id 
_atom_site.pdbx_PDB_model_num 
ATOM   1    N N   . VAL A 1 1   ? -16.438 -7.324  -10.393 1.00 37.37 ? 2   VAL A N   1 
ATOM   2    C CA  . VAL A 1 1   ? -15.293 -8.035  -10.925 1.00 33.15 ? 2   VAL A CA  1 
ATOM   3    C C   . VAL A 1 1   ? -14.010 -7.483  -10.269 1.00 22.83 ? 2   VAL A C   1 
ATOM   4    O O   . VAL A 1 1   ? -12.986 -8.163  -10.268 1.00 32.60 ? 2   VAL A O   1 
ATOM   5    C CB  . VAL A 1 1   ? -15.225 -7.936  -12.476 1.00 23.84 ? 2   VAL A CB  1 
ATOM   6    C CG1 . VAL A 1 1   ? -14.891 -6.544  -12.903 1.00 24.93 ? 2   VAL A CG1 1 
ATOM   7    C CG2 . VAL A 1 1   ? -14.241 -8.952  -13.072 1.00 37.20 ? 2   VAL A CG2 1 
ATOM   8    N N   . ASN A 1 2   ? -14.048 -6.278  -9.691  1.00 21.29 ? 3   ASN A N   1 
ATOM   9    C CA  . ASN A 1 2   ? -12.832 -5.766  -9.023  1.00 18.60 ? 3   ASN A CA  1 
ATOM   10   C C   . ASN A 1 2   ? -12.544 -6.573  -7.771  1.00 15.72 ? 3   ASN A C   1 
ATOM   11   O O   . ASN A 1 2   ? -13.437 -6.774  -6.934  1.00 17.97 ? 3   ASN A O   1 
ATOM   12   C CB  . ASN A 1 2   ? -12.974 -4.297  -8.618  1.00 14.64 ? 3   ASN A CB  1 
ATOM   13   C CG  . ASN A 1 2   ? -12.781 -3.332  -9.762  1.00 15.44 ? 3   ASN A CG  1 
ATOM   14   O OD1 . ASN A 1 2   ? -12.246 -3.678  -10.825 1.00 17.25 ? 3   ASN A OD1 1 
ATOM   15   N ND2 . ASN A 1 2   ? -13.190 -2.088  -9.543  1.00 16.47 ? 3   ASN A ND2 1 
ATOM   16   N N   . PRO A 1 3   ? -11.304 -7.056  -7.620  1.00 13.99 ? 4   PRO A N   1 
ATOM   17   C CA  . PRO A 1 3   ? -10.941 -7.829  -6.437  1.00 13.52 ? 4   PRO A CA  1 
ATOM   18   C C   . PRO A 1 3   ? -10.942 -6.981  -5.165  1.00 13.17 ? 4   PRO A C   1 
ATOM   19   O O   . PRO A 1 3   ? -10.713 -5.735  -5.215  1.00 12.79 ? 4   PRO A O   1 
ATOM   20   C CB  . PRO A 1 3   ? -9.514  -8.320  -6.728  1.00 17.79 ? 4   PRO A CB  1 
ATOM   21   C CG  . PRO A 1 3   ? -9.180  -7.835  -8.061  1.00 20.00 ? 4   PRO A CG  1 
ATOM   22   C CD  . PRO A 1 3   ? -10.161 -6.837  -8.528  1.00 14.48 ? 4   PRO A CD  1 
ATOM   23   N N   . THR A 1 4   ? -11.145 -7.646  -4.045  1.00 12.66 ? 5   THR A N   1 
ATOM   24   C CA  . THR A 1 4   ? -10.966 -7.001  -2.751  1.00 13.54 ? 5   THR A CA  1 
ATOM   25   C C   . THR A 1 4   ? -9.962  -7.788  -1.937  1.00 11.71 ? 5   THR A C   1 
ATOM   26   O O   . THR A 1 4   ? -9.974  -9.044  -1.914  1.00 12.41 ? 5   THR A O   1 
ATOM   27   C CB  . THR A 1 4   ? -12.292 -6.845  -1.972  1.00 20.52 ? 5   THR A CB  1 
ATOM   28   O OG1 . THR A 1 4   ? -12.823 -8.120  -1.704  1.00 29.64 ? 5   THR A OG1 1 
ATOM   29   C CG2 . THR A 1 4   ? -13.298 -6.088  -2.774  1.00 22.11 ? 5   THR A CG2 1 
ATOM   30   N N   . VAL A 1 5   ? -9.013  -7.073  -1.330  1.00 10.33 ? 6   VAL A N   1 
ATOM   31   C CA  . VAL A 1 5   ? -7.986  -7.698  -0.532  1.00 9.22  ? 6   VAL A CA  1 
ATOM   32   C C   . VAL A 1 5   ? -7.984  -7.062  0.846   1.00 8.69  ? 6   VAL A C   1 
ATOM   33   O O   . VAL A 1 5   ? -8.585  -6.018  1.048   1.00 8.27  ? 6   VAL A O   1 
ATOM   34   C CB  . VAL A 1 5   ? -6.603  -7.641  -1.184  1.00 10.83 ? 6   VAL A CB  1 
ATOM   35   C CG1 . VAL A 1 5   ? -6.642  -8.406  -2.493  1.00 13.35 ? 6   VAL A CG1 1 
ATOM   36   C CG2 . VAL A 1 5   ? -6.204  -6.251  -1.423  1.00 12.64 ? 6   VAL A CG2 1 
ATOM   37   N N   . PHE A 1 6   ? -7.369  -7.737  1.808   1.00 8.40  ? 7   PHE A N   1 
ATOM   38   C CA  . PHE A 1 6   ? -7.334  -7.241  3.185   1.00 8.70  ? 7   PHE A CA  1 
ATOM   39   C C   . PHE A 1 6   ? -5.925  -7.384  3.756   1.00 9.43  ? 7   PHE A C   1 
ATOM   40   O O   . PHE A 1 6   ? -5.138  -8.291  3.391   1.00 8.55  ? 7   PHE A O   1 
ATOM   41   C CB  . PHE A 1 6   ? -8.332  -7.993  4.081   1.00 10.87 ? 7   PHE A CB  1 
ATOM   42   C CG  . PHE A 1 6   ? -7.940  -9.424  4.351   1.00 10.94 ? 7   PHE A CG  1 
ATOM   43   C CD1 . PHE A 1 6   ? -8.341  -10.425 3.479   1.00 12.03 ? 7   PHE A CD1 1 
ATOM   44   C CD2 . PHE A 1 6   ? -7.184  -9.774  5.467   1.00 11.43 ? 7   PHE A CD2 1 
ATOM   45   C CE1 . PHE A 1 6   ? -7.959  -11.765 3.704   1.00 11.70 ? 7   PHE A CE1 1 
ATOM   46   C CE2 . PHE A 1 6   ? -6.789  -11.066 5.670   1.00 12.09 ? 7   PHE A CE2 1 
ATOM   47   C CZ  . PHE A 1 6   ? -7.197  -12.066 4.797   1.00 12.81 ? 7   PHE A CZ  1 
ATOM   48   N N   . PHE A 1 7   ? -5.629  -6.469  4.676   1.00 8.31  ? 8   PHE A N   1 
ATOM   49   C CA  . PHE A 1 7   ? -4.487  -6.509  5.568   1.00 8.37  ? 8   PHE A CA  1 
ATOM   50   C C   . PHE A 1 7   ? -5.003  -6.570  7.003   1.00 8.27  ? 8   PHE A C   1 
ATOM   51   O O   . PHE A 1 7   ? -5.782  -5.683  7.404   1.00 8.83  ? 8   PHE A O   1 
ATOM   52   C CB  . PHE A 1 7   ? -3.599  -5.254  5.480   1.00 8.69  ? 8   PHE A CB  1 
ATOM   53   C CG  . PHE A 1 7   ? -2.891  -5.012  4.173   1.00 8.27  ? 8   PHE A CG  1 
ATOM   54   C CD1 . PHE A 1 7   ? -2.782  -5.982  3.175   1.00 8.52  ? 8   PHE A CD1 1 
ATOM   55   C CD2 . PHE A 1 7   ? -2.296  -3.776  3.980   1.00 8.46  ? 8   PHE A CD2 1 
ATOM   56   C CE1 . PHE A 1 7   ? -2.056  -5.661  2.015   1.00 9.49  ? 8   PHE A CE1 1 
ATOM   57   C CE2 . PHE A 1 7   ? -1.561  -3.484  2.853   1.00 8.26  ? 8   PHE A CE2 1 
ATOM   58   C CZ  . PHE A 1 7   ? -1.432  -4.432  1.854   1.00 8.33  ? 8   PHE A CZ  1 
ATOM   59   N N   . ASP A 1 8   ? -4.494  -7.512  7.790   1.00 8.22  ? 9   ASP A N   1 
ATOM   60   C CA  . ASP A 1 8   ? -4.673  -7.499  9.252   1.00 9.22  ? 9   ASP A CA  1 
ATOM   61   C C   . ASP A 1 8   ? -3.448  -6.841  9.831   1.00 9.07  ? 9   ASP A C   1 
ATOM   62   O O   . ASP A 1 8   ? -2.348  -7.344  9.673   1.00 9.97  ? 9   ASP A O   1 
ATOM   63   C CB  . ASP A 1 8   ? -4.859  -8.923  9.779   1.00 9.30  ? 9   ASP A CB  1 
ATOM   64   C CG  . ASP A 1 8   ? -6.213  -9.478  9.437   1.00 11.67 ? 9   ASP A CG  1 
ATOM   65   O OD1 . ASP A 1 8   ? -7.205  -8.711  9.327   1.00 14.07 ? 9   ASP A OD1 1 
ATOM   66   O OD2 . ASP A 1 8   ? -6.320  -10.751 9.306   1.00 17.00 ? 9   ASP A OD2 1 
ATOM   67   N N   . ILE A 1 9   ? -3.643  -5.680  10.456  1.00 8.50  ? 10  ILE A N   1 
ATOM   68   C CA  . ILE A 1 9   ? -2.573  -4.826  10.959  1.00 8.53  ? 10  ILE A CA  1 
ATOM   69   C C   . ILE A 1 9   ? -2.300  -5.140  12.417  1.00 9.16  ? 10  ILE A C   1 
ATOM   70   O O   . ILE A 1 9   ? -3.268  -5.356  13.204  1.00 9.93  ? 10  ILE A O   1 
ATOM   71   C CB  . ILE A 1 9   ? -2.950  -3.324  10.816  1.00 9.18  ? 10  ILE A CB  1 
ATOM   72   C CG1 . ILE A 1 9   ? -3.332  -2.977  9.367   1.00 8.79  ? 10  ILE A CG1 1 
ATOM   73   C CG2 . ILE A 1 9   ? -1.842  -2.434  11.408  1.00 8.85  ? 10  ILE A CG2 1 
ATOM   74   C CD1 . ILE A 1 9   ? -2.192  -3.141  8.371   1.00 10.78 ? 10  ILE A CD1 1 
ATOM   75   N N   . ALA A 1 10  ? -1.028  -5.206  12.788  1.00 10.02 ? 11  ALA A N   1 
ATOM   76   C CA  . ALA A 1 10  ? -0.617  -5.358  14.181  1.00 10.80 ? 11  ALA A CA  1 
ATOM   77   C C   . ALA A 1 10  ? 0.306   -4.207  14.602  1.00 10.69 ? 11  ALA A C   1 
ATOM   78   O O   . ALA A 1 10  ? 1.031   -3.636  13.764  1.00 10.65 ? 11  ALA A O   1 
ATOM   79   C CB  . ALA A 1 10  ? 0.093   -6.730  14.389  1.00 10.52 ? 11  ALA A CB  1 
ATOM   80   N N   . VAL A 1 11  ? 0.274   -3.887  15.909  1.00 11.37 ? 12  VAL A N   1 
ATOM   81   C CA  . VAL A 1 11  ? 1.109   -2.841  16.513  1.00 11.42 ? 12  VAL A CA  1 
ATOM   82   C C   . VAL A 1 11  ? 1.970   -3.541  17.560  1.00 12.90 ? 12  VAL A C   1 
ATOM   83   O O   . VAL A 1 11  ? 1.405   -4.096  18.512  1.00 13.53 ? 12  VAL A O   1 
ATOM   84   C CB  . VAL A 1 11  ? 0.254   -1.734  17.132  1.00 12.06 ? 12  VAL A CB  1 
ATOM   85   C CG1 . VAL A 1 11  ? 1.139   -0.701  17.781  1.00 13.25 ? 12  VAL A CG1 1 
ATOM   86   C CG2 . VAL A 1 11  ? -0.667  -1.138  16.084  1.00 11.34 ? 12  VAL A CG2 1 
ATOM   87   N N   . ASP A 1 12  ? 3.287   -3.609  17.360  1.00 14.01 ? 13  ASP A N   1 
ATOM   88   C CA  . ASP A 1 12  ? 4.183   -4.382  18.225  1.00 18.44 ? 13  ASP A CA  1 
ATOM   89   C C   . ASP A 1 12  ? 3.612   -5.751  18.510  1.00 16.11 ? 13  ASP A C   1 
ATOM   90   O O   . ASP A 1 12  ? 3.613   -6.234  19.661  1.00 18.39 ? 13  ASP A O   1 
ATOM   91   C CB  . ASP A 1 12  ? 4.483   -3.627  19.527  1.00 17.06 ? 13  ASP A CB  1 
ATOM   92   C CG  . ASP A 1 12  ? 5.542   -2.536  19.327  1.00 28.46 ? 13  ASP A CG  1 
ATOM   93   O OD1 . ASP A 1 12  ? 6.108   -2.448  18.219  1.00 22.69 ? 13  ASP A OD1 1 
ATOM   94   O OD2 . ASP A 1 12  ? 5.844   -1.783  20.275  1.00 32.66 ? 13  ASP A OD2 1 
ATOM   95   N N   . GLY A 1 13  ? 3.162   -6.400  17.439  1.00 12.60 ? 14  GLY A N   1 
ATOM   96   C CA  . GLY A 1 13  ? 2.661   -7.756  17.475  1.00 12.31 ? 14  GLY A CA  1 
ATOM   97   C C   . GLY A 1 13  ? 1.263   -7.956  18.030  1.00 13.30 ? 14  GLY A C   1 
ATOM   98   O O   . GLY A 1 13  ? 0.796   -9.090  18.051  1.00 18.73 ? 14  GLY A O   1 
ATOM   99   N N   . GLU A 1 14  ? 0.568   -6.901  18.440  1.00 12.10 ? 15  GLU A N   1 
ATOM   100  C CA  . GLU A 1 14  ? -0.794  -7.052  18.947  1.00 13.66 ? 15  GLU A CA  1 
ATOM   101  C C   . GLU A 1 14  ? -1.825  -6.624  17.893  1.00 12.10 ? 15  GLU A C   1 
ATOM   102  O O   . GLU A 1 14  ? -1.618  -5.614  17.217  1.00 10.89 ? 15  GLU A O   1 
ATOM   103  C CB  . GLU A 1 14  ? -0.968  -6.240  20.229  1.00 14.41 ? 15  GLU A CB  1 
ATOM   104  C CG  . GLU A 1 14  ? -0.065  -6.713  21.388  1.00 15.11 ? 15  GLU A CG  1 
ATOM   105  C CD  . GLU A 1 14  ? -0.345  -8.146  21.830  1.00 15.24 ? 15  GLU A CD  1 
ATOM   106  O OE1 . GLU A 1 14  ? -1.365  -8.705  21.450  1.00 15.47 ? 15  GLU A OE1 1 
ATOM   107  O OE2 . GLU A 1 14  ? 0.490   -8.759  22.558  1.00 20.72 ? 15  GLU A OE2 1 
ATOM   108  N N   . PRO A 1 15  ? -2.945  -7.353  17.763  1.00 11.91 ? 16  PRO A N   1 
ATOM   109  C CA  . PRO A 1 15  ? -3.888  -7.048  16.688  1.00 12.53 ? 16  PRO A CA  1 
ATOM   110  C C   . PRO A 1 15  ? -4.487  -5.691  16.834  1.00 12.42 ? 16  PRO A C   1 
ATOM   111  O O   . PRO A 1 15  ? -4.946  -5.303  17.927  1.00 12.81 ? 16  PRO A O   1 
ATOM   112  C CB  . PRO A 1 15  ? -4.989  -8.114  16.832  1.00 14.93 ? 16  PRO A CB  1 
ATOM   113  C CG  . PRO A 1 15  ? -4.443  -9.141  17.733  1.00 18.58 ? 16  PRO A CG  1 
ATOM   114  C CD  . PRO A 1 15  ? -3.392  -8.501  18.586  1.00 13.52 ? 16  PRO A CD  1 
ATOM   115  N N   . LEU A 1 16  ? -4.485  -4.920  15.752  1.00 10.46 ? 17  LEU A N   1 
ATOM   116  C CA  . LEU A 1 16  ? -5.123  -3.623  15.707  1.00 10.83 ? 17  LEU A CA  1 
ATOM   117  C C   . LEU A 1 16  ? -6.457  -3.715  14.944  1.00 11.95 ? 17  LEU A C   1 
ATOM   118  O O   . LEU A 1 16  ? -7.522  -3.391  15.495  1.00 10.13 ? 17  LEU A O   1 
ATOM   119  C CB  . LEU A 1 16  ? -4.178  -2.572  15.067  1.00 10.48 ? 17  LEU A CB  1 
ATOM   120  C CG  . LEU A 1 16  ? -4.806  -1.216  14.799  1.00 9.66  ? 17  LEU A CG  1 
ATOM   121  C CD1 . LEU A 1 16  ? -5.151  -0.525  16.127  1.00 11.39 ? 17  LEU A CD1 1 
ATOM   122  C CD2 . LEU A 1 16  ? -3.867  -0.329  13.945  1.00 9.85  ? 17  LEU A CD2 1 
ATOM   123  N N   . GLY A 1 17  ? -6.453  -4.195  13.698  1.00 9.93  ? 18  GLY A N   1 
ATOM   124  C CA  . GLY A 1 17  ? -7.707  -4.275  12.956  1.00 11.08 ? 18  GLY A CA  1 
ATOM   125  C C   . GLY A 1 17  ? -7.423  -4.630  11.508  1.00 9.18  ? 18  GLY A C   1 
ATOM   126  O O   . GLY A 1 17  ? -6.255  -4.753  11.127  1.00 9.30  ? 18  GLY A O   1 
ATOM   127  N N   . ARG A 1 18  ? -8.481  -4.728  10.726  1.00 8.56  ? 19  ARG A N   1 
ATOM   128  C CA  . ARG A 1 18  ? -8.364  -5.132  9.321   1.00 9.00  ? 19  ARG A CA  1 
ATOM   129  C C   . ARG A 1 18  ? -8.683  -3.991  8.354   1.00 9.14  ? 19  ARG A C   1 
ATOM   130  O O   . ARG A 1 18  ? -9.734  -3.346  8.484   1.00 9.93  ? 19  ARG A O   1 
ATOM   131  C CB  . ARG A 1 18  ? -9.294  -6.322  9.041   1.00 10.64 ? 19  ARG A CB  1 
ATOM   132  C CG  . ARG A 1 18  ? -9.361  -6.660  7.568   1.00 11.67 ? 19  ARG A CG  1 
ATOM   133  C CD  . ARG A 1 18  ? -10.243 -7.955  7.330   1.00 12.07 ? 19  ARG A CD  1 
ATOM   134  N NE  . ARG A 1 18  ? -9.555  -9.111  7.886   1.00 12.04 ? 19  ARG A NE  1 
ATOM   135  C CZ  . ARG A 1 18  ? -9.902  -10.366 7.660   1.00 14.85 ? 19  ARG A CZ  1 
ATOM   136  N NH1 . ARG A 1 18  ? -10.978 -10.602 6.910   1.00 17.61 ? 19  ARG A NH1 1 
ATOM   137  N NH2 . ARG A 1 18  ? -9.180  -11.355 8.152   1.00 16.60 ? 19  ARG A NH2 1 
ATOM   138  N N   . VAL A 1 19  ? -7.791  -3.716  7.391   1.00 9.08  ? 20  VAL A N   1 
ATOM   139  C CA  . VAL A 1 19  ? -8.059  -2.744  6.329   1.00 9.11  ? 20  VAL A CA  1 
ATOM   140  C C   . VAL A 1 19  ? -8.358  -3.509  5.057   1.00 8.77  ? 20  VAL A C   1 
ATOM   141  O O   . VAL A 1 19  ? -7.542  -4.377  4.696   1.00 9.09  ? 20  VAL A O   1 
ATOM   142  C CB  . VAL A 1 19  ? -6.858  -1.805  6.130   1.00 8.39  ? 20  VAL A CB  1 
ATOM   143  C CG1 . VAL A 1 19  ? -7.186  -0.767  5.063   1.00 9.31  ? 20  VAL A CG1 1 
ATOM   144  C CG2 . VAL A 1 19  ? -6.500  -1.088  7.424   1.00 11.31 ? 20  VAL A CG2 1 
ATOM   145  N N   . SER A 1 20  ? -9.505  -3.232  4.426   1.00 9.25  ? 21  SER A N   1 
ATOM   146  C CA  . SER A 1 20  ? -9.847  -3.897  3.192   1.00 9.38  ? 21  SER A CA  1 
ATOM   147  C C   . SER A 1 20  ? -9.810  -2.879  2.046   1.00 9.38  ? 21  SER A C   1 
ATOM   148  O O   . SER A 1 20  ? -10.074 -1.692  2.247   1.00 9.41  ? 21  SER A O   1 
ATOM   149  C CB  . SER A 1 20  ? -11.225 -4.563  3.275   1.00 14.10 ? 21  SER A CB  1 
ATOM   150  O OG  . SER A 1 20  ? -11.304 -5.402  4.444   1.00 17.54 ? 21  SER A OG  1 
ATOM   151  N N   . PHE A 1 21  ? -9.413  -3.329  0.858   1.00 8.01  ? 22  PHE A N   1 
ATOM   152  C CA  . PHE A 1 21  ? -9.223  -2.445  -0.322  1.00 9.05  ? 22  PHE A CA  1 
ATOM   153  C C   . PHE A 1 21  ? -10.013 -2.994  -1.485  1.00 8.43  ? 22  PHE A C   1 
ATOM   154  O O   . PHE A 1 21  ? -10.003 -4.231  -1.711  1.00 9.76  ? 22  PHE A O   1 
ATOM   155  C CB  . PHE A 1 21  ? -7.748  -2.384  -0.753  1.00 9.10  ? 22  PHE A CB  1 
ATOM   156  C CG  . PHE A 1 21  ? -6.796  -2.060  0.360   1.00 8.00  ? 22  PHE A CG  1 
ATOM   157  C CD1 . PHE A 1 21  ? -6.480  -0.747  0.656   1.00 8.00  ? 22  PHE A CD1 1 
ATOM   158  C CD2 . PHE A 1 21  ? -6.161  -3.080  1.040   1.00 9.65  ? 22  PHE A CD2 1 
ATOM   159  C CE1 . PHE A 1 21  ? -5.540  -0.458  1.688   1.00 9.18  ? 22  PHE A CE1 1 
ATOM   160  C CE2 . PHE A 1 21  ? -5.238  -2.813  2.060   1.00 9.02  ? 22  PHE A CE2 1 
ATOM   161  C CZ  . PHE A 1 21  ? -4.922  -1.510  2.373   1.00 9.47  ? 22  PHE A CZ  1 
ATOM   162  N N   . GLU A 1 22  ? -10.642 -2.085  -2.236  1.00 9.36  ? 23  GLU A N   1 
ATOM   163  C CA  . GLU A 1 22  ? -11.064 -2.388  -3.596  1.00 9.98  ? 23  GLU A CA  1 
ATOM   164  C C   . GLU A 1 22  ? -9.915  -2.070  -4.534  1.00 9.22  ? 23  GLU A C   1 
ATOM   165  O O   . GLU A 1 22  ? -9.340  -0.994  -4.455  1.00 9.74  ? 23  GLU A O   1 
ATOM   166  C CB  . GLU A 1 22  ? -12.289 -1.565  -4.003  1.00 11.95 ? 23  GLU A CB  1 
ATOM   167  C CG  . GLU A 1 22  ? -12.735 -1.898  -5.419  1.00 14.58 ? 23  GLU A CG  1 
ATOM   168  C CD  . GLU A 1 22  ? -13.986 -1.167  -5.884  1.00 19.49 ? 23  GLU A CD  1 
ATOM   169  O OE1 . GLU A 1 22  ? -14.559 -0.386  -5.102  1.00 19.42 ? 23  GLU A OE1 1 
ATOM   170  O OE2 . GLU A 1 22  ? -14.396 -1.395  -7.044  1.00 18.29 ? 23  GLU A OE2 1 
ATOM   171  N N   . LEU A 1 23  ? -9.600  -2.988  -5.440  1.00 9.54  ? 24  LEU A N   1 
ATOM   172  C CA  . LEU A 1 23  ? -8.551  -2.780  -6.440  1.00 9.14  ? 24  LEU A CA  1 
ATOM   173  C C   . LEU A 1 23  ? -9.203  -2.519  -7.788  1.00 9.59  ? 24  LEU A C   1 
ATOM   174  O O   . LEU A 1 23  ? -10.023 -3.332  -8.239  1.00 10.65 ? 24  LEU A O   1 
ATOM   175  C CB  . LEU A 1 23  ? -7.618  -4.007  -6.520  1.00 9.66  ? 24  LEU A CB  1 
ATOM   176  C CG  . LEU A 1 23  ? -7.030  -4.441  -5.196  1.00 8.92  ? 24  LEU A CG  1 
ATOM   177  C CD1 . LEU A 1 23  ? -6.078  -5.613  -5.410  1.00 9.35  ? 24  LEU A CD1 1 
ATOM   178  C CD2 . LEU A 1 23  ? -6.305  -3.281  -4.492  1.00 9.70  ? 24  LEU A CD2 1 
ATOM   179  N N   . PHE A 1 24  ? -8.812  -1.430  -8.439  1.00 10.41 ? 25  PHE A N   1 
ATOM   180  C CA  . PHE A 1 24  ? -9.514  -1.008  -9.630  1.00 12.23 ? 25  PHE A CA  1 
ATOM   181  C C   . PHE A 1 24  ? -8.951  -1.673  -10.884 1.00 13.62 ? 25  PHE A C   1 
ATOM   182  O O   . PHE A 1 24  ? -8.375  -1.015  -11.754 1.00 14.01 ? 25  PHE A O   1 
ATOM   183  C CB  . PHE A 1 24  ? -9.451  0.514   -9.759  1.00 13.73 ? 25  PHE A CB  1 
ATOM   184  C CG  . PHE A 1 24  ? -10.008 1.260   -8.562  1.00 11.73 ? 25  PHE A CG  1 
ATOM   185  C CD1 . PHE A 1 24  ? -11.239 0.913   -8.024  1.00 16.00 ? 25  PHE A CD1 1 
ATOM   186  C CD2 . PHE A 1 24  ? -9.336  2.345   -8.027  1.00 13.32 ? 25  PHE A CD2 1 
ATOM   187  C CE1 . PHE A 1 24  ? -11.787 1.628   -6.923  1.00 16.28 ? 25  PHE A CE1 1 
ATOM   188  C CE2 . PHE A 1 24  ? -9.874  3.028   -6.937  1.00 14.11 ? 25  PHE A CE2 1 
ATOM   189  C CZ  . PHE A 1 24  ? -11.086 2.686   -6.392  1.00 15.65 ? 25  PHE A CZ  1 
ATOM   190  N N   . ALA A 1 25  ? -9.185  -2.969  -10.977 1.00 12.19 ? 26  ALA A N   1 
ATOM   191  C CA  . ALA A 1 25  ? -8.691  -3.790  -12.075 1.00 13.11 ? 26  ALA A CA  1 
ATOM   192  C C   . ALA A 1 25  ? -9.323  -3.356  -13.383 1.00 18.39 ? 26  ALA A C   1 
ATOM   193  O O   . ALA A 1 25  ? -8.726  -3.553  -14.458 1.00 17.80 ? 26  ALA A O   1 
ATOM   194  C CB  . ALA A 1 25  ? -8.939  -5.234  -11.811 1.00 13.78 ? 26  ALA A CB  1 
ATOM   195  N N   . ASP A 1 26  ? -10.503 -2.751  -13.301 1.00 15.30 ? 27  ASP A N   1 
ATOM   196  C CA  . ASP A 1 26  ? -11.173 -2.245  -14.508 1.00 16.87 ? 27  ASP A CA  1 
ATOM   197  C C   . ASP A 1 26  ? -10.408 -1.121  -15.186 1.00 24.29 ? 27  ASP A C   1 
ATOM   198  O O   . ASP A 1 26  ? -10.569 -0.914  -16.384 1.00 29.29 ? 27  ASP A O   1 
ATOM   199  C CB  . ASP A 1 26  ? -12.626 -1.805  -14.183 1.00 19.70 ? 27  ASP A CB  1 
ATOM   200  C CG  . ASP A 1 26  ? -12.712 -0.637  -13.200 1.00 24.56 ? 27  ASP A CG  1 
ATOM   201  O OD1 . ASP A 1 26  ? -11.956 -0.572  -12.202 1.00 20.88 ? 27  ASP A OD1 1 
ATOM   202  O OD2 . ASP A 1 26  ? -13.553 0.261   -13.438 1.00 38.40 ? 27  ASP A OD2 1 
ATOM   203  N N   . LYS A 1 27  ? -9.558  -0.409  -14.448 1.00 16.42 ? 28  LYS A N   1 
ATOM   204  C CA  . LYS A 1 27  ? -8.823  0.690   -15.040 1.00 17.04 ? 28  LYS A CA  1 
ATOM   205  C C   . LYS A 1 27  ? -7.304  0.484   -15.063 1.00 13.94 ? 28  LYS A C   1 
ATOM   206  O O   . LYS A 1 27  ? -6.601  1.010   -15.920 1.00 14.83 ? 28  LYS A O   1 
ATOM   207  C CB  . LYS A 1 27  ? -9.147  1.988   -14.332 1.00 21.62 ? 28  LYS A CB  1 
ATOM   208  C CG  . LYS A 1 27  ? -10.571 2.436   -14.656 1.00 24.97 ? 28  LYS A CG  1 
ATOM   209  C CD  . LYS A 1 27  ? -10.905 3.794   -14.106 1.00 32.01 ? 28  LYS A CD  1 
ATOM   210  C CE  . LYS A 1 27  ? -12.300 4.215   -14.559 1.00 39.13 ? 28  LYS A CE  1 
ATOM   211  N NZ  . LYS A 1 27  ? -13.317 3.206   -14.138 1.00 41.00 ? 28  LYS A NZ  1 
ATOM   212  N N   . VAL A 1 28  ? -6.784  -0.243  -14.081 1.00 15.04 ? 29  VAL A N   1 
ATOM   213  C CA  . VAL A 1 28  ? -5.339  -0.523  -14.008 1.00 12.55 ? 29  VAL A CA  1 
ATOM   214  C C   . VAL A 1 28  ? -5.157  -2.007  -13.665 1.00 12.17 ? 29  VAL A C   1 
ATOM   215  O O   . VAL A 1 28  ? -4.728  -2.396  -12.562 1.00 11.60 ? 29  VAL A O   1 
ATOM   216  C CB  . VAL A 1 28  ? -4.588  0.368   -12.974 1.00 14.49 ? 29  VAL A CB  1 
ATOM   217  C CG1 . VAL A 1 28  ? -4.162  1.653   -13.593 1.00 14.85 ? 29  VAL A CG1 1 
ATOM   218  C CG2 . VAL A 1 28  ? -5.425  0.603   -11.758 1.00 15.52 ? 29  VAL A CG2 1 
ATOM   219  N N   . PRO A 1 29  ? -5.466  -2.874  -14.630 1.00 13.09 ? 30  PRO A N   1 
ATOM   220  C CA  . PRO A 1 29  ? -5.453  -4.298  -14.323 1.00 13.14 ? 30  PRO A CA  1 
ATOM   221  C C   . PRO A 1 29  ? -4.056  -4.856  -13.951 1.00 10.99 ? 30  PRO A C   1 
ATOM   222  O O   . PRO A 1 29  ? -3.994  -5.741  -13.098 1.00 10.88 ? 30  PRO A O   1 
ATOM   223  C CB  . PRO A 1 29  ? -5.941  -4.944  -15.632 1.00 13.97 ? 30  PRO A CB  1 
ATOM   224  C CG  . PRO A 1 29  ? -5.760  -3.897  -16.703 1.00 14.43 ? 30  PRO A CG  1 
ATOM   225  C CD  . PRO A 1 29  ? -5.988  -2.597  -15.989 1.00 13.24 ? 30  PRO A CD  1 
ATOM   226  N N   . LYS A 1 30  ? -2.967  -4.400  -14.585 1.00 12.10 ? 31  LYS A N   1 
ATOM   227  C CA  . LYS A 1 30  ? -1.671  -4.972  -14.278 1.00 10.69 ? 31  LYS A CA  1 
ATOM   228  C C   . LYS A 1 30  ? -1.238  -4.579  -12.881 1.00 11.18 ? 31  LYS A C   1 
ATOM   229  O O   . LYS A 1 30  ? -0.657  -5.345  -12.139 1.00 9.72  ? 31  LYS A O   1 
ATOM   230  C CB  . LYS A 1 30  ? -0.615  -4.537  -15.312 1.00 11.76 ? 31  LYS A CB  1 
ATOM   231  C CG  . LYS A 1 30  ? 0.724   -5.164  -15.150 1.00 20.47 ? 31  LYS A CG  1 
ATOM   232  C CD  . LYS A 1 30  ? 1.658   -4.775  -16.325 1.00 23.47 ? 31  LYS A CD  1 
ATOM   233  C CE  . LYS A 1 30  ? 3.056   -5.356  -16.135 1.00 19.24 ? 31  LYS A CE  1 
ATOM   234  N NZ  . LYS A 1 30  ? 3.956   -4.969  -17.284 1.00 31.55 ? 31  LYS A NZ  1 
ATOM   235  N N   . THR A 1 31  ? -1.545  -3.338  -12.534 1.00 9.82  ? 32  THR A N   1 
ATOM   236  C CA  . THR A 1 31  ? -1.138  -2.831  -11.229 1.00 10.55 ? 32  THR A CA  1 
ATOM   237  C C   . THR A 1 31  ? -2.008  -3.467  -10.141 1.00 10.02 ? 32  THR A C   1 
ATOM   238  O O   . THR A 1 31  ? -1.507  -3.861  -9.082  1.00 10.00 ? 32  THR A O   1 
ATOM   239  C CB  . THR A 1 31  ? -1.236  -1.307  -11.210 1.00 9.31  ? 32  THR A CB  1 
ATOM   240  O OG1 . THR A 1 31  ? -0.463  -0.778  -12.314 1.00 10.01 ? 32  THR A OG1 1 
ATOM   241  C CG2 . THR A 1 31  ? -0.693  -0.739  -9.935  1.00 10.54 ? 32  THR A CG2 1 
ATOM   242  N N   . ALA A 1 32  ? -3.304  -3.567  -10.397 1.00 10.16 ? 33  ALA A N   1 
ATOM   243  C CA  . ALA A 1 32  ? -4.181  -4.242  -9.444  1.00 10.01 ? 33  ALA A CA  1 
ATOM   244  C C   . ALA A 1 32  ? -3.772  -5.704  -9.227  1.00 9.78  ? 33  ALA A C   1 
ATOM   245  O O   . ALA A 1 32  ? -3.753  -6.198  -8.107  1.00 9.82  ? 33  ALA A O   1 
ATOM   246  C CB  . ALA A 1 32  ? -5.665  -4.173  -9.924  1.00 11.45 ? 33  ALA A CB  1 
ATOM   247  N N   . GLU A 1 33  ? -3.419  -6.394  -10.322 1.00 9.05  ? 34  GLU A N   1 
ATOM   248  C CA  . GLU A 1 33  ? -3.057  -7.778  -10.177 1.00 9.57  ? 34  GLU A CA  1 
ATOM   249  C C   . GLU A 1 33  ? -1.785  -7.996  -9.385  1.00 8.50  ? 34  GLU A C   1 
ATOM   250  O O   . GLU A 1 33  ? -1.694  -8.931  -8.616  1.00 9.35  ? 34  GLU A O   1 
ATOM   251  C CB  . GLU A 1 33  ? -2.914  -8.407  -11.576 1.00 11.26 ? 34  GLU A CB  1 
ATOM   252  C CG  . GLU A 1 33  ? -2.342  -9.823  -11.590 1.00 11.83 ? 34  GLU A CG  1 
ATOM   253  C CD  . GLU A 1 33  ? -3.221  -10.851 -10.860 1.00 12.69 ? 34  GLU A CD  1 
ATOM   254  O OE1 . GLU A 1 33  ? -4.416  -10.561 -10.569 1.00 13.93 ? 34  GLU A OE1 1 
ATOM   255  O OE2 . GLU A 1 33  ? -2.674  -11.942 -10.572 1.00 14.11 ? 34  GLU A OE2 1 
ATOM   256  N N   . ASN A 1 34  ? -0.806  -7.117  -9.565  1.00 8.36  ? 35  ASN A N   1 
ATOM   257  C CA  . ASN A 1 34  ? 0.398   -7.179  -8.752  1.00 9.03  ? 35  ASN A CA  1 
ATOM   258  C C   . ASN A 1 34  ? 0.064   -7.136  -7.251  1.00 9.49  ? 35  ASN A C   1 
ATOM   259  O O   . ASN A 1 34  ? 0.520   -7.958  -6.459  1.00 7.94  ? 35  ASN A O   1 
ATOM   260  C CB  . ASN A 1 34  ? 1.327   -6.012  -9.181  1.00 8.48  ? 35  ASN A CB  1 
ATOM   261  C CG  . ASN A 1 34  ? 2.626   -5.958  -8.405  1.00 8.64  ? 35  ASN A CG  1 
ATOM   262  O OD1 . ASN A 1 34  ? 3.421   -6.907  -8.472  1.00 8.60  ? 35  ASN A OD1 1 
ATOM   263  N ND2 . ASN A 1 34  ? 2.892   -4.840  -7.703  1.00 9.07  ? 35  ASN A ND2 1 
ATOM   264  N N   . PHE A 1 35  ? -0.706  -6.111  -6.869  1.00 7.55  ? 36  PHE A N   1 
ATOM   265  C CA  . PHE A 1 35  ? -1.035  -5.926  -5.458  1.00 9.03  ? 36  PHE A CA  1 
ATOM   266  C C   . PHE A 1 35  ? -1.867  -7.112  -4.931  1.00 8.42  ? 36  PHE A C   1 
ATOM   267  O O   . PHE A 1 35  ? -1.679  -7.557  -3.813  1.00 7.91  ? 36  PHE A O   1 
ATOM   268  C CB  . PHE A 1 35  ? -1.805  -4.626  -5.290  1.00 8.74  ? 36  PHE A CB  1 
ATOM   269  C CG  . PHE A 1 35  ? -1.998  -4.208  -3.849  1.00 8.59  ? 36  PHE A CG  1 
ATOM   270  C CD1 . PHE A 1 35  ? -1.065  -3.365  -3.235  1.00 8.91  ? 36  PHE A CD1 1 
ATOM   271  C CD2 . PHE A 1 35  ? -3.129  -4.599  -3.139  1.00 8.37  ? 36  PHE A CD2 1 
ATOM   272  C CE1 . PHE A 1 35  ? -1.231  -2.964  -1.905  1.00 8.70  ? 36  PHE A CE1 1 
ATOM   273  C CE2 . PHE A 1 35  ? -3.329  -4.144  -1.824  1.00 8.62  ? 36  PHE A CE2 1 
ATOM   274  C CZ  . PHE A 1 35  ? -2.342  -3.334  -1.219  1.00 9.07  ? 36  PHE A CZ  1 
ATOM   275  N N   . ARG A 1 36  ? -2.797  -7.591  -5.750  1.00 7.28  ? 37  ARG A N   1 
ATOM   276  C CA  . ARG A 1 36  ? -3.620  -8.737  -5.361  1.00 8.86  ? 37  ARG A CA  1 
ATOM   277  C C   . ARG A 1 36  ? -2.760  -9.997  -5.085  1.00 7.99  ? 37  ARG A C   1 
ATOM   278  O O   . ARG A 1 36  ? -2.863  -10.627 -4.024  1.00 7.70  ? 37  ARG A O   1 
ATOM   279  C CB  . ARG A 1 36  ? -4.640  -9.031  -6.474  1.00 9.32  ? 37  ARG A CB  1 
ATOM   280  C CG  . ARG A 1 36  ? -5.645  -10.130 -6.082  1.00 10.38 ? 37  ARG A CG  1 
ATOM   281  C CD  . ARG A 1 36  ? -6.271  -10.858 -7.311  1.00 10.64 ? 37  ARG A CD  1 
ATOM   282  N NE  . ARG A 1 36  ? -5.246  -11.597 -8.050  1.00 10.95 ? 37  ARG A NE  1 
ATOM   283  C CZ  . ARG A 1 36  ? -4.720  -12.742 -7.640  1.00 10.97 ? 37  ARG A CZ  1 
ATOM   284  N NH1 . ARG A 1 36  ? -5.161  -13.376 -6.562  1.00 13.38 ? 37  ARG A NH1 1 
ATOM   285  N NH2 . ARG A 1 36  ? -3.730  -13.292 -8.350  1.00 13.33 ? 37  ARG A NH2 1 
ATOM   286  N N   . ALA A 1 37  ? -1.853  -10.295 -6.024  1.00 7.46  ? 38  ALA A N   1 
ATOM   287  C CA  . ALA A 1 37  ? -1.018  -11.493 -5.860  1.00 8.19  ? 38  ALA A CA  1 
ATOM   288  C C   . ALA A 1 37  ? -0.019  -11.364 -4.727  1.00 7.42  ? 38  ALA A C   1 
ATOM   289  O O   . ALA A 1 37  ? 0.302   -12.334 -4.015  1.00 8.71  ? 38  ALA A O   1 
ATOM   290  C CB  . ALA A 1 37  ? -0.320  -11.779 -7.191  1.00 9.61  ? 38  ALA A CB  1 
ATOM   291  N N   . LEU A 1 38  ? 0.501   -10.152 -4.537  1.00 7.51  ? 39  LEU A N   1 
ATOM   292  C CA  . LEU A 1 38  ? 1.389   -9.933  -3.365  1.00 7.61  ? 39  LEU A CA  1 
ATOM   293  C C   . LEU A 1 38  ? 0.641   -10.068 -2.016  1.00 7.51  ? 39  LEU A C   1 
ATOM   294  O O   . LEU A 1 38  ? 1.244   -10.434 -0.986  1.00 8.19  ? 39  LEU A O   1 
ATOM   295  C CB  . LEU A 1 38  ? 2.059   -8.562  -3.462  1.00 7.90  ? 39  LEU A CB  1 
ATOM   296  C CG  . LEU A 1 38  ? 3.072   -8.457  -4.624  1.00 7.75  ? 39  LEU A CG  1 
ATOM   297  C CD1 . LEU A 1 38  ? 3.559   -7.006  -4.722  1.00 8.57  ? 39  LEU A CD1 1 
ATOM   298  C CD2 . LEU A 1 38  ? 4.254   -9.411  -4.385  1.00 9.50  ? 39  LEU A CD2 1 
ATOM   299  N N   . SER A 1 39  ? -0.673  -9.771  -2.032  1.00 7.96  ? 40  SER A N   1 
ATOM   300  C CA  . SER A 1 39  ? -1.517  -9.893  -0.819  1.00 8.84  ? 40  SER A CA  1 
ATOM   301  C C   . SER A 1 39  ? -1.825  -11.362 -0.521  1.00 10.11 ? 40  SER A C   1 
ATOM   302  O O   . SER A 1 39  ? -1.898  -11.753 0.639   1.00 10.51 ? 40  SER A O   1 
ATOM   303  C CB  . SER A 1 39  ? -2.821  -9.087  -0.981  1.00 8.69  ? 40  SER A CB  1 
ATOM   304  O OG  . SER A 1 39  ? -2.460  -7.697  -1.046  1.00 9.09  ? 40  SER A OG  1 
ATOM   305  N N   . THR A 1 40  ? -1.997  -12.181 -1.565  1.00 8.91  ? 41  THR A N   1 
ATOM   306  C CA  . THR A 1 40  ? -2.299  -13.600 -1.305  1.00 8.87  ? 41  THR A CA  1 
ATOM   307  C C   . THR A 1 40  ? -1.035  -14.358 -1.021  1.00 9.57  ? 41  THR A C   1 
ATOM   308  O O   . THR A 1 40  ? -1.068  -15.455 -0.455  1.00 11.65 ? 41  THR A O   1 
ATOM   309  C CB  . THR A 1 40  ? -3.022  -14.272 -2.479  1.00 10.34 ? 41  THR A CB  1 
ATOM   310  O OG1 . THR A 1 40  ? -2.124  -14.296 -3.618  1.00 9.98  ? 41  THR A OG1 1 
ATOM   311  C CG2 . THR A 1 40  ? -4.368  -13.620 -2.830  1.00 10.49 ? 41  THR A CG2 1 
ATOM   312  N N   . GLY A 1 41  ? 0.106   -13.837 -1.487  1.00 9.92  ? 42  GLY A N   1 
ATOM   313  C CA  . GLY A 1 41  ? 1.354   -14.585 -1.355  1.00 10.87 ? 42  GLY A CA  1 
ATOM   314  C C   . GLY A 1 41  ? 1.524   -15.714 -2.351  1.00 10.07 ? 42  GLY A C   1 
ATOM   315  O O   . GLY A 1 41  ? 2.429   -16.526 -2.167  1.00 11.13 ? 42  GLY A O   1 
ATOM   316  N N   . GLU A 1 42  ? 0.688   -15.786 -3.387  1.00 10.32 ? 43  GLU A N   1 
ATOM   317  C CA  . GLU A 1 42  ? 0.675   -16.968 -4.259  1.00 10.47 ? 43  GLU A CA  1 
ATOM   318  C C   . GLU A 1 42  ? 1.953   -17.142 -5.081  1.00 11.01 ? 43  GLU A C   1 
ATOM   319  O O   . GLU A 1 42  ? 2.180   -18.252 -5.567  1.00 11.47 ? 43  GLU A O   1 
ATOM   320  C CB  . GLU A 1 42  ? -0.529  -16.927 -5.206  1.00 12.59 ? 43  GLU A CB  1 
ATOM   321  C CG  . GLU A 1 42  ? -0.606  -15.774 -6.159  1.00 14.75 ? 43  GLU A CG  1 
ATOM   322  C CD  . GLU A 1 42  ? -2.067  -15.611 -6.671  1.00 17.10 ? 43  GLU A CD  1 
ATOM   323  O OE1 . GLU A 1 42  ? -2.988  -15.392 -5.845  1.00 17.55 ? 43  GLU A OE1 1 
ATOM   324  O OE2 . GLU A 1 42  ? -2.282  -15.722 -7.890  1.00 14.87 ? 43  GLU A OE2 1 
ATOM   325  N N   . LYS A 1 43  ? 2.774   -16.107 -5.247  1.00 9.52  ? 44  LYS A N   1 
ATOM   326  C CA  . LYS A 1 43  ? 4.067   -16.304 -5.965  1.00 9.11  ? 44  LYS A CA  1 
ATOM   327  C C   . LYS A 1 43  ? 5.171   -16.749 -5.007  1.00 10.14 ? 44  LYS A C   1 
ATOM   328  O O   . LYS A 1 43  ? 6.316   -16.957 -5.455  1.00 10.58 ? 44  LYS A O   1 
ATOM   329  C CB  . LYS A 1 43  ? 4.507   -15.023 -6.651  1.00 9.90  ? 44  LYS A CB  1 
ATOM   330  C CG  . LYS A 1 43  ? 3.479   -14.388 -7.550  1.00 12.70 ? 44  LYS A CG  1 
ATOM   331  C CD  . LYS A 1 43  ? 3.049   -15.311 -8.656  1.00 15.38 ? 44  LYS A CD  1 
ATOM   332  C CE  . LYS A 1 43  ? 2.160   -14.506 -9.614  1.00 19.84 ? 44  LYS A CE  1 
ATOM   333  N NZ  . LYS A 1 43  ? 1.595   -15.272 -10.739 1.00 20.36 ? 44  LYS A NZ  1 
ATOM   334  N N   . GLY A 1 44  ? 4.877   -16.945 -3.729  1.00 8.70  ? 45  GLY A N   1 
ATOM   335  C CA  . GLY A 1 44  ? 5.911   -17.306 -2.768  1.00 10.55 ? 45  GLY A CA  1 
ATOM   336  C C   . GLY A 1 44  ? 6.637   -16.162 -2.058  1.00 10.98 ? 45  GLY A C   1 
ATOM   337  O O   . GLY A 1 44  ? 7.646   -16.379 -1.374  1.00 12.51 ? 45  GLY A O   1 
ATOM   338  N N   . PHE A 1 45  ? 6.128   -14.917 -2.215  1.00 9.14  ? 46  PHE A N   1 
ATOM   339  C CA  . PHE A 1 45  ? 6.659   -13.708 -1.572  1.00 9.97  ? 46  PHE A CA  1 
ATOM   340  C C   . PHE A 1 45  ? 5.498   -12.723 -1.594  1.00 10.05 ? 46  PHE A C   1 
ATOM   341  O O   . PHE A 1 45  ? 4.511   -12.918 -2.324  1.00 9.89  ? 46  PHE A O   1 
ATOM   342  C CB  . PHE A 1 45  ? 7.909   -13.146 -2.276  1.00 10.62 ? 46  PHE A CB  1 
ATOM   343  C CG  . PHE A 1 45  ? 7.749   -13.017 -3.757  1.00 9.22  ? 46  PHE A CG  1 
ATOM   344  C CD1 . PHE A 1 45  ? 8.322   -13.936 -4.622  1.00 9.27  ? 46  PHE A CD1 1 
ATOM   345  C CD2 . PHE A 1 45  ? 7.096   -11.909 -4.333  1.00 9.10  ? 46  PHE A CD2 1 
ATOM   346  C CE1 . PHE A 1 45  ? 8.149   -13.819 -6.008  1.00 9.42  ? 46  PHE A CE1 1 
ATOM   347  C CE2 . PHE A 1 45  ? 6.936   -11.827 -5.708  1.00 8.52  ? 46  PHE A CE2 1 
ATOM   348  C CZ  . PHE A 1 45  ? 7.502   -12.783 -6.562  1.00 10.37 ? 46  PHE A CZ  1 
ATOM   349  N N   . GLY A 1 46  ? 5.623   -11.668 -0.807  1.00 9.86  ? 47  GLY A N   1 
ATOM   350  C CA  . GLY A 1 46  ? 4.532   -10.715 -0.727  1.00 10.23 ? 47  GLY A CA  1 
ATOM   351  C C   . GLY A 1 46  ? 4.502   -10.000 0.595   1.00 8.27  ? 47  GLY A C   1 
ATOM   352  O O   . GLY A 1 46  ? 5.491   -9.947  1.353   1.00 9.36  ? 47  GLY A O   1 
ATOM   353  N N   . TYR A 1 47  ? 3.328   -9.394  0.836   1.00 8.15  ? 48  TYR A N   1 
ATOM   354  C CA  . TYR A 1 47  ? 3.205   -8.416  1.921   1.00 8.25  ? 48  TYR A CA  1 
ATOM   355  C C   . TYR A 1 47  ? 3.167   -9.008  3.304   1.00 8.32  ? 48  TYR A C   1 
ATOM   356  O O   . TYR A 1 47  ? 3.456   -8.296  4.271   1.00 9.29  ? 48  TYR A O   1 
ATOM   357  C CB  . TYR A 1 47  ? 1.968   -7.538  1.730   1.00 7.89  ? 48  TYR A CB  1 
ATOM   358  C CG  . TYR A 1 47  ? 2.022   -6.681  0.493   1.00 7.43  ? 48  TYR A CG  1 
ATOM   359  C CD1 . TYR A 1 47  ? 3.141   -5.925  0.191   1.00 8.36  ? 48  TYR A CD1 1 
ATOM   360  C CD2 . TYR A 1 47  ? 0.952   -6.636  -0.406  1.00 7.20  ? 48  TYR A CD2 1 
ATOM   361  C CE1 . TYR A 1 47  ? 3.196   -5.116  -0.937  1.00 7.67  ? 48  TYR A CE1 1 
ATOM   362  C CE2 . TYR A 1 47  ? 0.976   -5.829  -1.529  1.00 7.48  ? 48  TYR A CE2 1 
ATOM   363  C CZ  . TYR A 1 47  ? 2.123   -5.071  -1.818  1.00 6.56  ? 48  TYR A CZ  1 
ATOM   364  O OH  . TYR A 1 47  ? 2.133   -4.284  -2.920  1.00 6.97  ? 48  TYR A OH  1 
ATOM   365  N N   . LYS A 1 48  ? 2.824   -10.287 3.451   1.00 7.70  ? 49  LYS A N   1 
ATOM   366  C CA  . LYS A 1 48  ? 2.659   -10.801 4.802   1.00 9.25  ? 49  LYS A CA  1 
ATOM   367  C C   . LYS A 1 48  ? 3.933   -10.662 5.630   1.00 10.06 ? 49  LYS A C   1 
ATOM   368  O O   . LYS A 1 48  ? 5.026   -11.081 5.156   1.00 11.58 ? 49  LYS A O   1 
ATOM   369  C CB  . LYS A 1 48  ? 2.220   -12.276 4.747   1.00 11.70 ? 49  LYS A CB  1 
ATOM   370  C CG  . LYS A 1 48  ? 1.988   -12.891 6.150   1.00 14.06 ? 49  LYS A CG  1 
ATOM   371  C CD  . LYS A 1 48  ? 1.644   -14.380 6.047   1.00 20.53 ? 49  LYS A CD  1 
ATOM   372  C CE  . LYS A 1 48  ? 1.114   -14.876 7.366   1.00 26.24 ? 49  LYS A CE  1 
ATOM   373  N NZ  . LYS A 1 48  ? 0.623   -16.286 7.237   1.00 41.29 ? 49  LYS A NZ  1 
ATOM   374  N N   . GLY A 1 49  ? 3.819   -10.090 6.823   1.00 11.44 ? 50  GLY A N   1 
ATOM   375  C CA  . GLY A 1 49  ? 4.943   -9.916  7.738   1.00 10.09 ? 50  GLY A CA  1 
ATOM   376  C C   . GLY A 1 49  ? 5.736   -8.646  7.525   1.00 13.15 ? 50  GLY A C   1 
ATOM   377  O O   . GLY A 1 49  ? 6.573   -8.318  8.358   1.00 15.93 ? 50  GLY A O   1 
ATOM   378  N N   . SER A 1 50  ? 5.463   -7.902  6.441   1.00 9.95  ? 51  SER A N   1 
ATOM   379  C CA  . SER A 1 50  ? 6.173   -6.660  6.167   1.00 11.02 ? 51  SER A CA  1 
ATOM   380  C C   . SER A 1 50  ? 5.579   -5.514  6.994   1.00 10.26 ? 51  SER A C   1 
ATOM   381  O O   . SER A 1 50  ? 4.497   -5.625  7.620   1.00 10.86 ? 51  SER A O   1 
ATOM   382  C CB  . SER A 1 50  ? 6.131   -6.333  4.659   1.00 11.80 ? 51  SER A CB  1 
ATOM   383  O OG  . SER A 1 50  ? 4.825   -5.964  4.212   1.00 11.30 ? 51  SER A OG  1 
ATOM   384  N N   . CYS A 1 51  ? 6.294   -4.394  6.999   1.00 9.83  ? 52  CYS A N   1 
ATOM   385  C CA  . CYS A 1 51  ? 5.866   -3.310  7.859   1.00 11.87 ? 52  CYS A CA  1 
ATOM   386  C C   . CYS A 1 51  ? 5.522   -2.042  7.082   1.00 10.49 ? 52  CYS A C   1 
ATOM   387  O O   . CYS A 1 51  ? 5.855   -1.914  5.904   1.00 11.29 ? 52  CYS A O   1 
ATOM   388  C CB  . CYS A 1 51  ? 6.921   -3.005  8.914   1.00 15.43 ? 52  CYS A CB  1 
ATOM   389  S SG  . CYS A 1 51  ? 8.278   -1.986  8.403   1.00 20.16 ? 52  CYS A SG  1 
ATOM   390  N N   . PHE A 1 52  ? 4.814   -1.137  7.712   1.00 8.72  ? 53  PHE A N   1 
ATOM   391  C CA  . PHE A 1 52  ? 4.647   0.223   7.222   1.00 8.98  ? 53  PHE A CA  1 
ATOM   392  C C   . PHE A 1 52  ? 5.835   1.000   7.745   1.00 9.66  ? 53  PHE A C   1 
ATOM   393  O O   . PHE A 1 52  ? 5.877   1.309   8.935   1.00 13.05 ? 53  PHE A O   1 
ATOM   394  C CB  . PHE A 1 52  ? 3.324   0.827   7.721   1.00 9.14  ? 53  PHE A CB  1 
ATOM   395  C CG  . PHE A 1 52  ? 2.121   0.350   6.917   1.00 8.74  ? 53  PHE A CG  1 
ATOM   396  C CD1 . PHE A 1 52  ? 1.529   -0.909  7.151   1.00 9.42  ? 53  PHE A CD1 1 
ATOM   397  C CD2 . PHE A 1 52  ? 1.626   1.139   5.877   1.00 8.16  ? 53  PHE A CD2 1 
ATOM   398  C CE1 . PHE A 1 52  ? 0.475   -1.332  6.350   1.00 7.49  ? 53  PHE A CE1 1 
ATOM   399  C CE2 . PHE A 1 52  ? 0.540   0.741   5.112   1.00 8.53  ? 53  PHE A CE2 1 
ATOM   400  C CZ  . PHE A 1 52  ? -0.028  -0.542  5.360   1.00 7.40  ? 53  PHE A CZ  1 
ATOM   401  N N   . HIS A 1 53  ? 6.762   1.338   6.858   1.00 9.35  ? 54  HIS A N   1 
ATOM   402  C CA  . HIS A 1 53  ? 8.003   1.957   7.323   1.00 10.06 ? 54  HIS A CA  1 
ATOM   403  C C   . HIS A 1 53  ? 7.930   3.473   7.394   1.00 11.36 ? 54  HIS A C   1 
ATOM   404  O O   . HIS A 1 53  ? 8.802   4.076   8.006   1.00 11.98 ? 54  HIS A O   1 
ATOM   405  C CB  . HIS A 1 53  ? 9.193   1.544   6.439   1.00 10.78 ? 54  HIS A CB  1 
ATOM   406  C CG  . HIS A 1 53  ? 9.069   1.950   5.014   1.00 10.73 ? 54  HIS A CG  1 
ATOM   407  N ND1 . HIS A 1 53  ? 8.321   1.236   4.099   1.00 11.41 ? 54  HIS A ND1 1 
ATOM   408  C CD2 . HIS A 1 53  ? 9.643   2.964   4.323   1.00 11.84 ? 54  HIS A CD2 1 
ATOM   409  C CE1 . HIS A 1 53  ? 8.421   1.805   2.911   1.00 12.70 ? 54  HIS A CE1 1 
ATOM   410  N NE2 . HIS A 1 53  ? 9.230   2.839   3.013   1.00 12.70 ? 54  HIS A NE2 1 
ATOM   411  N N   . ARG A 1 54  ? 6.928   4.092   6.796   1.00 8.85  ? 55  ARG A N   1 
ATOM   412  C CA  . ARG A 1 54  ? 6.862   5.555   6.809   1.00 8.16  ? 55  ARG A CA  1 
ATOM   413  C C   . ARG A 1 54  ? 5.407   5.940   6.996   1.00 8.39  ? 55  ARG A C   1 
ATOM   414  O O   . ARG A 1 54  ? 4.563   5.678   6.131   1.00 9.70  ? 55  ARG A O   1 
ATOM   415  C CB  . ARG A 1 54  ? 7.398   6.168   5.490   1.00 9.82  ? 55  ARG A CB  1 
ATOM   416  C CG  . ARG A 1 54  ? 7.514   7.696   5.482   1.00 9.25  ? 55  ARG A CG  1 
ATOM   417  C CD  . ARG A 1 54  ? 8.200   8.236   4.183   1.00 11.04 ? 55  ARG A CD  1 
ATOM   418  N NE  . ARG A 1 54  ? 9.589   7.782   4.149   1.00 10.85 ? 55  ARG A NE  1 
ATOM   419  C CZ  . ARG A 1 54  ? 10.115  7.078   3.161   1.00 13.85 ? 55  ARG A CZ  1 
ATOM   420  N NH1 . ARG A 1 54  ? 9.383   6.792   2.086   1.00 14.74 ? 55  ARG A NH1 1 
ATOM   421  N NH2 . ARG A 1 54  ? 11.385  6.677   3.236   1.00 16.51 ? 55  ARG A NH2 1 
ATOM   422  N N   . ILE A 1 55  ? 5.105   6.557   8.124   1.00 7.97  ? 56  ILE A N   1 
ATOM   423  C CA  . ILE A 1 55  ? 3.739   7.015   8.384   1.00 8.56  ? 56  ILE A CA  1 
ATOM   424  C C   . ILE A 1 55  ? 3.811   8.490   8.767   1.00 8.00  ? 56  ILE A C   1 
ATOM   425  O O   . ILE A 1 55  ? 4.402   8.793   9.793   1.00 8.60  ? 56  ILE A O   1 
ATOM   426  C CB  . ILE A 1 55  ? 3.077   6.185   9.507   1.00 7.82  ? 56  ILE A CB  1 
ATOM   427  C CG1 . ILE A 1 55  ? 2.942   4.700   9.087   1.00 6.73  ? 56  ILE A CG1 1 
ATOM   428  C CG2 . ILE A 1 55  ? 1.726   6.803   9.899   1.00 9.11  ? 56  ILE A CG2 1 
ATOM   429  C CD1 . ILE A 1 55  ? 2.223   3.820   10.182  1.00 9.22  ? 56  ILE A CD1 1 
ATOM   430  N N   . ILE A 1 56  ? 3.182   9.345   7.971   1.00 8.19  ? 57  ILE A N   1 
ATOM   431  C CA  . ILE A 1 56  ? 3.246   10.803  8.166   1.00 8.99  ? 57  ILE A CA  1 
ATOM   432  C C   . ILE A 1 56  ? 1.787   11.210  8.357   1.00 8.50  ? 57  ILE A C   1 
ATOM   433  O O   . ILE A 1 56  ? 1.007   11.192  7.410   1.00 8.48  ? 57  ILE A O   1 
ATOM   434  C CB  . ILE A 1 56  ? 3.894   11.501  6.971   1.00 8.29  ? 57  ILE A CB  1 
ATOM   435  C CG1 . ILE A 1 56  ? 5.353   11.014  6.848   1.00 8.67  ? 57  ILE A CG1 1 
ATOM   436  C CG2 . ILE A 1 56  ? 3.789   13.041  7.140   1.00 9.21  ? 57  ILE A CG2 1 
ATOM   437  C CD1 . ILE A 1 56  ? 6.047   11.451  5.532   1.00 9.80  ? 57  ILE A CD1 1 
ATOM   438  N N   . PRO A 1 57  ? 1.416   11.549  9.605   1.00 8.65  ? 58  PRO A N   1 
ATOM   439  C CA  . PRO A 1 57  ? 0.021   11.898  9.924   1.00 9.05  ? 58  PRO A CA  1 
ATOM   440  C C   . PRO A 1 57  ? -0.495  13.035  9.063   1.00 10.44 ? 58  PRO A C   1 
ATOM   441  O O   . PRO A 1 57  ? 0.247   13.984  8.820   1.00 10.57 ? 58  PRO A O   1 
ATOM   442  C CB  . PRO A 1 57  ? 0.089   12.292  11.420  1.00 11.00 ? 58  PRO A CB  1 
ATOM   443  C CG  . PRO A 1 57  ? 1.233   11.506  11.950  1.00 11.05 ? 58  PRO A CG  1 
ATOM   444  C CD  . PRO A 1 57  ? 2.283   11.515  10.801  1.00 9.22  ? 58  PRO A CD  1 
ATOM   445  N N   . GLY A 1 58  ? -1.704  12.877  8.517   1.00 10.20 ? 59  GLY A N   1 
ATOM   446  C CA  . GLY A 1 58  ? -2.287  13.898  7.655   1.00 10.59 ? 59  GLY A CA  1 
ATOM   447  C C   . GLY A 1 58  ? -1.822  13.830  6.207   1.00 9.68  ? 59  GLY A C   1 
ATOM   448  O O   . GLY A 1 58  ? -2.288  14.594  5.367   1.00 9.71  ? 59  GLY A O   1 
ATOM   449  N N   . PHE A 1 59  ? -0.953  12.878  5.890   1.00 8.24  ? 60  PHE A N   1 
ATOM   450  C CA  . PHE A 1 59  ? -0.435  12.687  4.540   1.00 8.29  ? 60  PHE A CA  1 
ATOM   451  C C   . PHE A 1 59  ? -0.703  11.260  4.029   1.00 9.57  ? 60  PHE A C   1 
ATOM   452  O O   . PHE A 1 59  ? -1.632  11.052  3.246   1.00 9.10  ? 60  PHE A O   1 
ATOM   453  C CB  . PHE A 1 59  ? 1.063   13.055  4.546   1.00 9.11  ? 60  PHE A CB  1 
ATOM   454  C CG  . PHE A 1 59  ? 1.773   12.970  3.184   1.00 8.93  ? 60  PHE A CG  1 
ATOM   455  C CD1 . PHE A 1 59  ? 1.069   12.991  1.976   1.00 10.12 ? 60  PHE A CD1 1 
ATOM   456  C CD2 . PHE A 1 59  ? 3.140   12.874  3.144   1.00 10.05 ? 60  PHE A CD2 1 
ATOM   457  C CE1 . PHE A 1 59  ? 1.751   13.012  0.752   1.00 11.83 ? 60  PHE A CE1 1 
ATOM   458  C CE2 . PHE A 1 59  ? 3.822   12.827  1.916   1.00 10.39 ? 60  PHE A CE2 1 
ATOM   459  C CZ  . PHE A 1 59  ? 3.124   12.905  0.737   1.00 10.25 ? 60  PHE A CZ  1 
ATOM   460  N N   . MET A 1 60  ? 0.070   10.304  4.520   1.00 8.80  ? 61  MET A N   1 
ATOM   461  C CA  . MET A 1 60  ? -0.081  8.936   4.016   1.00 8.37  ? 61  MET A CA  1 
ATOM   462  C C   . MET A 1 60  ? 0.664   7.954   4.868   1.00 7.71  ? 61  MET A C   1 
ATOM   463  O O   . MET A 1 60  ? 1.544   8.322   5.705   1.00 8.88  ? 61  MET A O   1 
ATOM   464  C CB  . MET A 1 60  ? 0.378   8.877   2.558   1.00 8.84  ? 61  MET A CB  1 
ATOM   465  C CG  . MET A 1 60  ? 1.759   9.377   2.379   1.00 9.05  ? 61  MET A CG  1 
ATOM   466  S SD  . MET A 1 60  ? 2.093   9.002   0.784   1.00 77.91 ? 61  MET A SD  1 
ATOM   467  C CE  . MET A 1 60  ? 1.045   10.225  0.001   1.00 35.79 ? 61  MET A CE  1 
ATOM   468  N N   . CYS A 1 61  ? 0.329   6.678   4.665   1.00 7.40  ? 62  CYS A N   1 
ATOM   469  C CA  . CYS A 1 61  ? 1.019   5.518   5.264   1.00 7.86  ? 62  CYS A CA  1 
ATOM   470  C C   . CYS A 1 61  ? 1.624   4.679   4.162   1.00 7.28  ? 62  CYS A C   1 
ATOM   471  O O   . CYS A 1 61  ? 0.898   4.235   3.275   1.00 7.84  ? 62  CYS A O   1 
ATOM   472  C CB  . CYS A 1 61  ? 0.039   4.625   6.052   1.00 7.64  ? 62  CYS A CB  1 
ATOM   473  S SG  . CYS A 1 61  ? -0.872  5.427   7.377   1.00 11.96 ? 62  CYS A SG  1 
ATOM   474  N N   . GLN A 1 62  ? 2.922   4.452   4.242   1.00 6.50  ? 63  GLN A N   1 
ATOM   475  C CA  . GLN A 1 62  ? 3.661   3.733   3.182   1.00 6.95  ? 63  GLN A CA  1 
ATOM   476  C C   . GLN A 1 62  ? 4.228   2.385   3.680   1.00 7.28  ? 63  GLN A C   1 
ATOM   477  O O   . GLN A 1 62  ? 4.803   2.311   4.767   1.00 7.96  ? 63  GLN A O   1 
ATOM   478  C CB  . GLN A 1 62  ? 4.802   4.611   2.667   1.00 6.52  ? 63  GLN A CB  1 
ATOM   479  C CG  . GLN A 1 62  ? 5.638   3.994   1.506   1.00 7.23  ? 63  GLN A CG  1 
ATOM   480  C CD  . GLN A 1 62  ? 6.690   4.950   1.033   1.00 7.36  ? 63  GLN A CD  1 
ATOM   481  O OE1 . GLN A 1 62  ? 6.666   6.144   1.378   1.00 9.97  ? 63  GLN A OE1 1 
ATOM   482  N NE2 . GLN A 1 62  ? 7.605   4.483   0.194   1.00 8.50  ? 63  GLN A NE2 1 
ATOM   483  N N   . GLY A 1 63  ? 4.113   1.363   2.829   1.00 6.80  ? 64  GLY A N   1 
ATOM   484  C CA  . GLY A 1 63  ? 4.636   0.055   3.178   1.00 8.04  ? 64  GLY A CA  1 
ATOM   485  C C   . GLY A 1 63  ? 5.034   -0.747  1.946   1.00 8.09  ? 64  GLY A C   1 
ATOM   486  O O   . GLY A 1 63  ? 5.170   -0.217  0.865   1.00 8.57  ? 64  GLY A O   1 
ATOM   487  N N   . GLY A 1 64  ? 5.250   -2.041  2.180   1.00 9.69  ? 65  GLY A N   1 
ATOM   488  C CA  . GLY A 1 64  ? 5.438   -2.948  1.060   1.00 10.42 ? 65  GLY A CA  1 
ATOM   489  C C   . GLY A 1 64  ? 6.856   -3.402  0.784   1.00 10.38 ? 65  GLY A C   1 
ATOM   490  O O   . GLY A 1 64  ? 7.062   -4.172  -0.176  1.00 12.10 ? 65  GLY A O   1 
ATOM   491  N N   . ASP A 1 65  ? 7.843   -3.014  1.604   1.00 10.02 ? 66  ASP A N   1 
ATOM   492  C CA  . ASP A 1 65  ? 9.217   -3.526  1.370   1.00 11.57 ? 66  ASP A CA  1 
ATOM   493  C C   . ASP A 1 65  ? 9.435   -4.865  2.090   1.00 12.05 ? 66  ASP A C   1 
ATOM   494  O O   . ASP A 1 65  ? 9.784   -4.922  3.276   1.00 13.82 ? 66  ASP A O   1 
ATOM   495  C CB  . ASP A 1 65  ? 10.257  -2.513  1.846   1.00 11.82 ? 66  ASP A CB  1 
ATOM   496  C CG  . ASP A 1 65  ? 11.694  -2.994  1.628   1.00 14.20 ? 66  ASP A CG  1 
ATOM   497  O OD1 . ASP A 1 65  ? 11.874  -4.167  1.199   1.00 14.16 ? 66  ASP A OD1 1 
ATOM   498  O OD2 . ASP A 1 65  ? 12.606  -2.169  1.883   1.00 15.49 ? 66  ASP A OD2 1 
ATOM   499  N N   . PHE A 1 66  ? 9.239   -5.951  1.365   1.00 11.15 ? 67  PHE A N   1 
ATOM   500  C CA  . PHE A 1 66  ? 9.400   -7.276  1.926   1.00 14.95 ? 67  PHE A CA  1 
ATOM   501  C C   . PHE A 1 66  ? 10.736  -7.895  1.535   1.00 14.49 ? 67  PHE A C   1 
ATOM   502  O O   . PHE A 1 66  ? 10.939  -9.068  1.850   1.00 15.88 ? 67  PHE A O   1 
ATOM   503  C CB  . PHE A 1 66  ? 8.229   -8.170  1.471   1.00 13.68 ? 67  PHE A CB  1 
ATOM   504  C CG  . PHE A 1 66  ? 8.109   -8.322  -0.028  1.00 9.90  ? 67  PHE A CG  1 
ATOM   505  C CD1 . PHE A 1 66  ? 8.905   -9.246  -0.700  1.00 12.99 ? 67  PHE A CD1 1 
ATOM   506  C CD2 . PHE A 1 66  ? 7.133   -7.630  -0.769  1.00 10.79 ? 67  PHE A CD2 1 
ATOM   507  C CE1 . PHE A 1 66  ? 8.796   -9.422  -2.053  1.00 11.40 ? 67  PHE A CE1 1 
ATOM   508  C CE2 . PHE A 1 66  ? 7.020   -7.823  -2.113  1.00 11.27 ? 67  PHE A CE2 1 
ATOM   509  C CZ  . PHE A 1 66  ? 7.856   -8.719  -2.759  1.00 10.88 ? 67  PHE A CZ  1 
ATOM   510  N N   . THR A 1 67  ? 11.622  -7.177  0.848   1.00 14.25 ? 68  THR A N   1 
ATOM   511  C CA  . THR A 1 67  ? 12.899  -7.802  0.438   1.00 16.40 ? 68  THR A CA  1 
ATOM   512  C C   . THR A 1 67  ? 14.077  -7.277  1.241   1.00 21.54 ? 68  THR A C   1 
ATOM   513  O O   . THR A 1 67  ? 15.007  -8.050  1.527   1.00 26.41 ? 68  THR A O   1 
ATOM   514  C CB  . THR A 1 67  ? 13.248  -7.629  -1.073  1.00 15.23 ? 68  THR A CB  1 
ATOM   515  O OG1 . THR A 1 67  ? 13.484  -6.251  -1.402  1.00 15.74 ? 68  THR A OG1 1 
ATOM   516  C CG2 . THR A 1 67  ? 12.176  -8.200  -1.985  1.00 14.40 ? 68  THR A CG2 1 
ATOM   517  N N   . ARG A 1 68  ? 14.075  -5.993  1.593   1.00 16.86 ? 69  ARG A N   1 
ATOM   518  C CA  . ARG A 1 68  ? 15.186  -5.414  2.328   1.00 20.17 ? 69  ARG A CA  1 
ATOM   519  C C   . ARG A 1 68  ? 14.747  -4.966  3.699   1.00 28.46 ? 69  ARG A C   1 
ATOM   520  O O   . ARG A 1 68  ? 15.569  -4.903  4.606   1.00 28.99 ? 69  ARG A O   1 
ATOM   521  C CB  . ARG A 1 68  ? 15.801  -4.247  1.539   1.00 18.77 ? 69  ARG A CB  1 
ATOM   522  C CG  . ARG A 1 68  ? 16.443  -4.689  0.226   1.00 22.95 ? 69  ARG A CG  1 
ATOM   523  C CD  . ARG A 1 68  ? 16.802  -3.517  -0.648  1.00 27.77 ? 69  ARG A CD  1 
ATOM   524  N NE  . ARG A 1 68  ? 17.155  -3.898  -2.016  1.00 37.44 ? 69  ARG A NE  1 
ATOM   525  C CZ  . ARG A 1 68  ? 17.375  -3.031  -3.003  1.00 44.26 ? 69  ARG A CZ  1 
ATOM   526  N NH1 . ARG A 1 68  ? 17.290  -1.724  -2.773  1.00 36.98 ? 69  ARG A NH1 1 
ATOM   527  N NH2 . ARG A 1 68  ? 17.688  -3.467  -4.224  1.00 52.51 ? 69  ARG A NH2 1 
ATOM   528  N N   . HIS A 1 69  ? 13.449  -4.683  3.854   1.00 19.48 ? 70  HIS A N   1 
ATOM   529  C CA  . HIS A 1 69  ? 12.895  -4.204  5.127   1.00 22.03 ? 70  HIS A CA  1 
ATOM   530  C C   . HIS A 1 69  ? 13.616  -2.956  5.620   1.00 21.45 ? 70  HIS A C   1 
ATOM   531  O O   . HIS A 1 69  ? 13.906  -2.846  6.800   1.00 29.33 ? 70  HIS A O   1 
ATOM   532  C CB  . HIS A 1 69  ? 12.964  -5.309  6.187   1.00 30.36 ? 70  HIS A CB  1 
ATOM   533  C CG  . HIS A 1 69  ? 12.262  -6.566  5.782   1.00 27.74 ? 70  HIS A CG  1 
ATOM   534  N ND1 . HIS A 1 69  ? 10.896  -6.729  5.906   1.00 35.95 ? 70  HIS A ND1 1 
ATOM   535  C CD2 . HIS A 1 69  ? 12.730  -7.709  5.231   1.00 35.85 ? 70  HIS A CD2 1 
ATOM   536  C CE1 . HIS A 1 69  ? 10.555  -7.927  5.461   1.00 37.16 ? 70  HIS A CE1 1 
ATOM   537  N NE2 . HIS A 1 69  ? 11.649  -8.541  5.045   1.00 32.16 ? 70  HIS A NE2 1 
ATOM   538  N N   . ASN A 1 70  ? 13.923  -2.034  4.712   1.00 21.01 ? 71  ASN A N   1 
ATOM   539  C CA  . ASN A 1 70  ? 14.581  -0.787  5.086   1.00 22.72 ? 71  ASN A CA  1 
ATOM   540  C C   . ASN A 1 70  ? 14.089  0.387   4.231   1.00 27.48 ? 71  ASN A C   1 
ATOM   541  O O   . ASN A 1 70  ? 14.737  1.436   4.161   1.00 23.97 ? 71  ASN A O   1 
ATOM   542  C CB  . ASN A 1 70  ? 16.103  -0.939  5.000   1.00 26.05 ? 71  ASN A CB  1 
ATOM   543  C CG  . ASN A 1 70  ? 16.624  -1.050  3.569   1.00 24.21 ? 71  ASN A CG  1 
ATOM   544  O OD1 . ASN A 1 70  ? 15.873  -1.029  2.585   1.00 23.24 ? 71  ASN A OD1 1 
ATOM   545  N ND2 . ASN A 1 70  ? 17.947  -1.143  3.445   1.00 30.06 ? 71  ASN A ND2 1 
ATOM   546  N N   . GLY A 1 71  ? 12.954  0.208   3.553   1.00 19.86 ? 72  GLY A N   1 
ATOM   547  C CA  . GLY A 1 71  ? 12.437  1.287   2.710   1.00 19.22 ? 72  GLY A CA  1 
ATOM   548  C C   . GLY A 1 71  ? 12.947  1.388   1.296   1.00 18.56 ? 72  GLY A C   1 
ATOM   549  O O   . GLY A 1 71  ? 12.472  2.201   0.477   1.00 16.38 ? 72  GLY A O   1 
ATOM   550  N N   . THR A 1 72  ? 13.934  0.557   0.958   1.00 17.73 ? 73  THR A N   1 
ATOM   551  C CA  . THR A 1 72  ? 14.488  0.653   -0.366  1.00 17.22 ? 73  THR A CA  1 
ATOM   552  C C   . THR A 1 72  ? 14.030  -0.499  -1.269  1.00 15.47 ? 73  THR A C   1 
ATOM   553  O O   . THR A 1 72  ? 14.183  -0.411  -2.484  1.00 17.79 ? 73  THR A O   1 
ATOM   554  C CB  . THR A 1 72  ? 16.044  0.684   -0.326  1.00 20.47 ? 73  THR A CB  1 
ATOM   555  O OG1 . THR A 1 72  ? 16.543  -0.577  0.125   1.00 23.34 ? 73  THR A OG1 1 
ATOM   556  C CG2 . THR A 1 72  ? 16.515  1.761   0.635   1.00 25.84 ? 73  THR A CG2 1 
ATOM   557  N N   . GLY A 1 73  ? 13.452  -1.557  -0.700  1.00 12.52 ? 74  GLY A N   1 
ATOM   558  C CA  . GLY A 1 73  ? 13.240  -2.791  -1.439  1.00 14.37 ? 74  GLY A CA  1 
ATOM   559  C C   . GLY A 1 73  ? 11.822  -3.092  -1.876  1.00 13.58 ? 74  GLY A C   1 
ATOM   560  O O   . GLY A 1 73  ? 10.967  -2.181  -2.046  1.00 13.24 ? 74  GLY A O   1 
ATOM   561  N N   . GLY A 1 74  ? 11.575  -4.393  -2.052  1.00 13.99 ? 75  GLY A N   1 
ATOM   562  C CA  . GLY A 1 74  ? 10.345  -4.918  -2.621  1.00 11.96 ? 75  GLY A CA  1 
ATOM   563  C C   . GLY A 1 74  ? 10.541  -5.171  -4.107  1.00 11.30 ? 75  GLY A C   1 
ATOM   564  O O   . GLY A 1 74  ? 11.462  -4.679  -4.757  1.00 13.20 ? 75  GLY A O   1 
ATOM   565  N N   . LYS A 1 75  ? 9.663   -5.998  -4.641  1.00 10.65 ? 76  LYS A N   1 
ATOM   566  C CA  . LYS A 1 75  ? 9.655   -6.285  -6.077  1.00 9.97  ? 76  LYS A CA  1 
ATOM   567  C C   . LYS A 1 75  ? 8.243   -6.644  -6.483  1.00 10.17 ? 76  LYS A C   1 
ATOM   568  O O   . LYS A 1 75  ? 7.397   -7.058  -5.651  1.00 9.29  ? 76  LYS A O   1 
ATOM   569  C CB  . LYS A 1 75  ? 10.607  -7.465  -6.454  1.00 9.92  ? 76  LYS A CB  1 
ATOM   570  C CG  . LYS A 1 75  ? 10.250  -8.833  -5.810  1.00 9.94  ? 76  LYS A CG  1 
ATOM   571  C CD  . LYS A 1 75  ? 11.152  -9.875  -6.460  1.00 12.85 ? 76  LYS A CD  1 
ATOM   572  C CE  . LYS A 1 75  ? 10.831  -11.270 -5.877  1.00 9.95  ? 76  LYS A CE  1 
ATOM   573  N NZ  . LYS A 1 75  ? 11.727  -12.266 -6.594  1.00 13.07 ? 76  LYS A NZ  1 
ATOM   574  N N   . SER A 1 76  ? 7.969   -6.506  -7.767  1.00 10.18 ? 77  SER A N   1 
ATOM   575  C CA  . SER A 1 76  ? 6.689   -6.854  -8.327  1.00 9.79  ? 77  SER A CA  1 
ATOM   576  C C   . SER A 1 76  ? 6.609   -8.349  -8.638  1.00 9.47  ? 77  SER A C   1 
ATOM   577  O O   . SER A 1 76  ? 7.624   -9.059  -8.541  1.00 10.21 ? 77  SER A O   1 
ATOM   578  C CB  . SER A 1 76  ? 6.428   -6.049  -9.589  1.00 10.03 ? 77  SER A CB  1 
ATOM   579  O OG  . SER A 1 76  ? 7.176   -6.550  -10.711 1.00 11.00 ? 77  SER A OG  1 
ATOM   580  N N   . ILE A 1 77  ? 5.462   -8.798  -9.110  1.00 9.14  ? 78  ILE A N   1 
ATOM   581  C CA  . ILE A 1 77  ? 5.293   -10.155 -9.604  1.00 9.13  ? 78  ILE A CA  1 
ATOM   582  C C   . ILE A 1 77  ? 5.771   -10.279 -11.042 1.00 10.72 ? 78  ILE A C   1 
ATOM   583  O O   . ILE A 1 77  ? 5.643   -11.362 -11.605 1.00 10.69 ? 78  ILE A O   1 
ATOM   584  C CB  . ILE A 1 77  ? 3.816   -10.587 -9.507  1.00 9.97  ? 78  ILE A CB  1 
ATOM   585  C CG1 . ILE A 1 77  ? 2.905   -9.734  -10.404 1.00 10.23 ? 78  ILE A CG1 1 
ATOM   586  C CG2 . ILE A 1 77  ? 3.352   -10.580 -8.023  1.00 11.95 ? 78  ILE A CG2 1 
ATOM   587  C CD1 . ILE A 1 77  ? 1.541   -10.373 -10.670 1.00 12.89 ? 78  ILE A CD1 1 
ATOM   588  N N   . TYR A 1 78  ? 6.299   -9.195  -11.598 1.00 10.42 ? 79  TYR A N   1 
ATOM   589  C CA  . TYR A 1 78  ? 6.706   -9.209  -13.011 1.00 12.44 ? 79  TYR A CA  1 
ATOM   590  C C   . TYR A 1 78  ? 8.222   -9.228  -13.190 1.00 16.42 ? 79  TYR A C   1 
ATOM   591  O O   . TYR A 1 78  ? 8.718   -8.844  -14.246 1.00 21.11 ? 79  TYR A O   1 
ATOM   592  C CB  . TYR A 1 78  ? 6.119   -7.988  -13.754 1.00 12.66 ? 79  TYR A CB  1 
ATOM   593  C CG  . TYR A 1 78  ? 4.614   -7.876  -13.581 1.00 10.56 ? 79  TYR A CG  1 
ATOM   594  C CD1 . TYR A 1 78  ? 3.733   -8.859  -14.078 1.00 12.11 ? 79  TYR A CD1 1 
ATOM   595  C CD2 . TYR A 1 78  ? 4.053   -6.799  -12.914 1.00 12.23 ? 79  TYR A CD2 1 
ATOM   596  C CE1 . TYR A 1 78  ? 2.344   -8.774  -13.904 1.00 12.46 ? 79  TYR A CE1 1 
ATOM   597  C CE2 . TYR A 1 78  ? 2.673   -6.674  -12.773 1.00 12.03 ? 79  TYR A CE2 1 
ATOM   598  C CZ  . TYR A 1 78  ? 1.802   -7.654  -13.243 1.00 11.27 ? 79  TYR A CZ  1 
ATOM   599  O OH  . TYR A 1 78  ? 0.420   -7.617  -13.115 1.00 12.32 ? 79  TYR A OH  1 
ATOM   600  N N   . GLY A 1 79  ? 8.941   -9.600  -12.146 1.00 14.77 ? 80  GLY A N   1 
ATOM   601  C CA  . GLY A 1 79  ? 10.396  -9.646  -12.203 1.00 19.64 ? 80  GLY A CA  1 
ATOM   602  C C   . GLY A 1 79  ? 10.953  -8.718  -11.133 1.00 24.76 ? 80  GLY A C   1 
ATOM   603  O O   . GLY A 1 79  ? 11.184  -9.125  -9.987  1.00 25.59 ? 80  GLY A O   1 
ATOM   604  N N   . GLU A 1 80  ? 11.201  -7.470  -11.507 1.00 23.69 ? 81  GLU A N   1 
ATOM   605  C CA  . GLU A 1 80  ? 11.666  -6.480  -10.530 1.00 22.50 ? 81  GLU A CA  1 
ATOM   606  C C   . GLU A 1 80  ? 10.686  -5.302  -10.567 1.00 22.38 ? 81  GLU A C   1 
ATOM   607  O O   . GLU A 1 80  ? 9.669   -5.330  -9.826  1.00 19.99 ? 81  GLU A O   1 
ATOM   608  C CB  . GLU A 1 80  ? 13.112  -6.042  -10.811 1.00 29.33 ? 81  GLU A CB  1 
ATOM   609  C CG  . GLU A 1 80  ? 14.136  -6.984  -10.153 1.00 43.44 ? 81  GLU A CG  1 
ATOM   610  C CD  . GLU A 1 80  ? 14.116  -6.903  -8.631  1.00 59.28 ? 81  GLU A CD  1 
ATOM   611  O OE1 . GLU A 1 80  ? 14.054  -5.781  -8.090  1.00 71.21 ? 81  GLU A OE1 1 
ATOM   612  O OE2 . GLU A 1 80  ? 14.147  -7.958  -7.972  1.00 48.08 ? 81  GLU A OE2 1 
ATOM   613  N N   . LYS A 1 81  ? 10.918  -4.333  -11.462 1.00 17.73 ? 82  LYS A N   1 
ATOM   614  C CA  . LYS A 1 81  ? 10.047  -3.151  -11.584 1.00 14.41 ? 82  LYS A CA  1 
ATOM   615  C C   . LYS A 1 81  ? 9.168   -3.251  -12.834 1.00 16.34 ? 82  LYS A C   1 
ATOM   616  O O   . LYS A 1 81  ? 9.453   -4.068  -13.747 1.00 18.76 ? 82  LYS A O   1 
ATOM   617  C CB  . LYS A 1 81  ? 10.853  -1.836  -11.595 1.00 14.50 ? 82  LYS A CB  1 
ATOM   618  C CG  . LYS A 1 81  ? 11.724  -1.631  -10.346 1.00 17.60 ? 82  LYS A CG  1 
ATOM   619  C CD  . LYS A 1 81  ? 10.934  -1.740  -8.996  1.00 15.87 ? 82  LYS A CD  1 
ATOM   620  C CE  . LYS A 1 81  ? 11.705  -1.235  -7.787  1.00 21.35 ? 82  LYS A CE  1 
ATOM   621  N NZ  . LYS A 1 81  ? 13.089  -1.744  -7.659  1.00 27.68 ? 82  LYS A NZ  1 
ATOM   622  N N   . PHE A 1 82  ? 8.086   -2.461  -12.882 1.00 12.23 ? 83  PHE A N   1 
ATOM   623  C CA  . PHE A 1 82  ? 7.258   -2.364  -14.062 1.00 11.35 ? 83  PHE A CA  1 
ATOM   624  C C   . PHE A 1 82  ? 6.803   -0.950  -14.304 1.00 13.56 ? 83  PHE A C   1 
ATOM   625  O O   . PHE A 1 82  ? 6.921   -0.043  -13.435 1.00 11.23 ? 83  PHE A O   1 
ATOM   626  C CB  . PHE A 1 82  ? 6.059   -3.377  -14.013 1.00 11.89 ? 83  PHE A CB  1 
ATOM   627  C CG  . PHE A 1 82  ? 5.028   -3.120  -12.943 1.00 11.65 ? 83  PHE A CG  1 
ATOM   628  C CD1 . PHE A 1 82  ? 5.302   -3.485  -11.638 1.00 12.48 ? 83  PHE A CD1 1 
ATOM   629  C CD2 . PHE A 1 82  ? 3.770   -2.617  -13.269 1.00 13.95 ? 83  PHE A CD2 1 
ATOM   630  C CE1 . PHE A 1 82  ? 4.346   -3.301  -10.633 1.00 9.01  ? 83  PHE A CE1 1 
ATOM   631  C CE2 . PHE A 1 82  ? 2.781   -2.463  -12.273 1.00 10.97 ? 83  PHE A CE2 1 
ATOM   632  C CZ  . PHE A 1 82  ? 3.093   -2.777  -10.955 1.00 10.47 ? 83  PHE A CZ  1 
ATOM   633  N N   . GLU A 1 83  ? 6.400   -0.713  -15.553 1.00 15.06 ? 84  GLU A N   1 
ATOM   634  C CA  . GLU A 1 83  ? 6.049   0.619   -16.025 1.00 14.86 ? 84  GLU A CA  1 
ATOM   635  C C   . GLU A 1 83  ? 4.784   1.175   -15.361 1.00 13.37 ? 84  GLU A C   1 
ATOM   636  O O   . GLU A 1 83  ? 3.927   0.447   -14.864 1.00 14.41 ? 84  GLU A O   1 
ATOM   637  C CB  . GLU A 1 83  ? 5.865   0.570   -17.548 1.00 19.32 ? 84  GLU A CB  1 
ATOM   638  C CG  . GLU A 1 83  ? 4.660   -0.182  -18.007 1.00 23.78 ? 84  GLU A CG  1 
ATOM   639  C CD  . GLU A 1 83  ? 4.807   -1.750  -17.966 1.00 48.27 ? 84  GLU A CD  1 
ATOM   640  O OE1 . GLU A 1 83  ? 5.889   -2.322  -17.598 1.00 35.71 ? 84  GLU A OE1 1 
ATOM   641  O OE2 . GLU A 1 83  ? 3.782   -2.421  -18.281 1.00 43.63 ? 84  GLU A OE2 1 
ATOM   642  N N   . ASP A 1 84  ? 4.730   2.494   -15.305 1.00 11.62 ? 85  ASP A N   1 
ATOM   643  C CA  . ASP A 1 84  ? 3.494   3.188   -14.921 1.00 12.75 ? 85  ASP A CA  1 
ATOM   644  C C   . ASP A 1 84  ? 2.401   2.836   -15.905 1.00 14.99 ? 85  ASP A C   1 
ATOM   645  O O   . ASP A 1 84  ? 2.511   3.143   -17.107 1.00 15.05 ? 85  ASP A O   1 
ATOM   646  C CB  . ASP A 1 84  ? 3.733   4.701   -14.873 1.00 11.67 ? 85  ASP A CB  1 
ATOM   647  C CG  . ASP A 1 84  ? 4.781   5.103   -13.863 1.00 13.55 ? 85  ASP A CG  1 
ATOM   648  O OD1 . ASP A 1 84  ? 4.708   4.622   -12.712 1.00 12.57 ? 85  ASP A OD1 1 
ATOM   649  O OD2 . ASP A 1 84  ? 5.660   5.943   -14.176 1.00 13.86 ? 85  ASP A OD2 1 
ATOM   650  N N   . GLU A 1 85  ? 1.342   2.175   -15.427 1.00 12.90 ? 86  GLU A N   1 
ATOM   651  C CA  . GLU A 1 85  ? 0.321   1.633   -16.329 1.00 12.57 ? 86  GLU A CA  1 
ATOM   652  C C   . GLU A 1 85  ? -0.515  2.760   -16.985 1.00 15.38 ? 86  GLU A C   1 
ATOM   653  O O   . GLU A 1 85  ? -0.647  2.806   -18.224 1.00 16.15 ? 86  GLU A O   1 
ATOM   654  C CB  . GLU A 1 85  ? -0.551  0.642   -15.571 1.00 12.92 ? 86  GLU A CB  1 
ATOM   655  C CG  . GLU A 1 85  ? -1.527  -0.092  -16.438 1.00 13.84 ? 86  GLU A CG  1 
ATOM   656  C CD  . GLU A 1 85  ? -2.215  -1.218  -15.693 1.00 13.73 ? 86  GLU A CD  1 
ATOM   657  O OE1 . GLU A 1 85  ? -2.068  -1.316  -14.426 1.00 13.37 ? 86  GLU A OE1 1 
ATOM   658  O OE2 . GLU A 1 85  ? -2.883  -2.034  -16.365 1.00 13.98 ? 86  GLU A OE2 1 
ATOM   659  N N   . ASN A 1 86  ? -1.020  3.675   -16.165 1.00 12.58 ? 87  ASN A N   1 
ATOM   660  C CA  . ASN A 1 86  ? -1.651  4.892   -16.640 1.00 13.10 ? 87  ASN A CA  1 
ATOM   661  C C   . ASN A 1 86  ? -1.844  5.762   -15.419 1.00 13.30 ? 87  ASN A C   1 
ATOM   662  O O   . ASN A 1 86  ? -1.596  5.307   -14.315 1.00 12.93 ? 87  ASN A O   1 
ATOM   663  C CB  . ASN A 1 86  ? -2.979  4.645   -17.345 1.00 13.37 ? 87  ASN A CB  1 
ATOM   664  C CG  . ASN A 1 86  ? -3.991  3.994   -16.439 1.00 14.80 ? 87  ASN A CG  1 
ATOM   665  O OD1 . ASN A 1 86  ? -4.406  4.591   -15.449 1.00 13.52 ? 87  ASN A OD1 1 
ATOM   666  N ND2 . ASN A 1 86  ? -4.387  2.778   -16.753 1.00 15.30 ? 87  ASN A ND2 1 
ATOM   667  N N   . PHE A 1 87  ? -2.271  7.004   -15.635 1.00 12.98 ? 88  PHE A N   1 
ATOM   668  C CA  . PHE A 1 87  ? -2.551  7.936   -14.555 1.00 13.61 ? 88  PHE A CA  1 
ATOM   669  C C   . PHE A 1 87  ? -3.989  8.379   -14.645 1.00 13.13 ? 88  PHE A C   1 
ATOM   670  O O   . PHE A 1 87  ? -4.329  9.523   -14.375 1.00 15.17 ? 88  PHE A O   1 
ATOM   671  C CB  . PHE A 1 87  ? -1.584  9.110   -14.629 1.00 14.57 ? 88  PHE A CB  1 
ATOM   672  C CG  . PHE A 1 87  ? -0.145  8.699   -14.421 1.00 11.39 ? 88  PHE A CG  1 
ATOM   673  C CD1 . PHE A 1 87  ? 0.289   8.254   -13.158 1.00 10.81 ? 88  PHE A CD1 1 
ATOM   674  C CD2 . PHE A 1 87  ? 0.798   8.757   -15.456 1.00 14.10 ? 88  PHE A CD2 1 
ATOM   675  C CE1 . PHE A 1 87  ? 1.574   7.874   -12.924 1.00 11.66 ? 88  PHE A CE1 1 
ATOM   676  C CE2 . PHE A 1 87  ? 2.095   8.427   -15.216 1.00 13.08 ? 88  PHE A CE2 1 
ATOM   677  C CZ  . PHE A 1 87  ? 2.497   7.973   -13.955 1.00 13.25 ? 88  PHE A CZ  1 
ATOM   678  N N   . ILE A 1 88  ? -4.869  7.457   -15.021 1.00 12.33 ? 89  ILE A N   1 
ATOM   679  C CA  . ILE A 1 88  ? -6.283  7.803   -15.136 1.00 13.46 ? 89  ILE A CA  1 
ATOM   680  C C   . ILE A 1 88  ? -6.821  8.283   -13.805 1.00 15.10 ? 89  ILE A C   1 
ATOM   681  O O   . ILE A 1 88  ? -7.509  9.297   -13.719 1.00 15.76 ? 89  ILE A O   1 
ATOM   682  C CB  . ILE A 1 88  ? -7.108  6.596   -15.606 1.00 17.57 ? 89  ILE A CB  1 
ATOM   683  C CG1 . ILE A 1 88  ? -6.735  6.236   -17.046 1.00 20.44 ? 89  ILE A CG1 1 
ATOM   684  C CG2 . ILE A 1 88  ? -8.596  6.852   -15.442 1.00 22.44 ? 89  ILE A CG2 1 
ATOM   685  C CD1 . ILE A 1 88  ? -7.313  4.898   -17.479 1.00 20.59 ? 89  ILE A CD1 1 
ATOM   686  N N   . LEU A 1 89  ? -6.542  7.534   -12.755 1.00 14.01 ? 90  LEU A N   1 
ATOM   687  C CA  . LEU A 1 89  ? -7.092  7.903   -11.451 1.00 12.77 ? 90  LEU A CA  1 
ATOM   688  C C   . LEU A 1 89  ? -6.235  8.858   -10.647 1.00 12.25 ? 90  LEU A C   1 
ATOM   689  O O   . LEU A 1 89  ? -5.012  8.857   -10.752 1.00 11.83 ? 90  LEU A O   1 
ATOM   690  C CB  . LEU A 1 89  ? -7.323  6.641   -10.624 1.00 11.60 ? 90  LEU A CB  1 
ATOM   691  C CG  . LEU A 1 89  ? -8.303  5.685   -11.296 1.00 14.70 ? 90  LEU A CG  1 
ATOM   692  C CD1 . LEU A 1 89  ? -8.363  4.388   -10.513 1.00 17.78 ? 90  LEU A CD1 1 
ATOM   693  C CD2 . LEU A 1 89  ? -9.690  6.320   -11.403 1.00 17.65 ? 90  LEU A CD2 1 
ATOM   694  N N   . LYS A 1 90  ? -6.877  9.665   -9.821  1.00 12.46 ? 91  LYS A N   1 
ATOM   695  C CA  . LYS A 1 90  ? -6.167  10.733  -9.108  1.00 11.39 ? 91  LYS A CA  1 
ATOM   696  C C   . LYS A 1 90  ? -6.188  10.526  -7.606  1.00 11.16 ? 91  LYS A C   1 
ATOM   697  O O   . LYS A 1 90  ? -6.975  9.712   -7.079  1.00 9.94  ? 91  LYS A O   1 
ATOM   698  C CB  . LYS A 1 90  ? -6.783  12.092  -9.475  1.00 12.57 ? 91  LYS A CB  1 
ATOM   699  C CG  . LYS A 1 90  ? -6.574  12.456  -10.958 1.00 18.80 ? 91  LYS A CG  1 
ATOM   700  C CD  . LYS A 1 90  ? -7.176  13.819  -11.269 1.00 24.13 ? 91  LYS A CD  1 
ATOM   701  C CE  . LYS A 1 90  ? -6.858  14.259  -12.688 1.00 40.39 ? 91  LYS A CE  1 
ATOM   702  N NZ  . LYS A 1 90  ? -7.413  15.633  -12.924 1.00 48.12 ? 91  LYS A NZ  1 
ATOM   703  N N   . HIS A 1 91  ? -5.317  11.279  -6.930  1.00 10.16 ? 92  HIS A N   1 
ATOM   704  C CA  . HIS A 1 91  ? -5.195  11.205  -5.479  1.00 11.07 ? 92  HIS A CA  1 
ATOM   705  C C   . HIS A 1 91  ? -6.227  12.155  -4.886  1.00 9.87  ? 92  HIS A C   1 
ATOM   706  O O   . HIS A 1 91  ? -5.895  13.296  -4.501  1.00 11.98 ? 92  HIS A O   1 
ATOM   707  C CB  . HIS A 1 91  ? -3.754  11.549  -5.011  1.00 8.61  ? 92  HIS A CB  1 
ATOM   708  C CG  . HIS A 1 91  ? -2.676  10.630  -5.546  1.00 8.90  ? 92  HIS A CG  1 
ATOM   709  N ND1 . HIS A 1 91  ? -2.169  10.764  -6.823  1.00 8.50  ? 92  HIS A ND1 1 
ATOM   710  C CD2 . HIS A 1 91  ? -2.049  9.555   -4.999  1.00 7.54  ? 92  HIS A CD2 1 
ATOM   711  C CE1 . HIS A 1 91  ? -1.243  9.824   -7.022  1.00 8.60  ? 92  HIS A CE1 1 
ATOM   712  N NE2 . HIS A 1 91  ? -1.155  9.076   -5.932  1.00 8.78  ? 92  HIS A NE2 1 
ATOM   713  N N   . THR A 1 92  ? -7.474  11.689  -4.807  1.00 10.93 ? 93  THR A N   1 
ATOM   714  C CA  . THR A 1 92  ? -8.603  12.620  -4.598  1.00 11.25 ? 93  THR A CA  1 
ATOM   715  C C   . THR A 1 92  ? -8.979  12.854  -3.141  1.00 12.22 ? 93  THR A C   1 
ATOM   716  O O   . THR A 1 92  ? -9.708  13.808  -2.839  1.00 13.47 ? 93  THR A O   1 
ATOM   717  C CB  . THR A 1 92  ? -9.857  12.103  -5.311  1.00 12.40 ? 93  THR A CB  1 
ATOM   718  O OG1 . THR A 1 92  ? -10.027 10.733  -4.938  1.00 13.97 ? 93  THR A OG1 1 
ATOM   719  C CG2 . THR A 1 92  ? -9.718  12.153  -6.826  1.00 14.87 ? 93  THR A CG2 1 
ATOM   720  N N   . GLY A 1 93  ? -8.493  12.025  -2.232  1.00 9.60  ? 94  GLY A N   1 
ATOM   721  C CA  . GLY A 1 93  ? -8.912  12.143  -0.842  1.00 10.21 ? 94  GLY A CA  1 
ATOM   722  C C   . GLY A 1 93  ? -8.455  10.955  -0.005  1.00 9.69  ? 94  GLY A C   1 
ATOM   723  O O   . GLY A 1 93  ? -7.725  10.042  -0.464  1.00 9.93  ? 94  GLY A O   1 
ATOM   724  N N   . PRO A 1 94  ? -8.842  10.954  1.255   1.00 9.40  ? 95  PRO A N   1 
ATOM   725  C CA  . PRO A 1 94  ? -8.496  9.856   2.155   1.00 8.56  ? 95  PRO A CA  1 
ATOM   726  C C   . PRO A 1 94  ? -8.900  8.492   1.613   1.00 10.57 ? 95  PRO A C   1 
ATOM   727  O O   . PRO A 1 94  ? -9.973  8.354   1.040   1.00 9.84  ? 95  PRO A O   1 
ATOM   728  C CB  . PRO A 1 94  ? -9.326  10.166  3.420   1.00 10.50 ? 95  PRO A CB  1 
ATOM   729  C CG  . PRO A 1 94  ? -9.552  11.703  3.322   1.00 9.87  ? 95  PRO A CG  1 
ATOM   730  C CD  . PRO A 1 94  ? -9.756  11.943  1.864   1.00 10.36 ? 95  PRO A CD  1 
ATOM   731  N N   . GLY A 1 95  ? -8.043  7.508   1.838   1.00 8.63  ? 96  GLY A N   1 
ATOM   732  C CA  . GLY A 1 95  ? -8.345  6.128   1.457   1.00 7.48  ? 96  GLY A CA  1 
ATOM   733  C C   . GLY A 1 95  ? -7.756  5.693   0.126   1.00 7.41  ? 96  GLY A C   1 
ATOM   734  O O   . GLY A 1 95  ? -7.738  4.496   -0.162  1.00 8.64  ? 96  GLY A O   1 
ATOM   735  N N   . ILE A 1 96  ? -7.263  6.611   -0.679  1.00 8.20  ? 97  ILE A N   1 
ATOM   736  C CA  . ILE A 1 96  ? -6.699  6.276   -2.003  1.00 7.60  ? 97  ILE A CA  1 
ATOM   737  C C   . ILE A 1 96  ? -5.439  5.410   -1.809  1.00 7.06  ? 97  ILE A C   1 
ATOM   738  O O   . ILE A 1 96  ? -4.568  5.704   -0.985  1.00 8.04  ? 97  ILE A O   1 
ATOM   739  C CB  . ILE A 1 96  ? -6.384  7.538   -2.790  1.00 7.32  ? 97  ILE A CB  1 
ATOM   740  C CG1 . ILE A 1 96  ? -7.701  8.188   -3.249  1.00 12.50 ? 97  ILE A CG1 1 
ATOM   741  C CG2 . ILE A 1 96  ? -5.391  7.240   -3.932  1.00 11.03 ? 97  ILE A CG2 1 
ATOM   742  C CD1 . ILE A 1 96  ? -8.428  7.454   -4.355  1.00 15.31 ? 97  ILE A CD1 1 
ATOM   743  N N   . LEU A 1 97  ? -5.356  4.329   -2.611  1.00 7.68  ? 98  LEU A N   1 
ATOM   744  C CA  . LEU A 1 97  ? -4.229  3.385   -2.604  1.00 7.01  ? 98  LEU A CA  1 
ATOM   745  C C   . LEU A 1 97  ? -3.424  3.597   -3.897  1.00 7.62  ? 98  LEU A C   1 
ATOM   746  O O   . LEU A 1 97  ? -3.980  3.554   -4.980  1.00 8.04  ? 98  LEU A O   1 
ATOM   747  C CB  . LEU A 1 97  ? -4.767  1.942   -2.538  1.00 6.82  ? 98  LEU A CB  1 
ATOM   748  C CG  . LEU A 1 97  ? -3.728  0.838   -2.586  1.00 7.08  ? 98  LEU A CG  1 
ATOM   749  C CD1 . LEU A 1 97  ? -2.812  0.872   -1.393  1.00 8.41  ? 98  LEU A CD1 1 
ATOM   750  C CD2 . LEU A 1 97  ? -4.515  -0.456  -2.620  1.00 7.88  ? 98  LEU A CD2 1 
ATOM   751  N N   . SER A 1 98  ? -2.122  3.834   -3.777  1.00 6.86  ? 99  SER A N   1 
ATOM   752  C CA  . SER A 1 98  ? -1.296  4.284   -4.886  1.00 6.71  ? 99  SER A CA  1 
ATOM   753  C C   . SER A 1 98  ? 0.106   3.656   -4.809  1.00 6.78  ? 99  SER A C   1 
ATOM   754  O O   . SER A 1 98  ? 0.559   3.209   -3.738  1.00 7.40  ? 99  SER A O   1 
ATOM   755  C CB  . SER A 1 98  ? -1.248  5.805   -4.866  1.00 7.22  ? 99  SER A CB  1 
ATOM   756  O OG  . SER A 1 98  ? -0.460  6.283   -5.954  1.00 7.65  ? 99  SER A OG  1 
ATOM   757  N N   . MET A 1 99  ? 0.775   3.564   -5.952  1.00 7.71  ? 100 MET A N   1 
ATOM   758  C CA  . MET A 1 99  ? 2.145   2.982   -5.988  1.00 6.81  ? 100 MET A CA  1 
ATOM   759  C C   . MET A 1 99  ? 3.230   3.943   -5.594  1.00 6.88  ? 100 MET A C   1 
ATOM   760  O O   . MET A 1 99  ? 3.294   5.060   -6.128  1.00 7.94  ? 100 MET A O   1 
ATOM   761  C CB  . MET A 1 99  ? 2.443   2.426   -7.397  1.00 7.77  ? 100 MET A CB  1 
ATOM   762  C CG  . MET A 1 99  ? 1.624   1.199   -7.725  1.00 9.22  ? 100 MET A CG  1 
ATOM   763  S SD  . MET A 1 99  ? 1.799   -0.186  -6.576  1.00 11.10 ? 100 MET A SD  1 
ATOM   764  C CE  . MET A 1 99  ? 3.446   -0.784  -7.006  1.00 10.83 ? 100 MET A CE  1 
ATOM   765  N N   . ALA A 1 100 ? 4.064   3.524   -4.651  1.00 6.57  ? 101 ALA A N   1 
ATOM   766  C CA  . ALA A 1 100 ? 5.294   4.255   -4.329  1.00 7.12  ? 101 ALA A CA  1 
ATOM   767  C C   . ALA A 1 100 ? 6.304   4.041   -5.457  1.00 7.80  ? 101 ALA A C   1 
ATOM   768  O O   . ALA A 1 100 ? 6.214   3.051   -6.178  1.00 8.11  ? 101 ALA A O   1 
ATOM   769  C CB  . ALA A 1 100 ? 5.868   3.783   -2.984  1.00 7.91  ? 101 ALA A CB  1 
ATOM   770  N N   . ASN A 1 101 ? 7.245   4.965   -5.646  1.00 7.85  ? 102 ASN A N   1 
ATOM   771  C CA  . ASN A 1 101 ? 8.235   4.731   -6.694  1.00 9.33  ? 102 ASN A CA  1 
ATOM   772  C C   . ASN A 1 101 ? 9.422   5.665   -6.516  1.00 10.60 ? 102 ASN A C   1 
ATOM   773  O O   . ASN A 1 101 ? 9.455   6.525   -5.644  1.00 9.51  ? 102 ASN A O   1 
ATOM   774  C CB  . ASN A 1 101 ? 7.613   4.901   -8.103  1.00 9.14  ? 102 ASN A CB  1 
ATOM   775  C CG  . ASN A 1 101 ? 7.148   6.318   -8.389  1.00 8.63  ? 102 ASN A CG  1 
ATOM   776  O OD1 . ASN A 1 101 ? 7.913   7.279   -8.230  1.00 10.48 ? 102 ASN A OD1 1 
ATOM   777  N ND2 . ASN A 1 101 ? 5.914   6.463   -8.866  1.00 9.99  ? 102 ASN A ND2 1 
ATOM   778  N N   . ALA A 1 102 ? 10.422  5.451   -7.367  1.00 9.99  ? 103 ALA A N   1 
ATOM   779  C CA  . ALA A 1 102 ? 11.657  6.222   -7.330  1.00 12.21 ? 103 ALA A CA  1 
ATOM   780  C C   . ALA A 1 102 ? 11.801  6.928   -8.663  1.00 14.02 ? 103 ALA A C   1 
ATOM   781  O O   . ALA A 1 102 ? 12.942  7.124   -9.140  1.00 17.35 ? 103 ALA A O   1 
ATOM   782  C CB  . ALA A 1 102 ? 12.840  5.291   -7.056  1.00 11.63 ? 103 ALA A CB  1 
ATOM   783  N N   . GLY A 1 103 ? 10.694  7.361   -9.254  1.00 12.19 ? 104 GLY A N   1 
ATOM   784  C CA  . GLY A 1 103 ? 10.672  8.073   -10.522 1.00 13.69 ? 104 GLY A CA  1 
ATOM   785  C C   . GLY A 1 103 ? 9.874   7.252   -11.535 1.00 14.53 ? 104 GLY A C   1 
ATOM   786  O O   . GLY A 1 103 ? 9.309   6.212   -11.191 1.00 12.06 ? 104 GLY A O   1 
ATOM   787  N N   . PRO A 1 104 ? 9.875   7.666   -12.807 1.00 12.36 ? 105 PRO A N   1 
ATOM   788  C CA  . PRO A 1 104 ? 9.030   6.983   -13.798 1.00 11.54 ? 105 PRO A CA  1 
ATOM   789  C C   . PRO A 1 104 ? 9.390   5.538   -14.005 1.00 12.25 ? 105 PRO A C   1 
ATOM   790  O O   . PRO A 1 104 ? 10.557  5.132   -14.033 1.00 12.68 ? 105 PRO A O   1 
ATOM   791  C CB  . PRO A 1 104 ? 9.274   7.792   -15.076 1.00 16.14 ? 105 PRO A CB  1 
ATOM   792  C CG  . PRO A 1 104 ? 9.605   9.205   -14.515 1.00 16.31 ? 105 PRO A CG  1 
ATOM   793  C CD  . PRO A 1 104 ? 10.477  8.914   -13.330 1.00 15.32 ? 105 PRO A CD  1 
ATOM   794  N N   . ASN A 1 105 ? 8.339   4.752   -14.183 1.00 11.24 ? 106 ASN A N   1 
ATOM   795  C CA  . ASN A 1 105 ? 8.478   3.329   -14.495 1.00 12.28 ? 106 ASN A CA  1 
ATOM   796  C C   . ASN A 1 105 ? 9.341   2.541   -13.514 1.00 12.81 ? 106 ASN A C   1 
ATOM   797  O O   . ASN A 1 105 ? 10.143  1.707   -13.905 1.00 13.76 ? 106 ASN A O   1 
ATOM   798  C CB  . ASN A 1 105 ? 8.994   3.216   -15.946 1.00 12.72 ? 106 ASN A CB  1 
ATOM   799  C CG  . ASN A 1 105 ? 8.059   3.927   -16.906 1.00 15.25 ? 106 ASN A CG  1 
ATOM   800  O OD1 . ASN A 1 105 ? 6.823   3.816   -16.828 1.00 14.16 ? 106 ASN A OD1 1 
ATOM   801  N ND2 . ASN A 1 105 ? 8.637   4.750   -17.804 1.00 17.14 ? 106 ASN A ND2 1 
ATOM   802  N N   . THR A 1 106 ? 9.126   2.748   -12.206 1.00 11.52 ? 107 THR A N   1 
ATOM   803  C CA  . THR A 1 106 ? 9.881   1.989   -11.207 1.00 10.55 ? 107 THR A CA  1 
ATOM   804  C C   . THR A 1 106 ? 8.931   1.367   -10.160 1.00 10.17 ? 107 THR A C   1 
ATOM   805  O O   . THR A 1 106 ? 9.286   1.249   -9.001  1.00 12.09 ? 107 THR A O   1 
ATOM   806  C CB  . THR A 1 106 ? 10.924  2.854   -10.481 1.00 10.40 ? 107 THR A CB  1 
ATOM   807  O OG1 . THR A 1 106 ? 10.287  3.997   -9.854  1.00 11.17 ? 107 THR A OG1 1 
ATOM   808  C CG2 . THR A 1 106 ? 12.002  3.393   -11.491 1.00 12.11 ? 107 THR A CG2 1 
ATOM   809  N N   . ASN A 1 107 ? 7.759   0.942   -10.594 1.00 9.87  ? 108 ASN A N   1 
ATOM   810  C CA  . ASN A 1 107 ? 6.816   0.249   -9.688  1.00 10.26 ? 108 ASN A CA  1 
ATOM   811  C C   . ASN A 1 107 ? 7.325   -1.125  -9.256  1.00 10.09 ? 108 ASN A C   1 
ATOM   812  O O   . ASN A 1 107 ? 7.736   -1.943  -10.113 1.00 10.32 ? 108 ASN A O   1 
ATOM   813  C CB  . ASN A 1 107 ? 5.472   0.093   -10.352 1.00 9.41  ? 108 ASN A CB  1 
ATOM   814  C CG  . ASN A 1 107 ? 4.876   1.412   -10.682 1.00 13.01 ? 108 ASN A CG  1 
ATOM   815  O OD1 . ASN A 1 107 ? 4.479   2.157   -9.793  1.00 10.65 ? 108 ASN A OD1 1 
ATOM   816  N ND2 . ASN A 1 107 ? 4.910   1.781   -11.941 1.00 10.57 ? 108 ASN A ND2 1 
ATOM   817  N N   . GLY A 1 108 ? 7.333   -1.392  -7.955  1.00 8.70  ? 109 GLY A N   1 
ATOM   818  C CA  . GLY A 1 108 ? 7.742   -2.694  -7.468  1.00 9.60  ? 109 GLY A CA  1 
ATOM   819  C C   . GLY A 1 108 ? 6.607   -3.253  -6.631  1.00 7.87  ? 109 GLY A C   1 
ATOM   820  O O   . GLY A 1 108 ? 5.562   -3.669  -7.144  1.00 8.79  ? 109 GLY A O   1 
ATOM   821  N N   . SER A 1 109 ? 6.812   -3.280  -5.318  1.00 8.28  ? 110 SER A N   1 
ATOM   822  C CA  . SER A 1 109 ? 5.733   -3.657  -4.390  1.00 8.01  ? 110 SER A CA  1 
ATOM   823  C C   . SER A 1 109 ? 5.346   -2.527  -3.432  1.00 7.86  ? 110 SER A C   1 
ATOM   824  O O   . SER A 1 109 ? 4.272   -2.604  -2.850  1.00 8.28  ? 110 SER A O   1 
ATOM   825  C CB  . SER A 1 109 ? 6.133   -4.872  -3.550  1.00 9.45  ? 110 SER A CB  1 
ATOM   826  O OG  . SER A 1 109 ? 7.325   -4.593  -2.785  1.00 9.26  ? 110 SER A OG  1 
ATOM   827  N N   . GLN A 1 110 ? 6.172   -1.527  -3.207  1.00 8.39  ? 111 GLN A N   1 
ATOM   828  C CA  . GLN A 1 110 ? 5.830   -0.500  -2.229  1.00 7.80  ? 111 GLN A CA  1 
ATOM   829  C C   . GLN A 1 110 ? 4.647   0.324   -2.697  1.00 6.27  ? 111 GLN A C   1 
ATOM   830  O O   . GLN A 1 110 ? 4.441   0.584   -3.853  1.00 7.33  ? 111 GLN A O   1 
ATOM   831  C CB  . GLN A 1 110 ? 7.013   0.407   -1.946  1.00 6.93  ? 111 GLN A CB  1 
ATOM   832  C CG  . GLN A 1 110 ? 8.066   -0.281  -1.114  1.00 8.33  ? 111 GLN A CG  1 
ATOM   833  C CD  . GLN A 1 110 ? 9.107   0.715   -0.647  1.00 10.20 ? 111 GLN A CD  1 
ATOM   834  O OE1 . GLN A 1 110 ? 8.762   1.808   -0.166  1.00 10.29 ? 111 GLN A OE1 1 
ATOM   835  N NE2 . GLN A 1 110 ? 10.387  0.386   -0.799  1.00 12.24 ? 111 GLN A NE2 1 
ATOM   836  N N   . PHE A 1 111 ? 3.804   0.680   -1.719  1.00 6.03  ? 112 PHE A N   1 
ATOM   837  C CA  . PHE A 1 111 ? 2.530   1.340   -1.942  1.00 6.78  ? 112 PHE A CA  1 
ATOM   838  C C   . PHE A 1 111 ? 2.307   2.339   -0.817  1.00 6.28  ? 112 PHE A C   1 
ATOM   839  O O   . PHE A 1 111 ? 2.986   2.297   0.225   1.00 6.82  ? 112 PHE A O   1 
ATOM   840  C CB  . PHE A 1 111 ? 1.389   0.311   -1.963  1.00 6.34  ? 112 PHE A CB  1 
ATOM   841  C CG  . PHE A 1 111 ? 1.273   -0.376  -0.658  1.00 6.70  ? 112 PHE A CG  1 
ATOM   842  C CD1 . PHE A 1 111 ? 0.462   0.198   0.341   1.00 6.81  ? 112 PHE A CD1 1 
ATOM   843  C CD2 . PHE A 1 111 ? 1.997   -1.544  -0.354  1.00 8.00  ? 112 PHE A CD2 1 
ATOM   844  C CE1 . PHE A 1 111 ? 0.410   -0.340  1.610   1.00 7.44  ? 112 PHE A CE1 1 
ATOM   845  C CE2 . PHE A 1 111 ? 1.910   -2.078  0.929   1.00 7.94  ? 112 PHE A CE2 1 
ATOM   846  C CZ  . PHE A 1 111 ? 1.121   -1.469  1.915   1.00 7.94  ? 112 PHE A CZ  1 
ATOM   847  N N   . PHE A 1 112 ? 1.303   3.187   -0.974  1.00 6.54  ? 113 PHE A N   1 
ATOM   848  C CA  . PHE A 1 112 ? 0.917   4.051   0.139   1.00 5.01  ? 113 PHE A CA  1 
ATOM   849  C C   . PHE A 1 112 ? -0.585  4.265   0.129   1.00 7.27  ? 113 PHE A C   1 
ATOM   850  O O   . PHE A 1 112 ? -1.270  4.165   -0.896  1.00 7.06  ? 113 PHE A O   1 
ATOM   851  C CB  . PHE A 1 112 ? 1.664   5.417   0.101   1.00 6.67  ? 113 PHE A CB  1 
ATOM   852  C CG  . PHE A 1 112 ? 1.447   6.250   -1.125  1.00 6.31  ? 113 PHE A CG  1 
ATOM   853  C CD1 . PHE A 1 112 ? 2.140   5.968   -2.282  1.00 5.98  ? 113 PHE A CD1 1 
ATOM   854  C CD2 . PHE A 1 112 ? 0.573   7.362   -1.122  1.00 7.50  ? 113 PHE A CD2 1 
ATOM   855  C CE1 . PHE A 1 112 ? 1.974   6.762   -3.433  1.00 7.97  ? 113 PHE A CE1 1 
ATOM   856  C CE2 . PHE A 1 112 ? 0.427   8.157   -2.229  1.00 8.03  ? 113 PHE A CE2 1 
ATOM   857  C CZ  . PHE A 1 112 ? 1.153   7.853   -3.395  1.00 7.64  ? 113 PHE A CZ  1 
ATOM   858  N N   . ILE A 1 113 ? -1.084  4.502   1.343   1.00 6.34  ? 114 ILE A N   1 
ATOM   859  C CA  . ILE A 1 113 ? -2.508  4.771   1.583   1.00 6.64  ? 114 ILE A CA  1 
ATOM   860  C C   . ILE A 1 113 ? -2.610  6.257   1.960   1.00 7.12  ? 114 ILE A C   1 
ATOM   861  O O   . ILE A 1 113 ? -2.037  6.669   2.992   1.00 7.51  ? 114 ILE A O   1 
ATOM   862  C CB  . ILE A 1 113 ? -3.066  3.908   2.706   1.00 6.34  ? 114 ILE A CB  1 
ATOM   863  C CG1 . ILE A 1 113 ? -2.803  2.414   2.436   1.00 8.30  ? 114 ILE A CG1 1 
ATOM   864  C CG2 . ILE A 1 113 ? -4.566  4.216   2.845   1.00 7.45  ? 114 ILE A CG2 1 
ATOM   865  C CD1 . ILE A 1 113 ? -3.100  1.588   3.664   1.00 11.66 ? 114 ILE A CD1 1 
ATOM   866  N N   . CYS A 1 114 ? -3.291  7.043   1.163   1.00 7.96  ? 115 CYS A N   1 
ATOM   867  C CA  . CYS A 1 114 ? -3.447  8.458   1.472   1.00 8.25  ? 115 CYS A CA  1 
ATOM   868  C C   . CYS A 1 114 ? -4.408  8.703   2.609   1.00 7.66  ? 115 CYS A C   1 
ATOM   869  O O   . CYS A 1 114 ? -5.441  8.018   2.705   1.00 9.18  ? 115 CYS A O   1 
ATOM   870  C CB  . CYS A 1 114 ? -3.980  9.164   0.250   1.00 8.37  ? 115 CYS A CB  1 
ATOM   871  S SG  . CYS A 1 114 ? -2.877  9.131   -1.129  1.00 12.43 ? 115 CYS A SG  1 
ATOM   872  N N   . THR A 1 115 ? -4.098  9.674   3.467   1.00 8.40  ? 116 THR A N   1 
ATOM   873  C CA  . THR A 1 115 ? -5.096  10.062  4.436   1.00 9.22  ? 116 THR A CA  1 
ATOM   874  C C   . THR A 1 115 ? -5.639  11.447  4.139   1.00 10.05 ? 116 THR A C   1 
ATOM   875  O O   . THR A 1 115 ? -6.386  12.031  4.975   1.00 11.02 ? 116 THR A O   1 
ATOM   876  C CB  . THR A 1 115 ? -4.569  9.957   5.864   1.00 11.96 ? 116 THR A CB  1 
ATOM   877  O OG1 . THR A 1 115 ? -3.377  10.734  5.994   1.00 15.07 ? 116 THR A OG1 1 
ATOM   878  C CG2 . THR A 1 115 ? -4.190  8.506   6.165   1.00 13.10 ? 116 THR A CG2 1 
ATOM   879  N N   . ALA A 1 116 ? -5.301  11.996  2.981   1.00 8.02  ? 117 ALA A N   1 
ATOM   880  C CA  . ALA A 1 116 ? -5.772  13.309  2.527   1.00 10.52 ? 117 ALA A CA  1 
ATOM   881  C C   . ALA A 1 116 ? -5.651  13.351  1.011   1.00 9.19  ? 117 ALA A C   1 
ATOM   882  O O   . ALA A 1 116 ? -4.984  12.487  0.414   1.00 9.43  ? 117 ALA A O   1 
ATOM   883  C CB  . ALA A 1 116 ? -4.920  14.443  3.179   1.00 10.77 ? 117 ALA A CB  1 
ATOM   884  N N   . LYS A 1 117 ? -6.317  14.323  0.389   1.00 8.27  ? 118 LYS A N   1 
ATOM   885  C CA  . LYS A 1 117 ? -6.100  14.653  -1.014  1.00 9.96  ? 118 LYS A CA  1 
ATOM   886  C C   . LYS A 1 117 ? -4.666  15.100  -1.258  1.00 10.01 ? 118 LYS A C   1 
ATOM   887  O O   . LYS A 1 117 ? -4.193  16.037  -0.612  1.00 9.08  ? 118 LYS A O   1 
ATOM   888  C CB  . LYS A 1 117 ? -7.089  15.762  -1.438  1.00 9.79  ? 118 LYS A CB  1 
ATOM   889  C CG  . LYS A 1 117 ? -6.872  16.269  -2.835  1.00 9.38  ? 118 LYS A CG  1 
ATOM   890  C CD  . LYS A 1 117 ? -7.983  17.276  -3.199  1.00 9.85  ? 118 LYS A CD  1 
ATOM   891  C CE  . LYS A 1 117 ? -7.719  17.971  -4.535  1.00 12.39 ? 118 LYS A CE  1 
ATOM   892  N NZ  . LYS A 1 117 ? -6.740  19.082  -4.465  1.00 12.72 ? 118 LYS A NZ  1 
ATOM   893  N N   . THR A 1 118 ? -3.951  14.406  -2.160  1.00 8.32  ? 119 THR A N   1 
ATOM   894  C CA  . THR A 1 118 ? -2.551  14.713  -2.410  1.00 9.55  ? 119 THR A CA  1 
ATOM   895  C C   . THR A 1 118 ? -2.339  14.922  -3.908  1.00 9.20  ? 119 THR A C   1 
ATOM   896  O O   . THR A 1 118 ? -1.607  14.142  -4.600  1.00 7.99  ? 119 THR A O   1 
ATOM   897  C CB  . THR A 1 118 ? -1.635  13.604  -1.853  1.00 8.86  ? 119 THR A CB  1 
ATOM   898  O OG1 . THR A 1 118 ? -1.947  12.330  -2.448  1.00 9.83  ? 119 THR A OG1 1 
ATOM   899  C CG2 . THR A 1 118 ? -1.746  13.446  -0.321  1.00 9.99  ? 119 THR A CG2 1 
ATOM   900  N N   . GLU A 1 119 ? -2.899  15.992  -4.436  1.00 8.67  ? 120 GLU A N   1 
ATOM   901  C CA  . GLU A 1 119 ? -2.938  16.146  -5.907  1.00 8.54  ? 120 GLU A CA  1 
ATOM   902  C C   . GLU A 1 119 ? -1.578  16.392  -6.542  1.00 9.73  ? 120 GLU A C   1 
ATOM   903  O O   . GLU A 1 119 ? -1.440  16.182  -7.744  1.00 9.61  ? 120 GLU A O   1 
ATOM   904  C CB  . GLU A 1 119 ? -3.916  17.281  -6.287  1.00 10.57 ? 120 GLU A CB  1 
ATOM   905  C CG  . GLU A 1 119 ? -3.364  18.685  -5.989  1.00 11.82 ? 120 GLU A CG  1 
ATOM   906  C CD  . GLU A 1 119 ? -3.263  19.001  -4.505  1.00 12.38 ? 120 GLU A CD  1 
ATOM   907  O OE1 . GLU A 1 119 ? -4.073  18.449  -3.719  1.00 11.28 ? 120 GLU A OE1 1 
ATOM   908  O OE2 . GLU A 1 119 ? -2.394  19.808  -4.143  1.00 13.19 ? 120 GLU A OE2 1 
ATOM   909  N N   . TRP A 1 120 ? -0.565  16.823  -5.795  1.00 9.11  ? 121 TRP A N   1 
ATOM   910  C CA  . TRP A 1 120 ? 0.778   17.015  -6.353  1.00 9.18  ? 121 TRP A CA  1 
ATOM   911  C C   . TRP A 1 120 ? 1.436   15.680  -6.723  1.00 10.75 ? 121 TRP A C   1 
ATOM   912  O O   . TRP A 1 120 ? 2.448   15.685  -7.435  1.00 11.54 ? 121 TRP A O   1 
ATOM   913  C CB  . TRP A 1 120 ? 1.641   17.784  -5.356  1.00 10.27 ? 121 TRP A CB  1 
ATOM   914  C CG  . TRP A 1 120 ? 1.881   17.102  -4.043  1.00 10.21 ? 121 TRP A CG  1 
ATOM   915  C CD1 . TRP A 1 120 ? 2.970   16.369  -3.715  1.00 11.26 ? 121 TRP A CD1 1 
ATOM   916  C CD2 . TRP A 1 120 ? 1.048   17.145  -2.887  1.00 10.02 ? 121 TRP A CD2 1 
ATOM   917  N NE1 . TRP A 1 120 ? 2.883   15.931  -2.418  1.00 11.67 ? 121 TRP A NE1 1 
ATOM   918  C CE2 . TRP A 1 120 ? 1.696   16.382  -1.875  1.00 10.91 ? 121 TRP A CE2 1 
ATOM   919  C CE3 . TRP A 1 120 ? -0.171  17.775  -2.593  1.00 10.12 ? 121 TRP A CE3 1 
ATOM   920  C CZ2 . TRP A 1 120 ? 1.159   16.217  -0.574  1.00 11.19 ? 121 TRP A CZ2 1 
ATOM   921  C CZ3 . TRP A 1 120 ? -0.687  17.613  -1.296  1.00 10.90 ? 121 TRP A CZ3 1 
ATOM   922  C CH2 . TRP A 1 120 ? -0.035  16.826  -0.325  1.00 12.12 ? 121 TRP A CH2 1 
ATOM   923  N N   . LEU A 1 121 ? 0.832   14.563  -6.302  1.00 9.04  ? 122 LEU A N   1 
ATOM   924  C CA  . LEU A 1 121 ? 1.311   13.238  -6.715  1.00 9.62  ? 122 LEU A CA  1 
ATOM   925  C C   . LEU A 1 121 ? 0.631   12.731  -7.994  1.00 10.01 ? 122 LEU A C   1 
ATOM   926  O O   . LEU A 1 121 ? 1.051   11.677  -8.571  1.00 9.83  ? 122 LEU A O   1 
ATOM   927  C CB  . LEU A 1 121 ? 1.120   12.214  -5.579  1.00 8.42  ? 122 LEU A CB  1 
ATOM   928  C CG  . LEU A 1 121 ? 1.797   12.619  -4.262  1.00 9.63  ? 122 LEU A CG  1 
ATOM   929  C CD1 . LEU A 1 121 ? 1.609   11.557  -3.193  1.00 8.40  ? 122 LEU A CD1 1 
ATOM   930  C CD2 . LEU A 1 121 ? 3.318   12.912  -4.426  1.00 10.22 ? 122 LEU A CD2 1 
ATOM   931  N N   . ASP A 1 122 ? -0.410  13.439  -8.451  1.00 9.90  ? 123 ASP A N   1 
ATOM   932  C CA  . ASP A 1 122 ? -1.169  13.024  -9.661  1.00 10.03 ? 123 ASP A CA  1 
ATOM   933  C C   . ASP A 1 122 ? -0.196  13.053  -10.845 1.00 11.77 ? 123 ASP A C   1 
ATOM   934  O O   . ASP A 1 122 ? 0.586   13.998  -11.021 1.00 12.55 ? 123 ASP A O   1 
ATOM   935  C CB  . ASP A 1 122 ? -2.343  13.950  -9.958  1.00 11.07 ? 123 ASP A CB  1 
ATOM   936  C CG  . ASP A 1 122 ? -3.425  13.866  -8.932  1.00 12.38 ? 123 ASP A CG  1 
ATOM   937  O OD1 . ASP A 1 122 ? -3.421  12.891  -8.149  1.00 10.56 ? 123 ASP A OD1 1 
ATOM   938  O OD2 . ASP A 1 122 ? -4.336  14.718  -8.892  1.00 13.09 ? 123 ASP A OD2 1 
ATOM   939  N N   . GLY A 1 123 ? -0.272  12.015  -11.669 1.00 10.76 ? 124 GLY A N   1 
ATOM   940  C CA  . GLY A 1 123 ? 0.589   11.855  -12.843 1.00 11.82 ? 124 GLY A CA  1 
ATOM   941  C C   . GLY A 1 123 ? 1.993   11.388  -12.541 1.00 12.98 ? 124 GLY A C   1 
ATOM   942  O O   . GLY A 1 123 ? 2.829   11.270  -13.438 1.00 13.24 ? 124 GLY A O   1 
ATOM   943  N N   . LYS A 1 124 ? 2.310   11.192  -11.271 1.00 10.93 ? 125 LYS A N   1 
ATOM   944  C CA  . LYS A 1 124 ? 3.615   10.708  -10.842 1.00 9.95  ? 125 LYS A CA  1 
ATOM   945  C C   . LYS A 1 124 ? 3.514   9.333   -10.186 1.00 11.18 ? 125 LYS A C   1 
ATOM   946  O O   . LYS A 1 124 ? 4.430   8.523   -10.293 1.00 12.54 ? 125 LYS A O   1 
ATOM   947  C CB  . LYS A 1 124 ? 4.226   11.664  -9.858  1.00 13.15 ? 125 LYS A CB  1 
ATOM   948  C CG  . LYS A 1 124 ? 4.531   13.031  -10.492 1.00 21.08 ? 125 LYS A CG  1 
ATOM   949  C CD  . LYS A 1 124 ? 4.770   14.003  -9.366  1.00 24.61 ? 125 LYS A CD  1 
ATOM   950  C CE  . LYS A 1 124 ? 5.086   15.403  -9.837  1.00 40.75 ? 125 LYS A CE  1 
ATOM   951  N NZ  . LYS A 1 124 ? 5.199   16.288  -8.634  1.00 54.60 ? 125 LYS A NZ  1 
ATOM   952  N N   . HIS A 1 125 ? 2.424   9.092   -9.460  1.00 9.77  ? 126 HIS A N   1 
ATOM   953  C CA  . HIS A 1 125 ? 2.182   7.813   -8.825  1.00 9.61  ? 126 HIS A CA  1 
ATOM   954  C C   . HIS A 1 125 ? 0.898   7.216   -9.356  1.00 9.92  ? 126 HIS A C   1 
ATOM   955  O O   . HIS A 1 125 ? -0.097  7.919   -9.483  1.00 9.91  ? 126 HIS A O   1 
ATOM   956  C CB  . HIS A 1 125 ? 2.111   7.958   -7.296  1.00 9.08  ? 126 HIS A CB  1 
ATOM   957  C CG  . HIS A 1 125 ? 3.404   8.414   -6.701  1.00 7.53  ? 126 HIS A CG  1 
ATOM   958  N ND1 . HIS A 1 125 ? 4.330   7.553   -6.157  1.00 8.39  ? 126 HIS A ND1 1 
ATOM   959  C CD2 . HIS A 1 125 ? 3.953   9.655   -6.623  1.00 7.86  ? 126 HIS A CD2 1 
ATOM   960  C CE1 . HIS A 1 125 ? 5.380   8.233   -5.740  1.00 9.48  ? 126 HIS A CE1 1 
ATOM   961  N NE2 . HIS A 1 125 ? 5.172   9.521   -6.008  1.00 9.46  ? 126 HIS A NE2 1 
ATOM   962  N N   . VAL A 1 126 ? 0.936   5.910   -9.674  1.00 8.18  ? 127 VAL A N   1 
ATOM   963  C CA  . VAL A 1 126 ? -0.243  5.243   -10.208 1.00 8.68  ? 127 VAL A CA  1 
ATOM   964  C C   . VAL A 1 126 ? -1.209  4.888   -9.099  1.00 8.48  ? 127 VAL A C   1 
ATOM   965  O O   . VAL A 1 126 ? -0.927  4.042   -8.239  1.00 7.66  ? 127 VAL A O   1 
ATOM   966  C CB  . VAL A 1 126 ? 0.138   3.954   -11.000 1.00 9.01  ? 127 VAL A CB  1 
ATOM   967  C CG1 . VAL A 1 126 ? -1.137  3.201   -11.487 1.00 10.00 ? 127 VAL A CG1 1 
ATOM   968  C CG2 . VAL A 1 126 ? 1.069   4.316   -12.174 1.00 11.25 ? 127 VAL A CG2 1 
ATOM   969  N N   . VAL A 1 127 ? -2.395  5.477   -9.161  1.00 8.85  ? 128 VAL A N   1 
ATOM   970  C CA  . VAL A 1 127 ? -3.494  5.147   -8.245  1.00 9.68  ? 128 VAL A CA  1 
ATOM   971  C C   . VAL A 1 127 ? -4.200  3.878   -8.731  1.00 10.39 ? 128 VAL A C   1 
ATOM   972  O O   . VAL A 1 127 ? -4.529  3.771   -9.940  1.00 10.17 ? 128 VAL A O   1 
ATOM   973  C CB  . VAL A 1 127 ? -4.479  6.308   -8.151  1.00 10.25 ? 128 VAL A CB  1 
ATOM   974  C CG1 . VAL A 1 127 ? -5.766  5.886   -7.411  1.00 9.37  ? 128 VAL A CG1 1 
ATOM   975  C CG2 . VAL A 1 127 ? -3.810  7.486   -7.449  1.00 10.31 ? 128 VAL A CG2 1 
ATOM   976  N N   . PHE A 1 128 ? -4.477  2.923   -7.831  1.00 8.22  ? 129 PHE A N   1 
ATOM   977  C CA  . PHE A 1 128 ? -5.034  1.644   -8.320  1.00 9.03  ? 129 PHE A CA  1 
ATOM   978  C C   . PHE A 1 128 ? -6.062  1.037   -7.382  1.00 9.56  ? 129 PHE A C   1 
ATOM   979  O O   . PHE A 1 128 ? -6.521  -0.065  -7.632  1.00 9.67  ? 129 PHE A O   1 
ATOM   980  C CB  . PHE A 1 128 ? -3.885  0.666   -8.595  1.00 10.29 ? 129 PHE A CB  1 
ATOM   981  C CG  . PHE A 1 128 ? -3.102  0.254   -7.357  1.00 8.53  ? 129 PHE A CG  1 
ATOM   982  C CD1 . PHE A 1 128 ? -2.021  1.010   -6.908  1.00 7.36  ? 129 PHE A CD1 1 
ATOM   983  C CD2 . PHE A 1 128 ? -3.449  -0.924  -6.675  1.00 8.77  ? 129 PHE A CD2 1 
ATOM   984  C CE1 . PHE A 1 128 ? -1.326  0.608   -5.769  1.00 7.66  ? 129 PHE A CE1 1 
ATOM   985  C CE2 . PHE A 1 128 ? -2.789  -1.304  -5.572  1.00 9.51  ? 129 PHE A CE2 1 
ATOM   986  C CZ  . PHE A 1 128 ? -1.719  -0.538  -5.107  1.00 7.45  ? 129 PHE A CZ  1 
ATOM   987  N N   . GLY A 1 129 ? -6.405  1.745   -6.297  1.00 7.66  ? 130 GLY A N   1 
ATOM   988  C CA  . GLY A 1 129 ? -7.405  1.176   -5.404  1.00 8.79  ? 130 GLY A CA  1 
ATOM   989  C C   . GLY A 1 129 ? -7.822  2.173   -4.345  1.00 7.37  ? 130 GLY A C   1 
ATOM   990  O O   . GLY A 1 129 ? -7.396  3.350   -4.374  1.00 8.66  ? 130 GLY A O   1 
ATOM   991  N N   . LYS A 1 130 ? -8.686  1.733   -3.437  1.00 8.60  ? 131 LYS A N   1 
ATOM   992  C CA  . LYS A 1 130 ? -9.172  2.585   -2.348  1.00 9.03  ? 131 LYS A CA  1 
ATOM   993  C C   . LYS A 1 130 ? -9.548  1.719   -1.175  1.00 8.91  ? 131 LYS A C   1 
ATOM   994  O O   . LYS A 1 130 ? -10.066 0.609   -1.319  1.00 10.06 ? 131 LYS A O   1 
ATOM   995  C CB  . LYS A 1 130 ? -10.373 3.429   -2.807  1.00 11.24 ? 131 LYS A CB  1 
ATOM   996  C CG  . LYS A 1 130 ? -10.823 4.505   -1.816  1.00 14.87 ? 131 LYS A CG  1 
ATOM   997  C CD  . LYS A 1 130 ? -11.960 5.358   -2.394  1.00 25.30 ? 131 LYS A CD  1 
ATOM   998  C CE  . LYS A 1 130 ? -12.103 6.571   -1.485  1.00 27.02 ? 131 LYS A CE  1 
ATOM   999  N NZ  . LYS A 1 130 ? -13.119 7.563   -1.975  1.00 41.05 ? 131 LYS A NZ  1 
ATOM   1000 N N   . VAL A 1 131 ? -9.342  2.229   0.030   1.00 8.73  ? 132 VAL A N   1 
ATOM   1001 C CA  . VAL A 1 131 ? -9.859  1.551   1.222   1.00 8.42  ? 132 VAL A CA  1 
ATOM   1002 C C   . VAL A 1 131 ? -11.384 1.402   1.143   1.00 9.55  ? 132 VAL A C   1 
ATOM   1003 O O   . VAL A 1 131 ? -12.094 2.380   0.844   1.00 11.69 ? 132 VAL A O   1 
ATOM   1004 C CB  . VAL A 1 131 ? -9.463  2.332   2.484   1.00 8.55  ? 132 VAL A CB  1 
ATOM   1005 C CG1 . VAL A 1 131 ? -10.164 1.760   3.739   1.00 10.26 ? 132 VAL A CG1 1 
ATOM   1006 C CG2 . VAL A 1 131 ? -7.913  2.343   2.657   1.00 9.45  ? 132 VAL A CG2 1 
ATOM   1007 N N   . LYS A 1 132 ? -11.850 0.182   1.400   1.00 10.30 ? 133 LYS A N   1 
ATOM   1008 C CA  . LYS A 1 132 ? -13.259 -0.206  1.333   1.00 12.47 ? 133 LYS A CA  1 
ATOM   1009 C C   . LYS A 1 132 ? -13.843 -0.247  2.753   1.00 13.65 ? 133 LYS A C   1 
ATOM   1010 O O   . LYS A 1 132 ? -15.016 0.114   2.970   1.00 17.82 ? 133 LYS A O   1 
ATOM   1011 C CB  . LYS A 1 132 ? -13.328 -1.569  0.601   1.00 16.39 ? 133 LYS A CB  1 
ATOM   1012 C CG  . LYS A 1 132 ? -14.689 -2.186  0.534   1.00 22.63 ? 133 LYS A CG  1 
ATOM   1013 C CD  . LYS A 1 132 ? -14.582 -3.469  -0.245  1.00 17.98 ? 133 LYS A CD  1 
ATOM   1014 C CE  . LYS A 1 132 ? -15.915 -4.191  -0.272  1.00 32.59 ? 133 LYS A CE  1 
ATOM   1015 N NZ  . LYS A 1 132 ? -16.929 -3.376  -0.996  1.00 33.93 ? 133 LYS A NZ  1 
ATOM   1016 N N   . GLU A 1 133 ? -13.073 -0.732  3.703   1.00 11.30 ? 134 GLU A N   1 
ATOM   1017 C CA  . GLU A 1 133 ? -13.480 -0.895  5.100   1.00 11.36 ? 134 GLU A CA  1 
ATOM   1018 C C   . GLU A 1 133 ? -12.225 -0.761  5.959   1.00 10.43 ? 134 GLU A C   1 
ATOM   1019 O O   . GLU A 1 133 ? -11.100 -1.087  5.514   1.00 9.97  ? 134 GLU A O   1 
ATOM   1020 C CB  . GLU A 1 133 ? -14.157 -2.253  5.326   1.00 14.94 ? 134 GLU A CB  1 
ATOM   1021 C CG  . GLU A 1 133 ? -14.629 -2.465  6.754   1.00 24.97 ? 134 GLU A CG  1 
ATOM   1022 C CD  . GLU A 1 133 ? -15.397 -3.782  6.939   1.00 43.04 ? 134 GLU A CD  1 
ATOM   1023 O OE1 . GLU A 1 133 ? -15.623 -4.143  8.121   1.00 43.04 ? 134 GLU A OE1 1 
ATOM   1024 O OE2 . GLU A 1 133 ? -15.768 -4.449  5.922   1.00 32.41 ? 134 GLU A OE2 1 
ATOM   1025 N N   . GLY A 1 134 ? -12.358 -0.179  7.141   1.00 11.07 ? 135 GLY A N   1 
ATOM   1026 C CA  . GLY A 1 134 ? -11.227 -0.094  8.045   1.00 11.34 ? 135 GLY A CA  1 
ATOM   1027 C C   . GLY A 1 134 ? -10.438 1.208   7.926   1.00 10.96 ? 135 GLY A C   1 
ATOM   1028 O O   . GLY A 1 134 ? -9.283  1.308   8.364   1.00 10.27 ? 135 GLY A O   1 
ATOM   1029 N N   . MET A 1 135 ? -11.048 2.274   7.393   1.00 10.89 ? 136 MET A N   1 
ATOM   1030 C CA  . MET A 1 135 ? -10.401 3.554   7.477   1.00 10.53 ? 136 MET A CA  1 
ATOM   1031 C C   . MET A 1 135 ? -10.147 4.004   8.914   1.00 13.71 ? 136 MET A C   1 
ATOM   1032 O O   . MET A 1 135 ? -9.175  4.727   9.201   1.00 12.01 ? 136 MET A O   1 
ATOM   1033 C CB  . MET A 1 135 ? -11.205 4.633   6.735   1.00 13.20 ? 136 MET A CB  1 
ATOM   1034 C CG  . MET A 1 135 ? -10.331 5.776   6.310   1.00 19.83 ? 136 MET A CG  1 
ATOM   1035 S SD  . MET A 1 135 ? -9.017  5.367   5.107   1.00 15.01 ? 136 MET A SD  1 
ATOM   1036 C CE  . MET A 1 135 ? -8.022  6.848   5.423   1.00 17.36 ? 136 MET A CE  1 
ATOM   1037 N N   . ASN A 1 136 ? -10.971 3.547   9.854   1.00 11.16 ? 137 ASN A N   1 
ATOM   1038 C CA  . ASN A 1 136 ? -10.666 3.847   11.238  1.00 11.62 ? 137 ASN A CA  1 
ATOM   1039 C C   . ASN A 1 136 ? -9.363  3.175   11.751  1.00 9.78  ? 137 ASN A C   1 
ATOM   1040 O O   . ASN A 1 136 ? -8.684  3.711   12.625  1.00 9.69  ? 137 ASN A O   1 
ATOM   1041 C CB  . ASN A 1 136 ? -11.877 3.475   12.137  1.00 11.24 ? 137 ASN A CB  1 
ATOM   1042 C CG  . ASN A 1 136 ? -12.052 1.995   12.297  1.00 14.29 ? 137 ASN A CG  1 
ATOM   1043 O OD1 . ASN A 1 136 ? -12.051 1.223   11.325  1.00 13.95 ? 137 ASN A OD1 1 
ATOM   1044 N ND2 . ASN A 1 136 ? -12.204 1.553   13.589  1.00 17.38 ? 137 ASN A ND2 1 
ATOM   1045 N N   . ILE A 1 137 ? -9.006  2.035   11.167  1.00 8.98  ? 138 ILE A N   1 
ATOM   1046 C CA  . ILE A 1 137 ? -7.733  1.390   11.453  1.00 9.84  ? 138 ILE A CA  1 
ATOM   1047 C C   . ILE A 1 137 ? -6.549  2.203   10.847  1.00 9.17  ? 138 ILE A C   1 
ATOM   1048 O O   . ILE A 1 137 ? -5.536  2.360   11.485  1.00 8.13  ? 138 ILE A O   1 
ATOM   1049 C CB  . ILE A 1 137 ? -7.726  -0.067  10.891  1.00 7.99  ? 138 ILE A CB  1 
ATOM   1050 C CG1 . ILE A 1 137 ? -8.913  -0.838  11.513  1.00 9.78  ? 138 ILE A CG1 1 
ATOM   1051 C CG2 . ILE A 1 137 ? -6.410  -0.764  11.205  1.00 10.55 ? 138 ILE A CG2 1 
ATOM   1052 C CD1 . ILE A 1 137 ? -8.940  -0.795  13.031  1.00 10.51 ? 138 ILE A CD1 1 
ATOM   1053 N N   . VAL A 1 138 ? -6.729  2.715   9.641   1.00 8.80  ? 139 VAL A N   1 
ATOM   1054 C CA  . VAL A 1 138 ? -5.682  3.586   9.071   1.00 10.24 ? 139 VAL A CA  1 
ATOM   1055 C C   . VAL A 1 138 ? -5.508  4.845   9.963   1.00 11.10 ? 139 VAL A C   1 
ATOM   1056 O O   . VAL A 1 138 ? -4.378  5.270   10.244  1.00 10.16 ? 139 VAL A O   1 
ATOM   1057 C CB  . VAL A 1 138 ? -6.026  3.966   7.622   1.00 9.65  ? 139 VAL A CB  1 
ATOM   1058 C CG1 . VAL A 1 138 ? -4.969  4.953   7.078   1.00 12.83 ? 139 VAL A CG1 1 
ATOM   1059 C CG2 . VAL A 1 138 ? -6.113  2.746   6.731   1.00 9.55  ? 139 VAL A CG2 1 
ATOM   1060 N N   . GLU A 1 139 ? -6.608  5.401   10.460  1.00 11.09 ? 140 GLU A N   1 
ATOM   1061 C CA  . GLU A 1 139 ? -6.528  6.555   11.343  1.00 11.52 ? 140 GLU A CA  1 
ATOM   1062 C C   . GLU A 1 139 ? -5.813  6.201   12.638  1.00 10.11 ? 140 GLU A C   1 
ATOM   1063 O O   . GLU A 1 139 ? -4.990  7.001   13.132  1.00 11.91 ? 140 GLU A O   1 
ATOM   1064 C CB  . GLU A 1 139 ? -7.936  7.114   11.597  1.00 14.22 ? 140 GLU A CB  1 
ATOM   1065 C CG  . GLU A 1 139 ? -8.478  7.811   10.309  1.00 26.17 ? 140 GLU A CG  1 
ATOM   1066 C CD  . GLU A 1 139 ? -9.978  8.132   10.369  1.00 44.08 ? 140 GLU A CD  1 
ATOM   1067 O OE1 . GLU A 1 139 ? -10.653 7.721   11.354  1.00 45.16 ? 140 GLU A OE1 1 
ATOM   1068 O OE2 . GLU A 1 139 ? -10.479 8.782   9.417   1.00 46.41 ? 140 GLU A OE2 1 
ATOM   1069 N N   . ALA A 1 140 ? -6.055  5.013   13.180  1.00 9.52  ? 141 ALA A N   1 
ATOM   1070 C CA  . ALA A 1 140 ? -5.320  4.561   14.343  1.00 10.74 ? 141 ALA A CA  1 
ATOM   1071 C C   . ALA A 1 140 ? -3.828  4.391   14.022  1.00 11.83 ? 141 ALA A C   1 
ATOM   1072 O O   . ALA A 1 140 ? -2.964  4.784   14.822  1.00 11.39 ? 141 ALA A O   1 
ATOM   1073 C CB  . ALA A 1 140 ? -5.928  3.209   14.886  1.00 10.52 ? 141 ALA A CB  1 
ATOM   1074 N N   . MET A 1 141 ? -3.489  3.848   12.845  1.00 10.09 ? 142 MET A N   1 
ATOM   1075 C CA  . MET A 1 141 ? -2.082  3.747   12.473  1.00 10.98 ? 142 MET A CA  1 
ATOM   1076 C C   . MET A 1 141 ? -1.355  5.087   12.497  1.00 11.37 ? 142 MET A C   1 
ATOM   1077 O O   . MET A 1 141 ? -0.176  5.137   12.810  1.00 10.76 ? 142 MET A O   1 
ATOM   1078 C CB  . MET A 1 141 ? -1.935  3.138   11.085  1.00 10.29 ? 142 MET A CB  1 
ATOM   1079 C CG  . MET A 1 141 ? -2.359  1.691   11.056  1.00 10.57 ? 142 MET A CG  1 
ATOM   1080 S SD  . MET A 1 141 ? -2.678  1.044   9.371   1.00 11.29 ? 142 MET A SD  1 
ATOM   1081 C CE  . MET A 1 141 ? -1.094  1.341   8.591   1.00 12.53 ? 142 MET A CE  1 
ATOM   1082 N N   . GLU A 1 142 ? -2.054  6.170   12.149  1.00 11.90 ? 143 GLU A N   1 
ATOM   1083 C CA  . GLU A 1 142 ? -1.398  7.477   12.086  1.00 12.46 ? 143 GLU A CA  1 
ATOM   1084 C C   . GLU A 1 142 ? -0.891  7.904   13.438  1.00 15.93 ? 143 GLU A C   1 
ATOM   1085 O O   . GLU A 1 142 ? 0.044   8.686   13.569  1.00 15.24 ? 143 GLU A O   1 
ATOM   1086 C CB  . GLU A 1 142 ? -2.336  8.542   11.536  1.00 13.32 ? 143 GLU A CB  1 
ATOM   1087 C CG  . GLU A 1 142 ? -2.620  8.420   10.089  1.00 14.93 ? 143 GLU A CG  1 
ATOM   1088 C CD  . GLU A 1 142 ? -3.444  9.579   9.594   1.00 16.88 ? 143 GLU A CD  1 
ATOM   1089 O OE1 . GLU A 1 142 ? -4.634  9.696   9.972   1.00 21.34 ? 143 GLU A OE1 1 
ATOM   1090 O OE2 . GLU A 1 142 ? -2.917  10.377  8.798   1.00 18.26 ? 143 GLU A OE2 1 
ATOM   1091 N N   . ARG A 1 143 ? -1.510  7.409   14.483  1.00 14.74 ? 144 ARG A N   1 
ATOM   1092 C CA  . ARG A 1 143 ? -1.085  7.846   15.784  1.00 15.93 ? 144 ARG A CA  1 
ATOM   1093 C C   . ARG A 1 143 ? 0.333   7.360   16.088  1.00 16.91 ? 144 ARG A C   1 
ATOM   1094 O O   . ARG A 1 143 ? 1.001   7.895   16.967  1.00 19.51 ? 144 ARG A O   1 
ATOM   1095 C CB  . ARG A 1 143 ? -2.120  7.378   16.834  1.00 20.86 ? 144 ARG A CB  1 
ATOM   1096 C CG  . ARG A 1 143 ? -3.576  7.779   16.483  1.00 21.72 ? 144 ARG A CG  1 
ATOM   1097 C CD  . ARG A 1 143 ? -3.726  9.256   16.097  1.00 32.22 ? 144 ARG A CD  1 
ATOM   1098 N NE  . ARG A 1 143 ? -4.083  10.088  17.238  1.00 46.90 ? 144 ARG A NE  1 
ATOM   1099 C CZ  . ARG A 1 143 ? -3.475  11.226  17.552  1.00 54.11 ? 144 ARG A CZ  1 
ATOM   1100 N NH1 . ARG A 1 143 ? -2.455  11.675  16.808  1.00 45.77 ? 144 ARG A NH1 1 
ATOM   1101 N NH2 . ARG A 1 143 ? -3.885  11.911  18.617  1.00 43.36 ? 144 ARG A NH2 1 
ATOM   1102 N N   . PHE A 1 144 ? 0.847   6.378   15.328  1.00 11.49 ? 145 PHE A N   1 
ATOM   1103 C CA  . PHE A 1 144 ? 2.171   5.839   15.556  1.00 12.57 ? 145 PHE A CA  1 
ATOM   1104 C C   . PHE A 1 144 ? 3.189   6.401   14.565  1.00 12.88 ? 145 PHE A C   1 
ATOM   1105 O O   . PHE A 1 144 ? 4.317   5.937   14.524  1.00 14.58 ? 145 PHE A O   1 
ATOM   1106 C CB  . PHE A 1 144 ? 2.134   4.295   15.467  1.00 13.17 ? 145 PHE A CB  1 
ATOM   1107 C CG  . PHE A 1 144 ? 1.178   3.696   16.445  1.00 14.12 ? 145 PHE A CG  1 
ATOM   1108 C CD1 . PHE A 1 144 ? 1.519   3.649   17.765  1.00 16.00 ? 145 PHE A CD1 1 
ATOM   1109 C CD2 . PHE A 1 144 ? -0.094  3.320   16.043  1.00 14.03 ? 145 PHE A CD2 1 
ATOM   1110 C CE1 . PHE A 1 144 ? 0.628   3.150   18.708  1.00 15.90 ? 145 PHE A CE1 1 
ATOM   1111 C CE2 . PHE A 1 144 ? -1.015  2.852   16.993  1.00 13.92 ? 145 PHE A CE2 1 
ATOM   1112 C CZ  . PHE A 1 144 ? -0.635  2.790   18.313  1.00 15.78 ? 145 PHE A CZ  1 
ATOM   1113 N N   . GLY A 1 145 ? 2.742   7.362   13.755  1.00 12.10 ? 146 GLY A N   1 
ATOM   1114 C CA  . GLY A 1 145 ? 3.636   8.045   12.814  1.00 11.65 ? 146 GLY A CA  1 
ATOM   1115 C C   . GLY A 1 145 ? 4.248   9.315   13.409  1.00 15.96 ? 146 GLY A C   1 
ATOM   1116 O O   . GLY A 1 145 ? 4.092   9.622   14.604  1.00 15.52 ? 146 GLY A O   1 
ATOM   1117 N N   . SER A 1 146 ? 4.918   10.078  12.557  1.00 11.02 ? 147 SER A N   1 
ATOM   1118 C CA  . SER A 1 146 ? 5.641   11.284  12.998  1.00 11.74 ? 147 SER A CA  1 
ATOM   1119 C C   . SER A 1 146 ? 5.875   12.150  11.771  1.00 11.49 ? 147 SER A C   1 
ATOM   1120 O O   . SER A 1 146 ? 5.674   11.728  10.645  1.00 11.30 ? 147 SER A O   1 
ATOM   1121 C CB  . SER A 1 146 ? 6.979   10.926  13.652  1.00 12.07 ? 147 SER A CB  1 
ATOM   1122 O OG  . SER A 1 146 ? 7.862   10.331  12.709  1.00 13.98 ? 147 SER A OG  1 
ATOM   1123 N N   . ARG A 1 147 ? 6.305   13.373  12.019  1.00 12.81 ? 148 ARG A N   1 
ATOM   1124 C CA  . ARG A 1 147 ? 6.539   14.339  10.971  1.00 16.60 ? 148 ARG A CA  1 
ATOM   1125 C C   . ARG A 1 147 ? 7.457   13.845  9.848   1.00 11.89 ? 148 ARG A C   1 
ATOM   1126 O O   . ARG A 1 147 ? 7.202   14.022  8.639   1.00 13.51 ? 148 ARG A O   1 
ATOM   1127 C CB  . ARG A 1 147 ? 7.149   15.594  11.632  1.00 21.68 ? 148 ARG A CB  1 
ATOM   1128 C CG  . ARG A 1 147 ? 7.454   16.679  10.685  1.00 22.26 ? 148 ARG A CG  1 
ATOM   1129 C CD  . ARG A 1 147 ? 8.091   17.915  11.351  1.00 22.70 ? 148 ARG A CD  1 
ATOM   1130 N NE  . ARG A 1 147 ? 7.252   18.621  12.324  1.00 35.22 ? 148 ARG A NE  1 
ATOM   1131 C CZ  . ARG A 1 147 ? 7.453   18.588  13.647  1.00 32.51 ? 148 ARG A CZ  1 
ATOM   1132 N NH1 . ARG A 1 147 ? 8.458   17.882  14.162  1.00 33.50 ? 148 ARG A NH1 1 
ATOM   1133 N NH2 . ARG A 1 147 ? 6.662   19.269  14.458  1.00 33.99 ? 148 ARG A NH2 1 
ATOM   1134 N N   . ASN A 1 148 ? 8.524   13.180  10.240  1.00 11.37 ? 149 ASN A N   1 
ATOM   1135 C CA  . ASN A 1 148 ? 9.467   12.669  9.266   1.00 10.93 ? 149 ASN A CA  1 
ATOM   1136 C C   . ASN A 1 148 ? 9.191   11.241  8.821   1.00 13.41 ? 149 ASN A C   1 
ATOM   1137 O O   . ASN A 1 148 ? 9.916   10.696  7.978   1.00 12.38 ? 149 ASN A O   1 
ATOM   1138 C CB  . ASN A 1 148 ? 10.890  12.760  9.799   1.00 9.89  ? 149 ASN A CB  1 
ATOM   1139 C CG  . ASN A 1 148 ? 11.374  14.206  9.933   1.00 10.71 ? 149 ASN A CG  1 
ATOM   1140 O OD1 . ASN A 1 148 ? 10.692  15.126  9.512   1.00 10.90 ? 149 ASN A OD1 1 
ATOM   1141 N ND2 . ASN A 1 148 ? 12.544  14.377  10.532  1.00 10.98 ? 149 ASN A ND2 1 
ATOM   1142 N N   . GLY A 1 149 ? 8.155   10.651  9.398   1.00 11.00 ? 150 GLY A N   1 
ATOM   1143 C CA  . GLY A 1 149 ? 7.657   9.354   8.950   1.00 10.10 ? 150 GLY A CA  1 
ATOM   1144 C C   . GLY A 1 149 ? 8.101   8.143   9.788   1.00 11.73 ? 150 GLY A C   1 
ATOM   1145 O O   . GLY A 1 149 ? 7.485   7.066   9.686   1.00 10.24 ? 150 GLY A O   1 
ATOM   1146 N N   . LYS A 1 150 ? 9.124   8.267   10.633  1.00 11.88 ? 151 LYS A N   1 
ATOM   1147 C CA  . LYS A 1 150 ? 9.504   7.131   11.493  1.00 13.91 ? 151 LYS A CA  1 
ATOM   1148 C C   . LYS A 1 150 ? 8.340   6.773   12.432  1.00 13.16 ? 151 LYS A C   1 
ATOM   1149 O O   . LYS A 1 150 ? 7.644   7.617   12.975  1.00 14.45 ? 151 LYS A O   1 
ATOM   1150 C CB  . LYS A 1 150 ? 10.785  7.406   12.311  1.00 18.72 ? 151 LYS A CB  1 
ATOM   1151 C CG  . LYS A 1 150 ? 12.029  7.761   11.483  1.00 36.71 ? 151 LYS A CG  1 
ATOM   1152 C CD  . LYS A 1 150 ? 12.302  6.769   10.344  1.00 38.57 ? 151 LYS A CD  1 
ATOM   1153 C CE  . LYS A 1 150 ? 12.971  7.463   9.143   1.00 45.41 ? 151 LYS A CE  1 
ATOM   1154 N NZ  . LYS A 1 150 ? 13.357  6.523   8.035   1.00 44.06 ? 151 LYS A NZ  1 
ATOM   1155 N N   . THR A 1 151 ? 8.119   5.469   12.548  1.00 14.30 ? 152 THR A N   1 
ATOM   1156 C CA  . THR A 1 151 ? 7.042   4.992   13.407  1.00 14.29 ? 152 THR A CA  1 
ATOM   1157 C C   . THR A 1 151 ? 7.538   4.753   14.845  1.00 15.34 ? 152 THR A C   1 
ATOM   1158 O O   . THR A 1 151 ? 8.679   4.379   15.047  1.00 17.34 ? 152 THR A O   1 
ATOM   1159 C CB  . THR A 1 151 ? 6.419   3.714   12.809  1.00 14.52 ? 152 THR A CB  1 
ATOM   1160 O OG1 . THR A 1 151 ? 7.395   2.669   12.716  1.00 16.28 ? 152 THR A OG1 1 
ATOM   1161 C CG2 . THR A 1 151 ? 5.833   4.031   11.418  1.00 15.26 ? 152 THR A CG2 1 
ATOM   1162 N N   . SER A 1 152 ? 6.642   4.961   15.803  1.00 14.80 ? 153 SER A N   1 
ATOM   1163 C CA  . SER A 1 152 ? 6.994   4.860   17.224  1.00 19.29 ? 153 SER A CA  1 
ATOM   1164 C C   . SER A 1 152 ? 6.729   3.470   17.804  1.00 24.87 ? 153 SER A C   1 
ATOM   1165 O O   . SER A 1 152 ? 7.125   3.202   18.942  1.00 20.39 ? 153 SER A O   1 
ATOM   1166 C CB  . SER A 1 152 ? 6.213   5.889   18.036  1.00 17.77 ? 153 SER A CB  1 
ATOM   1167 O OG  . SER A 1 152 ? 4.821   5.668   17.914  1.00 18.90 ? 153 SER A OG  1 
ATOM   1168 N N   . LYS A 1 153 ? 6.030   2.628   17.026  1.00 16.82 ? 154 LYS A N   1 
ATOM   1169 C CA  . LYS A 1 153 ? 5.836   1.190   17.246  1.00 16.30 ? 154 LYS A CA  1 
ATOM   1170 C C   . LYS A 1 153 ? 5.993   0.482   15.899  1.00 17.20 ? 154 LYS A C   1 
ATOM   1171 O O   . LYS A 1 153 ? 5.848   1.111   14.837  1.00 17.21 ? 154 LYS A O   1 
ATOM   1172 C CB  . LYS A 1 153 ? 4.450   0.895   17.837  1.00 17.11 ? 154 LYS A CB  1 
ATOM   1173 C CG  . LYS A 1 153 ? 4.150   1.628   19.149  1.00 19.42 ? 154 LYS A CG  1 
ATOM   1174 C CD  . LYS A 1 153 ? 4.982   1.060   20.270  1.00 32.85 ? 154 LYS A CD  1 
ATOM   1175 C CE  . LYS A 1 153 ? 4.721   1.758   21.605  1.00 37.10 ? 154 LYS A CE  1 
ATOM   1176 N NZ  . LYS A 1 153 ? 3.294   1.735   22.028  1.00 40.66 ? 154 LYS A NZ  1 
ATOM   1177 N N   . LYS A 1 154 ? 6.227   -0.815  15.923  1.00 16.39 ? 155 LYS A N   1 
ATOM   1178 C CA  . LYS A 1 154 ? 6.316   -1.579  14.686  1.00 14.06 ? 155 LYS A CA  1 
ATOM   1179 C C   . LYS A 1 154 ? 4.928   -1.883  14.150  1.00 14.35 ? 155 LYS A C   1 
ATOM   1180 O O   . LYS A 1 154 ? 4.145   -2.569  14.818  1.00 13.98 ? 155 LYS A O   1 
ATOM   1181 C CB  . LYS A 1 154 ? 7.073   -2.884  14.899  1.00 18.26 ? 155 LYS A CB  1 
ATOM   1182 C CG  . LYS A 1 154 ? 8.545   -2.733  15.242  1.00 26.47 ? 155 LYS A CG  1 
ATOM   1183 C CD  . LYS A 1 154 ? 9.201   -4.111  15.413  1.00 36.91 ? 155 LYS A CD  1 
ATOM   1184 C CE  . LYS A 1 154 ? 8.687   -4.849  16.671  1.00 40.74 ? 155 LYS A CE  1 
ATOM   1185 N NZ  . LYS A 1 154 ? 8.912   -4.091  17.945  1.00 39.73 ? 155 LYS A NZ  1 
ATOM   1186 N N   . ILE A 1 155 ? 4.607   -1.364  12.967  1.00 12.23 ? 156 ILE A N   1 
ATOM   1187 C CA  . ILE A 1 155 ? 3.269   -1.499  12.379  1.00 10.06 ? 156 ILE A CA  1 
ATOM   1188 C C   . ILE A 1 155 ? 3.352   -2.502  11.256  1.00 11.11 ? 156 ILE A C   1 
ATOM   1189 O O   . ILE A 1 155 ? 3.976   -2.193  10.219  1.00 11.18 ? 156 ILE A O   1 
ATOM   1190 C CB  . ILE A 1 155 ? 2.765   -0.153  11.867  1.00 10.67 ? 156 ILE A CB  1 
ATOM   1191 C CG1 . ILE A 1 155 ? 2.942   0.931   12.940  1.00 12.73 ? 156 ILE A CG1 1 
ATOM   1192 C CG2 . ILE A 1 155 ? 1.353   -0.262  11.353  1.00 10.34 ? 156 ILE A CG2 1 
ATOM   1193 C CD1 . ILE A 1 155 ? 2.123   0.648   14.203  1.00 13.23 ? 156 ILE A CD1 1 
ATOM   1194 N N   . THR A 1 156 ? 2.799   -3.699  11.452  1.00 9.45  ? 157 THR A N   1 
ATOM   1195 C CA  . THR A 1 156 ? 3.030   -4.789  10.507  1.00 10.50 ? 157 THR A CA  1 
ATOM   1196 C C   . THR A 1 156 ? 1.731   -5.306  9.906   1.00 9.89  ? 157 THR A C   1 
ATOM   1197 O O   . THR A 1 156 ? 0.612   -5.150  10.471  1.00 9.39  ? 157 THR A O   1 
ATOM   1198 C CB  . THR A 1 156 ? 3.771   -5.969  11.180  1.00 11.53 ? 157 THR A CB  1 
ATOM   1199 O OG1 . THR A 1 156 ? 2.968   -6.439  12.270  1.00 13.85 ? 157 THR A OG1 1 
ATOM   1200 C CG2 . THR A 1 156 ? 5.176   -5.564  11.659  1.00 14.43 ? 157 THR A CG2 1 
ATOM   1201 N N   . ILE A 1 157 ? 1.893   -5.930  8.738   1.00 9.77  ? 158 ILE A N   1 
ATOM   1202 C CA  . ILE A 1 157 ? 0.840   -6.681  8.080   1.00 9.21  ? 158 ILE A CA  1 
ATOM   1203 C C   . ILE A 1 157 ? 0.967   -8.111  8.606   1.00 10.26 ? 158 ILE A C   1 
ATOM   1204 O O   . ILE A 1 157 ? 1.766   -8.887  8.112   1.00 10.97 ? 158 ILE A O   1 
ATOM   1205 C CB  . ILE A 1 157 ? 0.955   -6.587  6.542   1.00 8.69  ? 158 ILE A CB  1 
ATOM   1206 C CG1 . ILE A 1 157 ? 0.863   -5.122  6.092   1.00 9.55  ? 158 ILE A CG1 1 
ATOM   1207 C CG2 . ILE A 1 157 ? -0.134  -7.426  5.843   1.00 10.59 ? 158 ILE A CG2 1 
ATOM   1208 C CD1 . ILE A 1 157 ? 1.174   -4.918  4.625   1.00 8.85  ? 158 ILE A CD1 1 
ATOM   1209 N N   . ALA A 1 158 ? 0.241   -8.396  9.671   1.00 10.69 ? 159 ALA A N   1 
ATOM   1210 C CA  . ALA A 1 158 ? 0.360   -9.702  10.336  1.00 10.20 ? 159 ALA A CA  1 
ATOM   1211 C C   . ALA A 1 158 ? -0.176  -10.788 9.416   1.00 13.08 ? 159 ALA A C   1 
ATOM   1212 O O   . ALA A 1 158 ? 0.330   -11.920 9.419   1.00 14.07 ? 159 ALA A O   1 
ATOM   1213 C CB  . ALA A 1 158 ? -0.393  -9.692  11.656  1.00 13.54 ? 159 ALA A CB  1 
ATOM   1214 N N   . ASP A 1 159 ? -1.221  -10.480 8.661   1.00 11.26 ? 160 ASP A N   1 
ATOM   1215 C CA  . ASP A 1 159 ? -1.811  -11.421 7.709   1.00 12.70 ? 160 ASP A CA  1 
ATOM   1216 C C   . ASP A 1 159 ? -2.485  -10.621 6.584   1.00 11.21 ? 160 ASP A C   1 
ATOM   1217 O O   . ASP A 1 159 ? -2.782  -9.444  6.753   1.00 10.14 ? 160 ASP A O   1 
ATOM   1218 C CB  . ASP A 1 159 ? -2.819  -12.346 8.417   1.00 16.06 ? 160 ASP A CB  1 
ATOM   1219 C CG  . ASP A 1 159 ? -3.191  -13.521 7.571   1.00 24.76 ? 160 ASP A CG  1 
ATOM   1220 O OD1 . ASP A 1 159 ? -2.367  -13.881 6.717   1.00 21.21 ? 160 ASP A OD1 1 
ATOM   1221 O OD2 . ASP A 1 159 ? -4.292  -14.088 7.766   1.00 35.65 ? 160 ASP A OD2 1 
ATOM   1222 N N   . CYS A 1 160 ? -2.664  -11.233 5.420   1.00 9.08  ? 161 CYS A N   1 
ATOM   1223 C CA  . CYS A 1 160 ? -3.289  -10.554 4.288   1.00 7.73  ? 161 CYS A CA  1 
ATOM   1224 C C   . CYS A 1 160 ? -3.773  -11.591 3.309   1.00 9.24  ? 161 CYS A C   1 
ATOM   1225 O O   . CYS A 1 160 ? -3.347  -12.753 3.354   1.00 11.20 ? 161 CYS A O   1 
ATOM   1226 C CB  . CYS A 1 160 ? -2.304  -9.530  3.641   1.00 7.72  ? 161 CYS A CB  1 
ATOM   1227 S SG  . CYS A 1 160 ? -0.659  -10.156 3.256   1.00 11.10 ? 161 CYS A SG  1 
ATOM   1228 N N   . GLY A 1 161 ? -4.665  -11.175 2.442   1.00 8.82  ? 162 GLY A N   1 
ATOM   1229 C CA  . GLY A 1 161 ? -5.239  -12.100 1.477   1.00 9.16  ? 162 GLY A CA  1 
ATOM   1230 C C   . GLY A 1 161 ? -6.310  -11.480 0.657   1.00 9.24  ? 162 GLY A C   1 
ATOM   1231 O O   . GLY A 1 161 ? -6.494  -10.254 0.654   1.00 10.14 ? 162 GLY A O   1 
ATOM   1232 N N   . GLN A 1 162 ? -6.967  -12.338 -0.121  1.00 10.45 ? 163 GLN A N   1 
ATOM   1233 C CA  . GLN A 1 162 ? -8.089  -11.898 -0.961  1.00 11.79 ? 163 GLN A CA  1 
ATOM   1234 C C   . GLN A 1 162 ? -9.433  -12.351 -0.393  1.00 13.18 ? 163 GLN A C   1 
ATOM   1235 O O   . GLN A 1 162 ? -9.545  -13.476 0.099   1.00 14.42 ? 163 GLN A O   1 
ATOM   1236 C CB  . GLN A 1 162 ? -7.877  -12.408 -2.389  1.00 10.12 ? 163 GLN A CB  1 
ATOM   1237 C CG  . GLN A 1 162 ? -8.968  -12.007 -3.337  1.00 14.01 ? 163 GLN A CG  1 
ATOM   1238 C CD  . GLN A 1 162 ? -8.640  -12.355 -4.779  1.00 11.97 ? 163 GLN A CD  1 
ATOM   1239 O OE1 . GLN A 1 162 ? -7.648  -13.026 -5.077  1.00 13.81 ? 163 GLN A OE1 1 
ATOM   1240 N NE2 . GLN A 1 162 ? -9.504  -11.906 -5.674  1.00 15.42 ? 163 GLN A NE2 1 
ATOM   1241 N N   . LEU A 1 163 ? -10.435 -11.468 -0.432  1.00 12.43 ? 164 LEU A N   1 
ATOM   1242 C CA  . LEU A 1 163 ? -11.804 -11.749 0.021   1.00 13.96 ? 164 LEU A CA  1 
ATOM   1243 C C   . LEU A 1 163 ? -12.564 -12.205 -1.215  1.00 18.63 ? 164 LEU A C   1 
ATOM   1244 O O   . LEU A 1 163 ? -13.216 -13.275 -1.157  1.00 28.85 ? 164 LEU A O   1 
ATOM   1245 C CB  . LEU A 1 163 ? -12.455 -10.508 0.669   1.00 17.78 ? 164 LEU A CB  1 
ATOM   1246 C CG  . LEU A 1 163 ? -11.735 -9.932  1.898   1.00 16.68 ? 164 LEU A CG  1 
ATOM   1247 C CD1 . LEU A 1 163 ? -12.356 -8.592  2.381   1.00 25.52 ? 164 LEU A CD1 1 
ATOM   1248 C CD2 . LEU A 1 163 ? -11.721 -10.948 3.022   1.00 20.99 ? 164 LEU A CD2 1 
HETATM 1249 N N2  . 78R B 2 .   ? 6.952   8.559   -0.379  1.00 9.44  ? 300 78R A N2  1 
HETATM 1250 N N1  . 78R B 2 .   ? 6.502   7.798   -1.495  1.00 8.61  ? 300 78R A N1  1 
HETATM 1251 C C5  . 78R B 2 .   ? 4.788   9.738   -0.325  1.00 9.23  ? 300 78R A C5  1 
HETATM 1252 C C7  . 78R B 2 .   ? 5.081   7.495   -1.511  1.00 8.60  ? 300 78R A C7  1 
HETATM 1253 C C8  . 78R B 2 .   ? 6.308   9.875   -0.325  1.00 9.16  ? 300 78R A C8  1 
HETATM 1254 C C6  . 78R B 2 .   ? 4.364   8.870   -1.538  1.00 9.08  ? 300 78R A C6  1 
HETATM 1255 C C23 . 78R B 2 .   ? 13.435  6.231   -2.921  1.00 14.06 ? 300 78R A C23 1 
HETATM 1256 C C24 . 78R B 2 .   ? 14.810  6.517   -2.290  1.00 21.49 ? 300 78R A C24 1 
HETATM 1257 C C25 . 78R B 2 .   ? 15.778  5.431   -2.765  1.00 21.69 ? 300 78R A C25 1 
HETATM 1258 C C26 . 78R B 2 .   ? 14.724  6.634   -0.757  1.00 21.79 ? 300 78R A C26 1 
HETATM 1259 C C27 . 78R B 2 .   ? 13.636  7.672   -0.411  1.00 24.58 ? 300 78R A C27 1 
HETATM 1260 C C28 . 78R B 2 .   ? 14.204  8.699   0.529   1.00 28.09 ? 300 78R A C28 1 
HETATM 1261 C C29 . 78R B 2 .   ? 6.755   10.482  0.978   1.00 10.63 ? 300 78R A C29 1 
HETATM 1262 C C30 . 78R B 2 .   ? 7.793   12.290  1.977   1.00 14.58 ? 300 78R A C30 1 
HETATM 1263 C C31 . 78R B 2 .   ? 9.091   11.746  2.524   1.00 10.02 ? 300 78R A C31 1 
HETATM 1264 C C32 . 78R B 2 .   ? 9.978   11.064  1.705   1.00 11.16 ? 300 78R A C32 1 
HETATM 1265 C C33 . 78R B 2 .   ? 11.192  10.577  2.128   1.00 11.04 ? 300 78R A C33 1 
HETATM 1266 C C34 . 78R B 2 .   ? 11.500  10.718  3.474   1.00 12.14 ? 300 78R A C34 1 
HETATM 1267 C C35 . 78R B 2 .   ? 10.608  11.377  4.316   1.00 12.25 ? 300 78R A C35 1 
HETATM 1268 C C36 . 78R B 2 .   ? 9.389   11.915  3.897   1.00 10.09 ? 300 78R A C36 1 
HETATM 1269 C C37 . 78R B 2 .   ? 12.036  9.859   1.141   1.00 18.03 ? 300 78R A C37 1 
HETATM 1270 C C38 . 78R B 2 .   ? 13.233  9.372   1.455   1.00 21.73 ? 300 78R A C38 1 
HETATM 1271 C C39 . 78R B 2 .   ? 14.542  5.095   1.177   1.00 23.67 ? 300 78R A C39 1 
HETATM 1272 O O44 . 78R B 2 .   ? 13.049  6.828   -3.914  1.00 16.35 ? 300 78R A O44 1 
HETATM 1273 O O45 . 78R B 2 .   ? 6.631   10.053  2.076   1.00 11.56 ? 300 78R A O45 1 
HETATM 1274 O O46 . 78R B 2 .   ? 14.382  5.342   -0.211  1.00 21.13 ? 300 78R A O46 1 
HETATM 1275 O O47 . 78R B 2 .   ? 7.338   11.668  0.745   1.00 12.92 ? 300 78R A O47 1 
HETATM 1276 N N4  . 78R B 2 .   ? 12.635  5.302   -2.239  1.00 12.40 ? 300 78R A N4  1 
HETATM 1277 C C19 . 78R B 2 .   ? 11.292  5.027   -2.781  1.00 10.90 ? 300 78R A C19 1 
HETATM 1278 C C18 . 78R B 2 .   ? 10.268  5.968   -2.087  1.00 8.58  ? 300 78R A C18 1 
HETATM 1279 O O43 . 78R B 2 .   ? 10.057  5.859   -0.868  1.00 10.55 ? 300 78R A O43 1 
HETATM 1280 C C20 . 78R B 2 .   ? 10.914  3.553   -2.657  1.00 11.03 ? 300 78R A C20 1 
HETATM 1281 C C21 . 78R B 2 .   ? 9.513   3.319   -3.246  1.00 11.11 ? 300 78R A C21 1 
HETATM 1282 C C22 . 78R B 2 .   ? 11.911  2.616   -3.350  1.00 12.02 ? 300 78R A C22 1 
HETATM 1283 N N3  . 78R B 2 .   ? 9.736   6.903   -2.899  1.00 7.92  ? 300 78R A N3  1 
HETATM 1284 C C10 . 78R B 2 .   ? 8.843   7.884   -2.334  1.00 8.67  ? 300 78R A C10 1 
HETATM 1285 C C11 . 78R B 2 .   ? 8.929   9.199   -3.128  1.00 10.39 ? 300 78R A C11 1 
HETATM 1286 C C12 . 78R B 2 .   ? 10.189  10.022  -2.852  1.00 9.37  ? 300 78R A C12 1 
HETATM 1287 C C17 . 78R B 2 .   ? 11.456  9.603   -3.323  1.00 13.49 ? 300 78R A C17 1 
HETATM 1288 C C16 . 78R B 2 .   ? 12.581  10.406  -3.084  1.00 13.10 ? 300 78R A C16 1 
HETATM 1289 C C13 . 78R B 2 .   ? 10.082  11.222  -2.137  1.00 10.74 ? 300 78R A C13 1 
HETATM 1290 C C14 . 78R B 2 .   ? 11.239  11.980  -1.921  1.00 9.68  ? 300 78R A C14 1 
HETATM 1291 C C15 . 78R B 2 .   ? 12.499  11.565  -2.345  1.00 11.83 ? 300 78R A C15 1 
HETATM 1292 O O42 . 78R B 2 .   ? 11.151  13.155  -1.218  1.00 14.25 ? 300 78R A O42 1 
HETATM 1293 C C9  . 78R B 2 .   ? 7.387   7.415   -2.452  1.00 9.40  ? 300 78R A C9  1 
HETATM 1294 O O41 . 78R B 2 .   ? 6.978   6.758   -3.422  1.00 8.20  ? 300 78R A O41 1 
HETATM 1295 O O   . HOH C 3 .   ? -1.096  -13.778 5.258   1.00 31.04 ? 401 HOH A O   1 
HETATM 1296 O O   . HOH C 3 .   ? 12.424  -4.696  -7.511  1.00 21.06 ? 402 HOH A O   1 
HETATM 1297 O O   . HOH C 3 .   ? -16.580 -2.883  -3.287  1.00 34.41 ? 403 HOH A O   1 
HETATM 1298 O O   . HOH C 3 .   ? 2.995   17.473  -9.132  1.00 40.79 ? 404 HOH A O   1 
HETATM 1299 O O   . HOH C 3 .   ? -3.484  -1.604  -18.810 1.00 21.33 ? 405 HOH A O   1 
HETATM 1300 O O   . HOH C 3 .   ? -16.770 -2.069  -7.712  1.00 28.71 ? 406 HOH A O   1 
HETATM 1301 O O   . HOH C 3 .   ? 8.762   -5.672  -15.620 1.00 34.10 ? 407 HOH A O   1 
HETATM 1302 O O   . HOH C 3 .   ? -13.499 -6.638  5.014   1.00 22.89 ? 408 HOH A O   1 
HETATM 1303 O O   . HOH C 3 .   ? 15.275  -6.048  -3.257  1.00 25.49 ? 409 HOH A O   1 
HETATM 1304 O O   . HOH C 3 .   ? 6.743   -9.736  3.619   1.00 21.48 ? 410 HOH A O   1 
HETATM 1305 O O   . HOH C 3 .   ? 2.247   -1.503  -16.380 1.00 19.90 ? 411 HOH A O   1 
HETATM 1306 O O   . HOH C 3 .   ? -16.923 0.764   1.291   1.00 27.10 ? 412 HOH A O   1 
HETATM 1307 O O   . HOH C 3 .   ? 2.909   -7.942  23.198  1.00 30.78 ? 413 HOH A O   1 
HETATM 1308 O O   . HOH C 3 .   ? 4.231   -3.323  4.356   1.00 13.91 ? 414 HOH A O   1 
HETATM 1309 O O   . HOH C 3 .   ? -12.906 6.651   10.451  1.00 38.34 ? 415 HOH A O   1 
HETATM 1310 O O   . HOH C 3 .   ? 6.738   11.527  -5.214  1.00 18.21 ? 416 HOH A O   1 
HETATM 1311 O O   . HOH C 3 .   ? -4.090  16.966  -10.307 1.00 18.98 ? 417 HOH A O   1 
HETATM 1312 O O   . HOH C 3 .   ? 15.044  5.640   -9.856  1.00 36.27 ? 418 HOH A O   1 
HETATM 1313 O O   . HOH C 3 .   ? 10.663  2.181   -6.887  1.00 13.91 ? 419 HOH A O   1 
HETATM 1314 O O   . HOH C 3 .   ? 11.039  4.375   1.168   1.00 13.90 ? 420 HOH A O   1 
HETATM 1315 O O   . HOH C 3 .   ? -4.339  18.889  -1.073  1.00 13.00 ? 421 HOH A O   1 
HETATM 1316 O O   . HOH C 3 .   ? -13.722 -0.689  10.410  1.00 18.02 ? 422 HOH A O   1 
HETATM 1317 O O   . HOH C 3 .   ? -9.234  -3.795  -17.099 1.00 26.79 ? 423 HOH A O   1 
HETATM 1318 O O   . HOH C 3 .   ? 13.061  -2.507  -4.873  1.00 29.65 ? 424 HOH A O   1 
HETATM 1319 O O   . HOH C 3 .   ? 8.479   -1.310  18.832  1.00 30.91 ? 425 HOH A O   1 
HETATM 1320 O O   . HOH C 3 .   ? -0.635  -13.276 -11.739 1.00 19.42 ? 426 HOH A O   1 
HETATM 1321 O O   . HOH C 3 .   ? 10.691  6.070   7.882   1.00 24.16 ? 427 HOH A O   1 
HETATM 1322 O O   . HOH C 3 .   ? 3.724   4.755   -9.914  1.00 15.30 ? 428 HOH A O   1 
HETATM 1323 O O   . HOH C 3 .   ? 14.338  -11.828 -6.018  1.00 18.45 ? 429 HOH A O   1 
HETATM 1324 O O   . HOH C 3 .   ? 2.793   -13.447 -4.356  1.00 16.09 ? 430 HOH A O   1 
HETATM 1325 O O   . HOH C 3 .   ? -0.793  21.171  -5.861  1.00 18.80 ? 431 HOH A O   1 
HETATM 1326 O O   . HOH C 3 .   ? -9.961  8.179   13.944  1.00 25.34 ? 432 HOH A O   1 
HETATM 1327 O O   . HOH C 3 .   ? -1.058  9.055   7.317   1.00 17.08 ? 433 HOH A O   1 
HETATM 1328 O O   . HOH C 3 .   ? 13.012  6.282   -13.812 1.00 19.43 ? 434 HOH A O   1 
HETATM 1329 O O   . HOH C 3 .   ? 2.507   15.173  -12.550 1.00 22.36 ? 435 HOH A O   1 
HETATM 1330 O O   . HOH C 3 .   ? 0.674   -2.987  -7.692  1.00 38.36 ? 436 HOH A O   1 
HETATM 1331 O O   . HOH C 3 .   ? -15.716 -0.786  -2.658  1.00 26.74 ? 437 HOH A O   1 
HETATM 1332 O O   . HOH C 3 .   ? 6.486   0.347   -5.860  1.00 9.35  ? 438 HOH A O   1 
HETATM 1333 O O   . HOH C 3 .   ? -6.175  14.901  -6.866  1.00 15.84 ? 439 HOH A O   1 
HETATM 1334 O O   . HOH C 3 .   ? 8.977   -4.517  5.870   1.00 14.75 ? 440 HOH A O   1 
HETATM 1335 O O   . HOH C 3 .   ? -6.492  -8.770  -10.410 1.00 18.48 ? 441 HOH A O   1 
HETATM 1336 O O   . HOH C 3 .   ? 6.247   15.968  6.948   1.00 17.73 ? 442 HOH A O   1 
HETATM 1337 O O   . HOH C 3 .   ? -9.270  8.290   -7.599  1.00 17.83 ? 443 HOH A O   1 
HETATM 1338 O O   . HOH C 3 .   ? 11.094  -6.260  -14.032 1.00 31.73 ? 444 HOH A O   1 
HETATM 1339 O O   . HOH C 3 .   ? -0.998  -9.048  -14.994 1.00 19.51 ? 445 HOH A O   1 
HETATM 1340 O O   . HOH C 3 .   ? 10.684  8.400   6.660   1.00 20.23 ? 446 HOH A O   1 
HETATM 1341 O O   . HOH C 3 .   ? 8.577   14.142  -1.217  1.00 17.90 ? 447 HOH A O   1 
HETATM 1342 O O   . HOH C 3 .   ? 2.997   -9.118  12.919  1.00 22.49 ? 448 HOH A O   1 
HETATM 1343 O O   . HOH C 3 .   ? 1.431   -1.036  -18.674 1.00 29.32 ? 449 HOH A O   1 
HETATM 1344 O O   . HOH C 3 .   ? 6.021   8.217   -12.533 1.00 16.27 ? 450 HOH A O   1 
HETATM 1345 O O   . HOH C 3 .   ? 14.356  8.630   -5.555  1.00 23.14 ? 451 HOH A O   1 
HETATM 1346 O O   . HOH C 3 .   ? 7.185   9.872   -8.868  1.00 18.88 ? 452 HOH A O   1 
HETATM 1347 O O   . HOH C 3 .   ? 8.388   -11.410 -9.786  1.00 15.25 ? 453 HOH A O   1 
HETATM 1348 O O   . HOH C 3 .   ? -7.888  1.438   -18.335 1.00 24.23 ? 454 HOH A O   1 
HETATM 1349 O O   . HOH C 3 .   ? 6.313   -6.343  -16.796 1.00 28.71 ? 455 HOH A O   1 
HETATM 1350 O O   . HOH C 3 .   ? 7.994   -1.629  4.165   1.00 14.95 ? 456 HOH A O   1 
HETATM 1351 O O   . HOH C 3 .   ? -11.860 -4.213  6.928   1.00 18.65 ? 457 HOH A O   1 
HETATM 1352 O O   . HOH C 3 .   ? -8.122  10.916  6.831   1.00 29.27 ? 458 HOH A O   1 
HETATM 1353 O O   . HOH C 3 .   ? -4.008  16.656  6.069   1.00 18.07 ? 459 HOH A O   1 
HETATM 1354 O O   . HOH C 3 .   ? -6.269  -7.283  -12.710 1.00 18.36 ? 460 HOH A O   1 
HETATM 1355 O O   . HOH C 3 .   ? 3.681   -5.305  14.724  1.00 13.49 ? 461 HOH A O   1 
HETATM 1356 O O   . HOH C 3 .   ? 2.089   12.117  -15.977 1.00 21.58 ? 462 HOH A O   1 
HETATM 1357 O O   . HOH C 3 .   ? 7.079   4.503   -11.265 1.00 30.15 ? 463 HOH A O   1 
HETATM 1358 O O   . HOH C 3 .   ? 3.286   -5.418  22.300  1.00 24.90 ? 464 HOH A O   1 
HETATM 1359 O O   . HOH C 3 .   ? 5.276   10.222  -14.248 1.00 18.32 ? 465 HOH A O   1 
HETATM 1360 O O   . HOH C 3 .   ? -5.235  -6.299  20.512  1.00 17.96 ? 466 HOH A O   1 
HETATM 1361 O O   . HOH C 3 .   ? -7.336  -15.666 -4.245  1.00 19.76 ? 467 HOH A O   1 
HETATM 1362 O O   . HOH C 3 .   ? 0.380   16.583  -9.999  1.00 19.09 ? 468 HOH A O   1 
HETATM 1363 O O   . HOH C 3 .   ? -0.105  -10.891 24.256  1.00 18.41 ? 469 HOH A O   1 
HETATM 1364 O O   . HOH C 3 .   ? -3.104  6.969   -11.512 1.00 10.69 ? 470 HOH A O   1 
HETATM 1365 O O   . HOH C 3 .   ? 7.639   8.228   15.705  1.00 30.19 ? 471 HOH A O   1 
HETATM 1366 O O   . HOH C 3 .   ? 6.501   0.316   11.494  1.00 16.14 ? 472 HOH A O   1 
HETATM 1367 O O   . HOH C 3 .   ? 5.634   -12.733 2.975   1.00 16.49 ? 473 HOH A O   1 
HETATM 1368 O O   . HOH C 3 .   ? -5.672  13.465  7.287   1.00 17.16 ? 474 HOH A O   1 
HETATM 1369 O O   . HOH C 3 .   ? 5.682   7.136   -16.723 1.00 21.37 ? 475 HOH A O   1 
HETATM 1370 O O   . HOH C 3 .   ? 3.748   -12.672 -13.222 1.00 21.45 ? 476 HOH A O   1 
HETATM 1371 O O   . HOH C 3 .   ? -1.158  15.800  3.086   1.00 15.05 ? 477 HOH A O   1 
HETATM 1372 O O   . HOH C 3 .   ? -1.905  9.783   -10.603 1.00 30.45 ? 478 HOH A O   1 
HETATM 1373 O O   . HOH C 3 .   ? -6.633  20.074  -7.113  1.00 16.64 ? 479 HOH A O   1 
HETATM 1374 O O   . HOH C 3 .   ? 4.148   8.317   17.115  1.00 22.35 ? 480 HOH A O   1 
HETATM 1375 O O   . HOH C 3 .   ? -7.757  -4.497  18.090  1.00 16.85 ? 481 HOH A O   1 
HETATM 1376 O O   . HOH C 3 .   ? 0.803   1.103   -19.959 1.00 28.53 ? 482 HOH A O   1 
HETATM 1377 O O   . HOH C 3 .   ? 1.696   0.982   -12.826 1.00 12.73 ? 483 HOH A O   1 
HETATM 1378 O O   . HOH C 3 .   ? 1.475   5.449   -18.389 1.00 30.29 ? 484 HOH A O   1 
HETATM 1379 O O   . HOH C 3 .   ? 4.104   -16.162 0.092   1.00 20.90 ? 485 HOH A O   1 
HETATM 1380 O O   . HOH C 3 .   ? 4.775   4.052   -18.781 1.00 23.39 ? 486 HOH A O   1 
HETATM 1381 O O   . HOH C 3 .   ? -3.091  17.243  1.713   1.00 13.87 ? 487 HOH A O   1 
HETATM 1382 O O   . HOH C 3 .   ? -9.985  5.449   14.463  1.00 18.49 ? 488 HOH A O   1 
HETATM 1383 O O   . HOH C 3 .   ? -13.730 2.064   -3.915  1.00 20.17 ? 489 HOH A O   1 
HETATM 1384 O O   . HOH C 3 .   ? -4.987  -7.623  13.125  1.00 14.33 ? 490 HOH A O   1 
HETATM 1385 O O   . HOH C 3 .   ? 9.530   3.522   10.703  1.00 18.36 ? 491 HOH A O   1 
HETATM 1386 O O   . HOH C 3 .   ? 6.598   -9.595  10.905  1.00 33.36 ? 492 HOH A O   1 
HETATM 1387 O O   . HOH C 3 .   ? -12.379 5.183   1.298   1.00 32.18 ? 493 HOH A O   1 
HETATM 1388 O O   . HOH C 3 .   ? -5.342  9.826   12.896  1.00 41.07 ? 494 HOH A O   1 
HETATM 1389 O O   . HOH C 3 .   ? 9.038   -1.910  -4.155  1.00 27.02 ? 495 HOH A O   1 
HETATM 1390 O O   . HOH C 3 .   ? 5.353   14.739  -1.577  1.00 26.17 ? 496 HOH A O   1 
HETATM 1391 O O   . HOH C 3 .   ? 9.192   0.886   14.071  1.00 27.16 ? 497 HOH A O   1 
HETATM 1392 O O   . HOH C 3 .   ? -5.473  -13.025 -11.595 1.00 21.95 ? 498 HOH A O   1 
HETATM 1393 O O   . HOH C 3 .   ? -13.274 -9.062  6.135   1.00 17.56 ? 499 HOH A O   1 
HETATM 1394 O O   . HOH C 3 .   ? -5.321  11.218  -2.140  1.00 15.46 ? 500 HOH A O   1 
HETATM 1395 O O   . HOH C 3 .   ? -11.698 10.062  -0.494  1.00 20.72 ? 501 HOH A O   1 
HETATM 1396 O O   . HOH C 3 .   ? 7.801   -10.331 5.121   1.00 25.23 ? 502 HOH A O   1 
HETATM 1397 O O   . HOH C 3 .   ? 1.361   -3.334  21.288  1.00 28.41 ? 503 HOH A O   1 
HETATM 1398 O O   . HOH C 3 .   ? 1.578   -12.104 1.334   1.00 17.08 ? 504 HOH A O   1 
HETATM 1399 O O   . HOH C 3 .   ? 2.623   14.952  10.127  1.00 17.01 ? 505 HOH A O   1 
HETATM 1400 O O   . HOH C 3 .   ? 3.171   -12.285 9.764   1.00 20.86 ? 506 HOH A O   1 
HETATM 1401 O O   . HOH C 3 .   ? -12.309 -15.723 -2.407  1.00 35.63 ? 507 HOH A O   1 
HETATM 1402 O O   . HOH C 3 .   ? -9.763  9.847   -9.963  1.00 22.38 ? 508 HOH A O   1 
HETATM 1403 O O   . HOH C 3 .   ? -10.230 9.980   -12.985 1.00 34.79 ? 509 HOH A O   1 
HETATM 1404 O O   . HOH C 3 .   ? -2.703  8.164   -18.258 1.00 21.58 ? 510 HOH A O   1 
HETATM 1405 O O   . HOH C 3 .   ? 0.219   11.013  15.291  1.00 26.61 ? 511 HOH A O   1 
HETATM 1406 O O   . HOH C 3 .   ? 12.810  2.007   -15.010 1.00 22.90 ? 512 HOH A O   1 
HETATM 1407 O O   . HOH C 3 .   ? 9.570   -11.322 3.116   1.00 25.40 ? 513 HOH A O   1 
HETATM 1408 O O   . HOH C 3 .   ? 13.523  7.690   4.965   1.00 18.63 ? 514 HOH A O   1 
HETATM 1409 O O   . HOH C 3 .   ? 9.842   -0.711  -15.547 1.00 38.94 ? 515 HOH A O   1 
HETATM 1410 O O   . HOH C 3 .   ? -4.855  5.119   -12.591 1.00 13.20 ? 516 HOH A O   1 
HETATM 1411 O O   . HOH C 3 .   ? -5.935  -15.086 0.146   1.00 15.79 ? 517 HOH A O   1 
HETATM 1412 O O   . HOH C 3 .   ? 0.879   16.098  6.857   1.00 22.02 ? 518 HOH A O   1 
HETATM 1413 O O   . HOH C 3 .   ? -11.829 -10.521 -4.463  1.00 16.41 ? 519 HOH A O   1 
HETATM 1414 O O   . HOH C 3 .   ? -2.653  -3.207  18.618  1.00 29.35 ? 520 HOH A O   1 
HETATM 1415 O O   . HOH C 3 .   ? 8.656   -15.142 1.146   1.00 31.04 ? 521 HOH A O   1 
HETATM 1416 O O   . HOH C 3 .   ? 11.571  5.295   -17.716 1.00 29.75 ? 522 HOH A O   1 
HETATM 1417 O O   . HOH C 3 .   ? 9.694   13.374  12.984  1.00 19.24 ? 523 HOH A O   1 
HETATM 1418 O O   . HOH C 3 .   ? -9.151  -14.275 7.431   1.00 36.52 ? 524 HOH A O   1 
HETATM 1419 O O   . HOH C 3 .   ? 7.434   -5.995  19.745  1.00 43.15 ? 525 HOH A O   1 
HETATM 1420 O O   . HOH C 3 .   ? -0.462  -13.749 2.377   1.00 17.50 ? 526 HOH A O   1 
HETATM 1421 O O   . HOH C 3 .   ? 6.343   14.234  14.903  1.00 22.91 ? 527 HOH A O   1 
HETATM 1422 O O   . HOH C 3 .   ? 13.361  -3.651  -13.110 1.00 24.01 ? 528 HOH A O   1 
HETATM 1423 O O   . HOH C 3 .   ? 13.867  4.338   4.422   1.00 35.25 ? 529 HOH A O   1 
HETATM 1424 O O   . HOH C 3 .   ? -15.703 9.131   -1.610  1.00 33.75 ? 530 HOH A O   1 
HETATM 1425 O O   . HOH C 3 .   ? 9.218   9.614   -6.760  1.00 23.12 ? 531 HOH A O   1 
HETATM 1426 O O   . HOH C 3 .   ? -5.013  12.725  9.987   1.00 24.79 ? 532 HOH A O   1 
HETATM 1427 O O   . HOH C 3 .   ? -14.129 2.715   -1.416  1.00 22.36 ? 533 HOH A O   1 
HETATM 1428 O O   . HOH C 3 .   ? -15.668 -4.876  -6.046  1.00 23.42 ? 534 HOH A O   1 
HETATM 1429 O O   . HOH C 3 .   ? -3.617  -15.231 1.559   1.00 23.36 ? 535 HOH A O   1 
HETATM 1430 O O   . HOH C 3 .   ? -4.402  -3.037  19.947  1.00 47.21 ? 536 HOH A O   1 
HETATM 1431 O O   . HOH C 3 .   ? -13.390 6.978   12.601  1.00 38.18 ? 537 HOH A O   1 
HETATM 1432 O O   . HOH C 3 .   ? -13.758 2.441   5.859   1.00 22.84 ? 538 HOH A O   1 
HETATM 1433 O O   . HOH C 3 .   ? 7.862   -12.358 1.254   1.00 16.19 ? 539 HOH A O   1 
HETATM 1434 O O   . HOH C 3 .   ? 10.208  -10.834 -16.241 1.00 28.24 ? 540 HOH A O   1 
HETATM 1435 O O   . HOH C 3 .   ? 12.256  4.229   6.070   1.00 29.19 ? 541 HOH A O   1 
HETATM 1436 O O   . HOH C 3 .   ? -10.801 -13.743 6.006   1.00 35.06 ? 542 HOH A O   1 
HETATM 1437 O O   . HOH C 3 .   ? 1.002   -3.279  -19.790 1.00 40.14 ? 543 HOH A O   1 
HETATM 1438 O O   . HOH C 3 .   ? 11.496  -0.794  7.676   1.00 26.97 ? 544 HOH A O   1 
HETATM 1439 O O   . HOH C 3 .   ? -14.373 -5.450  3.104   1.00 26.86 ? 545 HOH A O   1 
HETATM 1440 O O   . HOH C 3 .   ? 4.294   8.480   3.801   1.00 15.65 ? 546 HOH A O   1 
HETATM 1441 O O   . HOH C 3 .   ? -0.458  -2.589  20.804  1.00 29.50 ? 547 HOH A O   1 
HETATM 1442 O O   . HOH C 3 .   ? -13.173 -6.095  9.220   1.00 42.08 ? 548 HOH A O   1 
HETATM 1443 O O   . HOH C 3 .   ? -15.395 5.405   -0.878  1.00 29.27 ? 549 HOH A O   1 
HETATM 1444 O O   . HOH C 3 .   ? -8.556  -13.218 -8.600  1.00 25.12 ? 550 HOH A O   1 
HETATM 1445 O O   . HOH C 3 .   ? 1.225   -10.246 14.933  1.00 34.13 ? 551 HOH A O   1 
HETATM 1446 O O   . HOH C 3 .   ? -16.398 -3.851  -9.615  1.00 44.36 ? 552 HOH A O   1 
HETATM 1447 O O   . HOH C 3 .   ? 3.800   -13.708 1.209   1.00 16.28 ? 553 HOH A O   1 
HETATM 1448 O O   . HOH C 3 .   ? -1.337  -10.065 15.586  1.00 27.66 ? 554 HOH A O   1 
HETATM 1449 O O   . HOH C 3 .   ? -2.245  13.680  -13.891 1.00 27.74 ? 555 HOH A O   1 
HETATM 1450 O O   . HOH C 3 .   ? -7.789  -15.374 2.329   1.00 35.39 ? 556 HOH A O   1 
HETATM 1451 O O   . HOH C 3 .   ? -13.690 1.664   -10.285 1.00 30.36 ? 557 HOH A O   1 
HETATM 1452 O O   . HOH C 3 .   ? -8.323  -1.809  -18.847 1.00 31.81 ? 558 HOH A O   1 
HETATM 1453 O O   . HOH C 3 .   ? 3.032   7.723   2.629   1.00 3.63  ? 559 HOH A O   1 
HETATM 1454 O O   . HOH C 3 .   ? -3.562  -7.936  -15.755 1.00 30.55 ? 560 HOH A O   1 
HETATM 1455 O O   . HOH C 3 .   ? 11.937  -2.501  -15.609 1.00 28.10 ? 561 HOH A O   1 
HETATM 1456 O O   . HOH C 3 .   ? 7.834   10.152  -11.472 1.00 30.18 ? 562 HOH A O   1 
HETATM 1457 O O   . HOH C 3 .   ? 6.518   12.486  -2.547  1.00 17.74 ? 563 HOH A O   1 
HETATM 1458 O O   . HOH C 3 .   ? 5.938   -6.576  15.307  1.00 22.94 ? 564 HOH A O   1 
HETATM 1459 O O   . HOH C 3 .   ? 10.497  -1.948  5.582   1.00 17.31 ? 565 HOH A O   1 
HETATM 1460 O O   . HOH C 3 .   ? -7.560  -7.561  14.161  1.00 17.60 ? 566 HOH A O   1 
HETATM 1461 O O   . HOH C 3 .   ? 9.445   0.303   17.043  1.00 40.50 ? 567 HOH A O   1 
HETATM 1462 O O   . HOH C 3 .   ? -9.993  -15.621 -2.740  1.00 28.62 ? 568 HOH A O   1 
HETATM 1463 O O   . HOH C 3 .   ? 11.749  -13.305 -3.161  1.00 18.88 ? 569 HOH A O   1 
HETATM 1464 O O   . HOH C 3 .   ? 6.737   -7.182  18.002  1.00 31.26 ? 570 HOH A O   1 
HETATM 1465 O O   . HOH C 3 .   ? -13.510 7.596   7.703   1.00 32.48 ? 571 HOH A O   1 
HETATM 1466 O O   . HOH C 3 .   ? -16.517 0.812   -9.143  1.00 29.00 ? 572 HOH A O   1 
HETATM 1467 O O   . HOH C 3 .   ? 8.692   1.733   -19.973 1.00 31.21 ? 573 HOH A O   1 
HETATM 1468 O O   . HOH C 3 .   ? 13.414  1.890   -6.918  1.00 19.19 ? 574 HOH A O   1 
HETATM 1469 O O   . HOH C 3 .   ? 9.133   0.496   -5.236  1.00 16.61 ? 575 HOH A O   1 
HETATM 1470 O O   . HOH C 3 .   ? -0.193  19.786  -8.109  1.00 20.50 ? 576 HOH A O   1 
HETATM 1471 O O   . HOH C 3 .   ? -2.641  19.186  -9.715  1.00 27.98 ? 577 HOH A O   1 
HETATM 1472 O O   . HOH C 3 .   ? -11.116 -14.993 -4.174  1.00 26.31 ? 578 HOH A O   1 
HETATM 1473 O O   . HOH C 3 .   ? -5.889  -9.959  -14.055 1.00 42.15 ? 579 HOH A O   1 
HETATM 1474 O O   . HOH C 3 .   ? 12.787  1.785   7.455   1.00 39.05 ? 580 HOH A O   1 
HETATM 1475 O O   . HOH C 3 .   ? 1.168   -12.878 -13.729 1.00 34.20 ? 581 HOH A O   1 
HETATM 1476 O O   . HOH C 3 .   ? 9.044   -0.664  11.667  1.00 45.84 ? 582 HOH A O   1 
HETATM 1477 O O   . HOH C 3 .   ? 14.365  3.660   -14.291 1.00 34.36 ? 583 HOH A O   1 
HETATM 1478 O O   . HOH C 3 .   ? 14.361  1.907   -9.075  1.00 34.44 ? 584 HOH A O   1 
HETATM 1479 O O   . HOH C 3 .   ? -8.297  -7.653  -14.534 1.00 31.25 ? 585 HOH A O   1 
HETATM 1480 O O   . HOH C 3 .   ? 14.705  -13.092 -3.840  1.00 24.42 ? 586 HOH A O   1 
HETATM 1481 O O   . HOH C 3 .   ? 9.649   0.272   -17.958 1.00 39.62 ? 587 HOH A O   1 
HETATM 1482 O O   . HOH C 3 .   ? -8.760  -10.280 -10.530 1.00 21.52 ? 588 HOH A O   1 
HETATM 1483 O O   . HOH C 3 .   ? 3.522   14.184  -16.598 1.00 34.71 ? 589 HOH A O   1 
HETATM 1484 O O   . HOH C 3 .   ? 11.981  4.625   -20.598 1.00 28.67 ? 590 HOH A O   1 
HETATM 1485 O O   . HOH C 3 .   ? 3.730   16.591  8.010   1.00 22.75 ? 591 HOH A O   1 
HETATM 1486 O O   . HOH C 3 .   ? 3.753   7.141   -18.356 1.00 32.23 ? 592 HOH A O   1 
HETATM 1487 O O   . HOH C 3 .   ? 10.554  0.495   9.848   1.00 46.51 ? 593 HOH A O   1 
HETATM 1488 O O   . HOH C 3 .   ? 4.327   -10.629 11.413  1.00 34.57 ? 594 HOH A O   1 
HETATM 1489 O O   . HOH C 3 .   ? -5.444  -2.232  -20.030 1.00 32.01 ? 595 HOH A O   1 
HETATM 1490 O O   . HOH C 3 .   ? 13.414  8.257   -15.694 1.00 30.20 ? 596 HOH A O   1 
HETATM 1491 O O   . HOH C 3 .   ? -8.597  15.846  -7.664  1.00 21.05 ? 597 HOH A O   1 
HETATM 1492 O O   . HOH C 3 .   ? 5.944   9.817   -16.610 1.00 25.45 ? 598 HOH A O   1 
HETATM 1493 O O   . HOH C 3 .   ? -3.637  -9.926  13.764  1.00 18.46 ? 599 HOH A O   1 
HETATM 1494 O O   . HOH C 3 .   ? 15.080  3.129   -5.849  1.00 38.82 ? 600 HOH A O   1 
HETATM 1495 O O   . HOH C 3 .   ? 1.299   17.047  3.463   1.00 17.73 ? 601 HOH A O   1 
HETATM 1496 O O   . HOH C 3 .   ? -10.463 14.875  -9.317  1.00 32.53 ? 602 HOH A O   1 
HETATM 1497 O O   . HOH C 3 .   ? -10.597 12.782  -10.425 1.00 38.76 ? 603 HOH A O   1 
HETATM 1498 O O   . HOH C 3 .   ? 18.803  -10.945 0.035   1.00 28.53 ? 604 HOH A O   1 
HETATM 1499 O O   . HOH C 3 .   ? 8.185   12.452  -12.629 1.00 35.32 ? 605 HOH A O   1 
HETATM 1500 O O   . HOH C 3 .   ? 7.803   -7.816  13.284  1.00 40.22 ? 606 HOH A O   1 
HETATM 1501 O O   . HOH C 3 .   ? 8.882   -5.111  11.604  1.00 38.65 ? 607 HOH A O   1 
HETATM 1502 O O   . HOH C 3 .   ? 10.119  -3.288  11.847  1.00 38.26 ? 608 HOH A O   1 
# 
